data_5TCC
#
_entry.id   5TCC
#
_cell.length_a   98.886
_cell.length_b   143.745
_cell.length_c   346.166
_cell.angle_alpha   90.000
_cell.angle_beta   90.000
_cell.angle_gamma   90.000
#
_symmetry.space_group_name_H-M   'C 2 2 21'
#
loop_
_entity.id
_entity.type
_entity.pdbx_description
1 polymer 'Complement factor D'
2 non-polymer (2S)-N-(6-bromopyridin-2-yl)-3-[(1H-indazol-1-yl)acetyl]-1,3-thiazolidine-2-carboxamide
#
_entity_poly.entity_id   1
_entity_poly.type   'polypeptide(L)'
_entity_poly.pdbx_seq_one_letter_code
;ILGGREAEAHARPYMASVQLNGAHLCGGVLVAEQWVLSAAHCLEDAADGKVQVLLGAHSLSQPEPSKRLYDVLRAVPHPD
SQPDTIDHDLLLLQLSEKATLGPAVRPLPWQRVDRDVAPGTLCDVAGWGIVNHAGRRPDSLQHVLLPVLDRATCNRRTHH
DGAITERLMCAESNRRDSCKGDSGGPLVCGGVLEGVVTSGSRVCGNRKKPGIYTRVASYAAWIDSVLA
;
_entity_poly.pdbx_strand_id   A,B,C,D,E,F,G
#
# COMPACT_ATOMS: atom_id res chain seq x y z
N ILE A 1 30.91 -18.43 16.78
CA ILE A 1 29.69 -19.24 16.76
C ILE A 1 28.52 -18.38 17.26
N LEU A 2 27.51 -18.14 16.40
CA LEU A 2 26.33 -17.36 16.79
C LEU A 2 25.27 -18.29 17.37
N GLY A 3 24.69 -17.90 18.50
CA GLY A 3 23.64 -18.66 19.17
C GLY A 3 23.99 -20.04 19.71
N GLY A 4 25.25 -20.25 20.05
CA GLY A 4 25.71 -21.51 20.60
C GLY A 4 26.07 -21.45 22.06
N ARG A 5 26.43 -22.61 22.63
CA ARG A 5 26.86 -22.76 24.01
C ARG A 5 28.38 -22.76 24.09
N GLU A 6 28.94 -22.66 25.31
CA GLU A 6 30.38 -22.80 25.49
C GLU A 6 30.67 -24.29 25.48
N ALA A 7 31.75 -24.71 24.81
CA ALA A 7 32.12 -26.12 24.73
C ALA A 7 32.60 -26.66 26.07
N GLU A 8 32.48 -27.98 26.26
CA GLU A 8 33.00 -28.67 27.44
C GLU A 8 34.52 -28.71 27.28
N ALA A 9 35.25 -28.21 28.30
CA ALA A 9 36.72 -28.12 28.26
C ALA A 9 37.38 -29.44 27.83
N HIS A 10 38.14 -29.36 26.72
CA HIS A 10 38.92 -30.42 26.09
C HIS A 10 38.10 -31.67 25.71
N ALA A 11 36.79 -31.49 25.46
CA ALA A 11 35.91 -32.58 25.00
C ALA A 11 36.13 -32.89 23.51
N ARG A 12 36.73 -31.93 22.77
CA ARG A 12 37.03 -32.02 21.34
C ARG A 12 38.53 -31.89 21.14
N PRO A 13 39.34 -32.95 21.44
CA PRO A 13 40.82 -32.83 21.34
C PRO A 13 41.38 -32.47 19.96
N TYR A 14 40.63 -32.80 18.90
CA TYR A 14 41.00 -32.54 17.50
C TYR A 14 41.06 -31.04 17.15
N MET A 15 40.34 -30.22 17.92
CA MET A 15 40.21 -28.79 17.74
C MET A 15 41.56 -28.09 17.79
N ALA A 16 41.79 -27.17 16.84
CA ALA A 16 43.01 -26.37 16.70
C ALA A 16 42.69 -24.92 16.42
N SER A 17 43.59 -24.02 16.82
CA SER A 17 43.46 -22.60 16.57
C SER A 17 44.63 -22.13 15.70
N VAL A 18 44.33 -21.76 14.44
CA VAL A 18 45.34 -21.24 13.52
C VAL A 18 45.46 -19.74 13.88
N GLN A 19 46.65 -19.37 14.37
CA GLN A 19 46.93 -18.02 14.85
C GLN A 19 48.03 -17.30 14.12
N LEU A 20 47.91 -15.97 14.06
CA LEU A 20 48.94 -15.12 13.49
C LEU A 20 49.22 -13.97 14.48
N ASN A 21 50.48 -13.92 14.97
CA ASN A 21 50.99 -12.95 15.95
C ASN A 21 50.15 -13.02 17.24
N GLY A 22 49.95 -14.24 17.71
CA GLY A 22 49.22 -14.54 18.94
C GLY A 22 47.73 -14.25 18.90
N ALA A 23 47.19 -13.88 17.72
CA ALA A 23 45.76 -13.61 17.54
C ALA A 23 45.16 -14.72 16.70
N HIS A 24 44.01 -15.25 17.14
CA HIS A 24 43.31 -16.31 16.45
C HIS A 24 42.74 -15.79 15.16
N LEU A 25 42.93 -16.56 14.09
CA LEU A 25 42.45 -16.22 12.76
C LEU A 25 41.37 -17.18 12.33
N CYS A 26 41.73 -18.47 12.40
CA CYS A 26 40.91 -19.58 11.96
C CYS A 26 40.93 -20.73 12.89
N GLY A 27 39.91 -21.57 12.76
CA GLY A 27 39.80 -22.83 13.45
C GLY A 27 40.53 -23.85 12.60
N GLY A 28 40.83 -25.01 13.17
CA GLY A 28 41.54 -26.06 12.46
C GLY A 28 41.27 -27.40 13.09
N VAL A 29 41.49 -28.48 12.36
CA VAL A 29 41.24 -29.81 12.92
C VAL A 29 42.47 -30.68 12.71
N LEU A 30 42.97 -31.28 13.80
CA LEU A 30 44.09 -32.21 13.80
C LEU A 30 43.60 -33.48 13.11
N VAL A 31 44.16 -33.75 11.92
CA VAL A 31 43.74 -34.89 11.10
C VAL A 31 44.75 -36.03 11.22
N ALA A 32 46.00 -35.70 11.57
CA ALA A 32 47.13 -36.61 11.78
C ALA A 32 48.00 -36.10 12.93
N GLU A 33 49.04 -36.87 13.36
CA GLU A 33 49.95 -36.47 14.43
C GLU A 33 50.68 -35.16 14.12
N GLN A 34 50.99 -34.90 12.84
CA GLN A 34 51.74 -33.70 12.43
C GLN A 34 50.98 -32.89 11.39
N TRP A 35 49.67 -33.15 11.23
CA TRP A 35 48.90 -32.39 10.25
C TRP A 35 47.61 -31.82 10.82
N VAL A 36 47.32 -30.56 10.45
CA VAL A 36 46.11 -29.82 10.82
C VAL A 36 45.43 -29.34 9.51
N LEU A 37 44.18 -29.74 9.32
CA LEU A 37 43.39 -29.34 8.17
C LEU A 37 42.60 -28.05 8.52
N SER A 38 42.68 -27.04 7.64
CA SER A 38 42.05 -25.73 7.78
C SER A 38 41.51 -25.22 6.42
N ALA A 39 41.15 -23.93 6.32
CA ALA A 39 40.66 -23.29 5.11
C ALA A 39 41.78 -22.54 4.36
N ALA A 40 41.71 -22.53 3.02
CA ALA A 40 42.69 -21.95 2.10
C ALA A 40 42.87 -20.41 2.16
N HIS A 41 41.90 -19.64 2.70
CA HIS A 41 42.01 -18.17 2.76
C HIS A 41 42.27 -17.68 4.19
N CYS A 42 42.80 -18.53 5.05
CA CYS A 42 43.03 -18.14 6.44
C CYS A 42 44.26 -17.28 6.60
N LEU A 43 45.26 -17.51 5.72
CA LEU A 43 46.55 -16.80 5.78
C LEU A 43 46.68 -15.77 4.63
N GLU A 44 45.52 -15.22 4.15
CA GLU A 44 45.42 -14.30 3.00
C GLU A 44 45.79 -12.86 3.34
N ASP A 45 44.98 -12.19 4.18
CA ASP A 45 45.20 -10.79 4.59
C ASP A 45 46.35 -10.71 5.61
N ALA A 46 47.07 -11.84 5.80
CA ALA A 46 48.20 -11.97 6.72
C ALA A 46 49.36 -11.05 6.34
N ALA A 47 49.85 -10.31 7.34
CA ALA A 47 51.00 -9.42 7.21
C ALA A 47 52.25 -10.20 7.62
N ASP A 48 53.43 -9.52 7.67
CA ASP A 48 54.69 -10.11 8.14
C ASP A 48 54.44 -10.58 9.57
N GLY A 49 54.45 -11.90 9.79
CA GLY A 49 54.13 -12.40 11.12
C GLY A 49 54.25 -13.88 11.36
N LYS A 50 54.23 -14.23 12.65
CA LYS A 50 54.38 -15.59 13.13
C LYS A 50 53.06 -16.37 13.02
N VAL A 51 53.01 -17.35 12.09
CA VAL A 51 51.86 -18.25 11.93
C VAL A 51 52.13 -19.49 12.76
N GLN A 52 51.21 -19.78 13.70
CA GLN A 52 51.30 -20.91 14.63
C GLN A 52 49.96 -21.62 14.84
N VAL A 53 50.01 -22.91 15.14
CA VAL A 53 48.82 -23.70 15.43
C VAL A 53 48.82 -23.99 16.95
N LEU A 54 47.71 -23.66 17.65
CA LEU A 54 47.59 -23.93 19.07
C LEU A 54 46.75 -25.19 19.29
N LEU A 55 47.35 -26.19 19.93
CA LEU A 55 46.62 -27.43 20.25
C LEU A 55 46.43 -27.52 21.76
N GLY A 56 45.49 -28.35 22.21
CA GLY A 56 45.21 -28.57 23.62
C GLY A 56 44.55 -27.43 24.36
N ALA A 57 43.91 -26.50 23.65
CA ALA A 57 43.30 -25.35 24.30
C ALA A 57 41.79 -25.44 24.48
N HIS A 58 41.30 -24.65 25.44
CA HIS A 58 39.90 -24.38 25.69
C HIS A 58 39.79 -22.87 25.69
N SER A 59 40.62 -22.22 26.52
CA SER A 59 40.79 -20.77 26.60
C SER A 59 42.03 -20.37 25.81
N LEU A 60 41.91 -19.34 25.01
CA LEU A 60 43.01 -18.87 24.19
C LEU A 60 44.07 -18.16 25.04
N SER A 61 43.66 -17.40 26.08
CA SER A 61 44.52 -16.59 26.95
C SER A 61 45.04 -17.33 28.18
N GLN A 62 44.13 -17.95 28.97
CA GLN A 62 44.48 -18.66 30.20
C GLN A 62 45.43 -19.84 29.99
N PRO A 63 46.36 -20.10 30.93
CA PRO A 63 47.22 -21.28 30.77
C PRO A 63 46.50 -22.60 31.10
N GLU A 64 46.82 -23.64 30.33
CA GLU A 64 46.27 -24.99 30.47
C GLU A 64 47.41 -26.00 30.27
N PRO A 65 47.45 -27.13 31.03
CA PRO A 65 48.56 -28.10 30.87
C PRO A 65 48.65 -28.65 29.46
N SER A 66 47.49 -28.95 28.87
CA SER A 66 47.26 -29.51 27.53
C SER A 66 47.71 -28.59 26.39
N LYS A 67 47.65 -27.24 26.58
CA LYS A 67 48.00 -26.22 25.59
C LYS A 67 49.45 -26.33 25.11
N ARG A 68 49.65 -26.33 23.79
CA ARG A 68 50.96 -26.34 23.15
C ARG A 68 50.91 -25.64 21.78
N LEU A 69 51.85 -24.71 21.55
CA LEU A 69 51.95 -23.96 20.30
C LEU A 69 52.91 -24.62 19.40
N TYR A 70 52.53 -24.74 18.15
CA TYR A 70 53.39 -25.38 17.18
C TYR A 70 53.66 -24.44 16.02
N ASP A 71 54.88 -24.53 15.44
CA ASP A 71 55.24 -23.74 14.26
C ASP A 71 54.76 -24.44 13.00
N VAL A 72 54.38 -23.67 11.97
CA VAL A 72 53.93 -24.29 10.72
C VAL A 72 55.16 -24.53 9.86
N LEU A 73 55.52 -25.80 9.66
CA LEU A 73 56.70 -26.23 8.89
C LEU A 73 56.42 -26.20 7.38
N ARG A 74 55.16 -26.50 7.01
CA ARG A 74 54.73 -26.60 5.62
C ARG A 74 53.24 -26.24 5.51
N ALA A 75 52.86 -25.33 4.59
CA ALA A 75 51.46 -24.96 4.40
C ALA A 75 51.05 -25.27 2.96
N VAL A 76 50.36 -26.41 2.79
CA VAL A 76 49.94 -27.01 1.52
C VAL A 76 48.49 -26.62 1.17
N PRO A 77 48.27 -25.58 0.33
CA PRO A 77 46.89 -25.26 -0.08
C PRO A 77 46.44 -26.19 -1.19
N HIS A 78 45.11 -26.32 -1.39
CA HIS A 78 44.62 -27.16 -2.49
C HIS A 78 45.03 -26.51 -3.80
N PRO A 79 45.58 -27.29 -4.76
CA PRO A 79 46.05 -26.71 -6.03
C PRO A 79 45.03 -25.85 -6.75
N ASP A 80 43.75 -26.27 -6.75
CA ASP A 80 42.67 -25.61 -7.46
C ASP A 80 41.96 -24.53 -6.61
N SER A 81 42.54 -24.15 -5.47
CA SER A 81 41.97 -23.08 -4.66
C SER A 81 42.35 -21.72 -5.23
N GLN A 82 41.44 -20.75 -5.13
CA GLN A 82 41.63 -19.38 -5.61
C GLN A 82 41.09 -18.40 -4.59
N PRO A 83 41.59 -17.15 -4.49
CA PRO A 83 41.05 -16.22 -3.48
C PRO A 83 39.59 -15.84 -3.76
N ASP A 84 39.25 -15.72 -5.05
CA ASP A 84 37.95 -15.32 -5.59
C ASP A 84 36.83 -16.32 -5.30
N THR A 85 37.13 -17.62 -5.12
CA THR A 85 36.07 -18.63 -4.92
C THR A 85 36.18 -19.42 -3.65
N ILE A 86 35.04 -19.91 -3.15
CA ILE A 86 34.95 -20.76 -1.96
C ILE A 86 35.19 -22.24 -2.29
N ASP A 87 35.47 -22.53 -3.56
CA ASP A 87 35.71 -23.88 -4.04
C ASP A 87 37.11 -24.33 -3.67
N HIS A 88 37.23 -25.62 -3.25
CA HIS A 88 38.47 -26.30 -2.85
C HIS A 88 39.18 -25.51 -1.75
N ASP A 89 38.38 -24.96 -0.83
CA ASP A 89 38.83 -24.11 0.29
C ASP A 89 39.46 -24.94 1.40
N LEU A 90 40.51 -25.72 1.05
CA LEU A 90 41.24 -26.54 1.99
C LEU A 90 42.72 -26.16 2.02
N LEU A 91 43.32 -26.33 3.18
CA LEU A 91 44.73 -26.03 3.44
C LEU A 91 45.21 -26.99 4.52
N LEU A 92 46.28 -27.73 4.20
CA LEU A 92 46.88 -28.66 5.14
C LEU A 92 48.15 -28.06 5.68
N LEU A 93 48.23 -27.96 7.03
CA LEU A 93 49.40 -27.39 7.72
C LEU A 93 50.17 -28.48 8.45
N GLN A 94 51.46 -28.66 8.10
CA GLN A 94 52.30 -29.62 8.80
C GLN A 94 52.98 -28.91 9.92
N LEU A 95 52.87 -29.44 11.14
CA LEU A 95 53.47 -28.87 12.33
C LEU A 95 55.00 -29.08 12.33
N SER A 96 55.75 -28.20 13.04
CA SER A 96 57.21 -28.24 13.17
C SER A 96 57.70 -29.63 13.61
N GLU A 97 56.98 -30.23 14.57
CA GLU A 97 57.22 -31.56 15.11
C GLU A 97 55.87 -32.25 15.35
N LYS A 98 55.86 -33.59 15.64
CA LYS A 98 54.62 -34.32 15.89
C LYS A 98 53.98 -33.81 17.16
N ALA A 99 52.64 -33.71 17.16
CA ALA A 99 51.87 -33.24 18.30
C ALA A 99 51.94 -34.22 19.46
N THR A 100 52.07 -33.69 20.70
CA THR A 100 52.15 -34.51 21.91
C THR A 100 50.73 -34.93 22.23
N LEU A 101 50.41 -36.21 21.93
CA LEU A 101 49.06 -36.75 22.09
C LEU A 101 48.73 -37.06 23.52
N GLY A 102 47.49 -36.75 23.88
CA GLY A 102 46.96 -36.98 25.21
C GLY A 102 45.44 -36.93 25.23
N PRO A 103 44.82 -36.90 26.43
CA PRO A 103 43.36 -36.83 26.49
C PRO A 103 42.79 -35.52 25.90
N ALA A 104 43.66 -34.49 25.73
CA ALA A 104 43.28 -33.18 25.21
C ALA A 104 43.77 -32.93 23.80
N VAL A 105 44.65 -33.80 23.28
CA VAL A 105 45.16 -33.69 21.91
C VAL A 105 45.06 -35.08 21.27
N ARG A 106 44.09 -35.21 20.35
CA ARG A 106 43.83 -36.46 19.64
C ARG A 106 43.31 -36.16 18.23
N PRO A 107 43.93 -36.71 17.16
CA PRO A 107 43.44 -36.42 15.81
C PRO A 107 42.07 -37.04 15.59
N LEU A 108 41.26 -36.39 14.76
CA LEU A 108 39.89 -36.81 14.46
C LEU A 108 39.84 -37.66 13.19
N PRO A 109 39.18 -38.85 13.22
CA PRO A 109 39.04 -39.61 11.99
C PRO A 109 38.10 -38.87 11.02
N TRP A 110 38.60 -38.61 9.82
CA TRP A 110 37.86 -37.89 8.78
C TRP A 110 37.29 -38.85 7.75
N GLN A 111 36.05 -38.58 7.31
CA GLN A 111 35.29 -39.38 6.33
C GLN A 111 36.05 -39.58 5.01
N ARG A 112 36.27 -40.85 4.62
CA ARG A 112 36.98 -41.22 3.40
C ARG A 112 36.01 -41.66 2.28
N VAL A 113 34.80 -42.11 2.64
CA VAL A 113 33.75 -42.57 1.74
C VAL A 113 32.95 -41.36 1.25
N ASP A 114 32.98 -41.09 -0.07
CA ASP A 114 32.27 -39.95 -0.65
C ASP A 114 30.74 -40.17 -0.72
N ARG A 115 30.05 -39.97 0.40
CA ARG A 115 28.60 -40.04 0.52
C ARG A 115 28.08 -38.79 1.19
N ASP A 116 27.06 -38.14 0.59
CA ASP A 116 26.49 -36.91 1.13
C ASP A 116 25.91 -37.16 2.51
N VAL A 117 26.11 -36.20 3.45
CA VAL A 117 25.54 -36.30 4.79
C VAL A 117 24.06 -36.09 4.63
N ALA A 118 23.26 -37.05 5.11
CA ALA A 118 21.81 -37.07 5.00
C ALA A 118 21.21 -35.76 5.51
N PRO A 119 20.49 -34.98 4.66
CA PRO A 119 19.88 -33.73 5.14
C PRO A 119 19.00 -33.99 6.36
N GLY A 120 19.20 -33.20 7.40
CA GLY A 120 18.48 -33.34 8.64
C GLY A 120 19.37 -33.83 9.75
N THR A 121 20.53 -34.43 9.38
CA THR A 121 21.51 -34.96 10.34
C THR A 121 22.01 -33.81 11.19
N LEU A 122 22.03 -34.00 12.52
CA LEU A 122 22.50 -32.96 13.42
C LEU A 122 24.02 -33.05 13.52
N CYS A 123 24.70 -31.95 13.17
CA CYS A 123 26.16 -31.86 13.15
C CYS A 123 26.65 -30.81 14.10
N ASP A 124 27.84 -31.04 14.65
CA ASP A 124 28.47 -30.19 15.63
C ASP A 124 29.62 -29.38 15.03
N VAL A 125 29.47 -28.05 14.99
CA VAL A 125 30.51 -27.13 14.51
C VAL A 125 30.99 -26.30 15.71
N ALA A 126 32.32 -26.32 15.97
CA ALA A 126 32.95 -25.63 17.11
C ALA A 126 34.05 -24.68 16.65
N GLY A 127 34.27 -23.63 17.44
CA GLY A 127 35.29 -22.63 17.14
C GLY A 127 35.35 -21.42 18.06
N TRP A 128 36.41 -20.63 17.90
CA TRP A 128 36.64 -19.41 18.65
C TRP A 128 36.25 -18.17 17.82
N GLY A 129 35.37 -18.37 16.84
CA GLY A 129 34.86 -17.30 15.98
C GLY A 129 33.89 -16.40 16.73
N ILE A 130 33.66 -15.17 16.20
CA ILE A 130 32.78 -14.16 16.80
C ILE A 130 31.41 -14.74 17.22
N VAL A 131 30.96 -14.35 18.44
CA VAL A 131 29.76 -14.87 19.09
C VAL A 131 28.52 -13.96 18.94
N ASN A 132 28.71 -12.71 18.48
CA ASN A 132 27.60 -11.80 18.22
C ASN A 132 27.90 -10.99 16.95
N HIS A 133 26.91 -10.27 16.42
CA HIS A 133 27.11 -9.45 15.22
C HIS A 133 27.99 -8.22 15.52
N ALA A 134 28.13 -7.85 16.81
CA ALA A 134 29.01 -6.76 17.23
C ALA A 134 30.49 -7.18 17.08
N GLY A 135 30.69 -8.49 16.97
CA GLY A 135 31.99 -9.13 16.76
C GLY A 135 32.78 -9.50 18.00
N ARG A 136 32.10 -9.80 19.12
CA ARG A 136 32.73 -10.22 20.38
C ARG A 136 33.53 -11.48 20.12
N ARG A 137 34.84 -11.42 20.36
CA ARG A 137 35.69 -12.60 20.19
C ARG A 137 35.63 -13.45 21.50
N PRO A 138 35.19 -14.70 21.46
CA PRO A 138 35.16 -15.50 22.69
C PRO A 138 36.55 -15.98 23.07
N ASP A 139 36.85 -16.07 24.39
CA ASP A 139 38.16 -16.54 24.85
C ASP A 139 38.16 -18.07 24.91
N SER A 140 37.03 -18.64 25.36
CA SER A 140 36.80 -20.08 25.49
C SER A 140 36.10 -20.64 24.26
N LEU A 141 36.38 -21.92 23.92
CA LEU A 141 35.80 -22.60 22.77
C LEU A 141 34.28 -22.68 22.87
N GLN A 142 33.61 -22.37 21.77
CA GLN A 142 32.16 -22.36 21.61
C GLN A 142 31.77 -23.42 20.60
N HIS A 143 30.51 -23.86 20.62
CA HIS A 143 30.02 -24.85 19.65
C HIS A 143 28.48 -24.71 19.47
N VAL A 144 27.97 -25.24 18.36
CA VAL A 144 26.54 -25.24 18.04
C VAL A 144 26.21 -26.52 17.26
N LEU A 145 24.97 -27.03 17.42
CA LEU A 145 24.47 -28.21 16.72
C LEU A 145 23.53 -27.75 15.64
N LEU A 146 23.97 -27.92 14.39
CA LEU A 146 23.21 -27.48 13.24
C LEU A 146 22.78 -28.67 12.38
N PRO A 147 21.51 -28.68 11.92
CA PRO A 147 21.07 -29.76 11.04
C PRO A 147 21.53 -29.51 9.60
N VAL A 148 21.93 -30.58 8.89
CA VAL A 148 22.39 -30.52 7.50
C VAL A 148 21.23 -30.13 6.60
N LEU A 149 21.44 -29.12 5.77
CA LEU A 149 20.42 -28.64 4.83
C LEU A 149 20.68 -29.28 3.47
N ASP A 150 19.62 -29.72 2.77
CA ASP A 150 19.79 -30.34 1.44
C ASP A 150 20.28 -29.30 0.41
N ARG A 151 21.15 -29.76 -0.51
CA ARG A 151 21.78 -28.91 -1.51
C ARG A 151 20.77 -28.17 -2.38
N ALA A 152 19.64 -28.82 -2.73
CA ALA A 152 18.59 -28.22 -3.58
C ALA A 152 18.05 -26.93 -2.96
N THR A 153 17.74 -26.96 -1.64
CA THR A 153 17.25 -25.79 -0.91
C THR A 153 18.35 -24.77 -0.83
N CYS A 154 19.57 -25.23 -0.57
CA CYS A 154 20.73 -24.38 -0.42
C CYS A 154 21.06 -23.61 -1.69
N ASN A 155 20.82 -24.22 -2.89
CA ASN A 155 21.13 -23.66 -4.19
C ASN A 155 20.02 -22.75 -4.76
N ARG A 156 18.94 -22.51 -4.01
CA ARG A 156 17.85 -21.61 -4.47
C ARG A 156 18.38 -20.20 -4.75
N ARG A 157 17.71 -19.45 -5.64
CA ARG A 157 18.16 -18.09 -5.98
C ARG A 157 18.13 -17.18 -4.74
N THR A 158 17.12 -17.40 -3.84
CA THR A 158 16.93 -16.70 -2.56
C THR A 158 18.04 -17.09 -1.58
N HIS A 159 18.68 -18.26 -1.82
CA HIS A 159 19.73 -18.81 -0.97
C HIS A 159 21.11 -18.61 -1.61
N HIS A 160 21.81 -19.67 -2.06
CA HIS A 160 23.16 -19.48 -2.59
C HIS A 160 23.25 -19.52 -4.14
N ASP A 161 22.11 -19.61 -4.83
CA ASP A 161 21.98 -19.59 -6.29
C ASP A 161 22.99 -20.50 -7.02
N GLY A 162 22.90 -21.80 -6.77
CA GLY A 162 23.73 -22.80 -7.43
C GLY A 162 25.21 -22.84 -7.09
N ALA A 163 25.64 -22.00 -6.13
CA ALA A 163 27.03 -21.91 -5.71
C ALA A 163 27.50 -23.18 -4.97
N ILE A 164 26.56 -23.94 -4.37
CA ILE A 164 26.87 -25.16 -3.61
C ILE A 164 27.02 -26.34 -4.56
N THR A 165 28.28 -26.72 -4.80
CA THR A 165 28.69 -27.82 -5.68
C THR A 165 28.52 -29.13 -4.93
N GLU A 166 28.69 -30.27 -5.65
CA GLU A 166 28.58 -31.61 -5.07
C GLU A 166 29.73 -31.87 -4.05
N ARG A 167 30.75 -30.98 -4.07
CA ARG A 167 31.93 -31.02 -3.21
C ARG A 167 31.71 -30.20 -1.93
N LEU A 168 30.62 -29.43 -1.90
CA LEU A 168 30.24 -28.60 -0.75
C LEU A 168 28.95 -29.12 -0.09
N MET A 169 28.75 -28.74 1.18
CA MET A 169 27.56 -29.10 1.93
C MET A 169 27.01 -27.88 2.73
N CYS A 170 25.76 -28.00 3.23
CA CYS A 170 25.13 -26.90 3.94
C CYS A 170 24.56 -27.30 5.28
N ALA A 171 24.42 -26.31 6.17
CA ALA A 171 23.79 -26.46 7.48
C ALA A 171 22.88 -25.27 7.70
N GLU A 172 21.83 -25.43 8.53
CA GLU A 172 20.87 -24.36 8.80
C GLU A 172 21.57 -23.15 9.44
N SER A 173 21.02 -21.95 9.22
CA SER A 173 21.64 -20.72 9.69
C SER A 173 20.66 -19.79 10.39
N ASN A 174 19.50 -20.31 10.83
CA ASN A 174 18.50 -19.46 11.50
C ASN A 174 18.97 -19.10 12.91
N ARG A 175 19.59 -17.89 13.04
CA ARG A 175 20.18 -17.29 14.23
C ARG A 175 21.43 -18.10 14.63
N ARG A 176 21.27 -19.41 14.89
CA ARG A 176 22.36 -20.32 15.19
C ARG A 176 23.12 -20.61 13.90
N ASP A 177 24.42 -20.30 13.90
CA ASP A 177 25.30 -20.48 12.74
C ASP A 177 26.78 -20.56 13.17
N SER A 178 27.66 -20.62 12.17
CA SER A 178 29.11 -20.45 12.28
C SER A 178 29.37 -19.07 11.71
N CYS A 179 30.47 -18.42 12.09
CA CYS A 179 30.72 -17.07 11.60
C CYS A 179 32.22 -16.78 11.39
N LYS A 180 32.57 -15.49 11.22
CA LYS A 180 33.93 -14.96 11.08
C LYS A 180 34.80 -15.56 12.17
N GLY A 181 35.92 -16.15 11.75
CA GLY A 181 36.86 -16.81 12.64
C GLY A 181 36.57 -18.27 12.93
N ASP A 182 35.36 -18.77 12.54
CA ASP A 182 34.99 -20.18 12.69
C ASP A 182 35.46 -20.95 11.48
N SER A 183 35.79 -20.20 10.40
CA SER A 183 36.34 -20.69 9.14
C SER A 183 37.58 -21.58 9.35
N GLY A 184 37.63 -22.71 8.67
CA GLY A 184 38.72 -23.67 8.81
C GLY A 184 38.44 -24.68 9.89
N GLY A 185 37.38 -24.44 10.64
CA GLY A 185 36.93 -25.27 11.74
C GLY A 185 36.23 -26.55 11.31
N PRO A 186 36.03 -27.50 12.25
CA PRO A 186 35.39 -28.77 11.88
C PRO A 186 33.88 -28.76 11.98
N LEU A 187 33.27 -29.62 11.15
CA LEU A 187 31.85 -29.94 11.10
C LEU A 187 31.81 -31.43 11.31
N VAL A 188 31.48 -31.86 12.51
CA VAL A 188 31.52 -33.26 12.88
C VAL A 188 30.10 -33.81 12.98
N CYS A 189 29.87 -34.98 12.32
CA CYS A 189 28.61 -35.71 12.31
C CYS A 189 28.88 -37.18 12.66
N GLY A 190 28.37 -37.61 13.81
CA GLY A 190 28.56 -38.96 14.31
C GLY A 190 30.01 -39.26 14.63
N GLY A 191 30.67 -38.31 15.30
CA GLY A 191 32.06 -38.39 15.72
C GLY A 191 33.08 -38.49 14.59
N VAL A 192 32.66 -38.18 13.36
CA VAL A 192 33.52 -38.24 12.17
C VAL A 192 33.48 -36.88 11.45
N LEU A 193 34.67 -36.37 11.05
CA LEU A 193 34.82 -35.11 10.34
C LEU A 193 34.18 -35.24 8.97
N GLU A 194 33.15 -34.41 8.70
CA GLU A 194 32.45 -34.42 7.43
C GLU A 194 32.74 -33.16 6.61
N GLY A 195 32.78 -32.02 7.28
CA GLY A 195 33.01 -30.73 6.65
C GLY A 195 34.01 -29.83 7.35
N VAL A 196 34.46 -28.79 6.63
CA VAL A 196 35.40 -27.77 7.09
C VAL A 196 34.76 -26.43 6.79
N VAL A 197 34.59 -25.58 7.81
CA VAL A 197 33.96 -24.26 7.65
C VAL A 197 34.72 -23.47 6.57
N THR A 198 34.01 -22.89 5.58
CA THR A 198 34.70 -22.14 4.52
C THR A 198 35.22 -20.80 5.07
N SER A 199 36.35 -20.32 4.52
CA SER A 199 37.01 -19.05 4.85
C SER A 199 36.57 -17.88 3.91
N GLY A 200 35.48 -18.11 3.20
CA GLY A 200 34.91 -17.12 2.30
C GLY A 200 34.03 -16.18 3.07
N SER A 201 34.16 -14.88 2.79
CA SER A 201 33.37 -13.84 3.46
C SER A 201 31.90 -14.01 3.16
N ARG A 202 31.11 -14.32 4.19
CA ARG A 202 29.66 -14.53 4.10
C ARG A 202 28.90 -13.70 5.12
N VAL A 203 27.58 -13.87 5.20
CA VAL A 203 26.70 -13.14 6.12
C VAL A 203 26.00 -14.16 7.09
N CYS A 204 26.46 -14.18 8.36
CA CYS A 204 26.00 -15.14 9.39
C CYS A 204 24.66 -14.76 10.04
N GLY A 205 23.97 -15.78 10.57
CA GLY A 205 22.72 -15.64 11.30
C GLY A 205 21.44 -15.54 10.49
N ASN A 206 21.54 -15.29 9.17
CA ASN A 206 20.37 -15.18 8.29
C ASN A 206 20.07 -16.56 7.72
N ARG A 207 18.82 -17.05 7.92
CA ARG A 207 18.36 -18.38 7.48
C ARG A 207 18.36 -18.55 5.97
N LYS A 208 18.15 -17.45 5.22
CA LYS A 208 18.10 -17.48 3.75
C LYS A 208 19.51 -17.62 3.14
N LYS A 209 20.57 -17.47 3.93
CA LYS A 209 21.95 -17.65 3.45
C LYS A 209 22.63 -18.68 4.35
N PRO A 210 22.42 -19.99 4.06
CA PRO A 210 22.96 -21.06 4.93
C PRO A 210 24.48 -21.11 5.03
N GLY A 211 24.97 -21.84 6.02
CA GLY A 211 26.40 -22.02 6.24
C GLY A 211 26.99 -22.93 5.18
N ILE A 212 28.19 -22.59 4.68
CA ILE A 212 28.85 -23.38 3.65
C ILE A 212 30.06 -24.09 4.25
N TYR A 213 30.15 -25.42 4.04
CA TYR A 213 31.20 -26.29 4.57
C TYR A 213 31.76 -27.19 3.47
N THR A 214 33.10 -27.27 3.34
CA THR A 214 33.77 -28.09 2.33
C THR A 214 33.73 -29.55 2.79
N ARG A 215 33.18 -30.46 1.96
CA ARG A 215 33.08 -31.90 2.28
C ARG A 215 34.47 -32.52 2.19
N VAL A 216 34.97 -33.10 3.31
CA VAL A 216 36.33 -33.67 3.34
C VAL A 216 36.45 -34.92 2.47
N ALA A 217 35.42 -35.82 2.49
CA ALA A 217 35.42 -37.05 1.70
C ALA A 217 35.56 -36.75 0.22
N SER A 218 35.09 -35.58 -0.21
CA SER A 218 35.19 -35.14 -1.60
C SER A 218 36.66 -34.89 -2.01
N TYR A 219 37.54 -34.60 -1.02
CA TYR A 219 38.96 -34.29 -1.22
C TYR A 219 39.86 -35.33 -0.52
N ALA A 220 39.31 -36.53 -0.25
CA ALA A 220 39.98 -37.64 0.44
C ALA A 220 41.33 -38.08 -0.20
N ALA A 221 41.37 -38.19 -1.55
CA ALA A 221 42.55 -38.59 -2.28
C ALA A 221 43.66 -37.55 -2.14
N TRP A 222 43.31 -36.25 -2.20
CA TRP A 222 44.27 -35.15 -2.05
C TRP A 222 44.88 -35.16 -0.67
N ILE A 223 44.02 -35.24 0.39
CA ILE A 223 44.47 -35.28 1.78
C ILE A 223 45.45 -36.45 1.96
N ASP A 224 45.06 -37.66 1.50
CA ASP A 224 45.85 -38.88 1.58
C ASP A 224 47.20 -38.66 0.92
N SER A 225 47.20 -38.04 -0.28
CA SER A 225 48.39 -37.76 -1.06
C SER A 225 49.38 -36.87 -0.28
N VAL A 226 48.87 -35.76 0.33
CA VAL A 226 49.65 -34.77 1.09
C VAL A 226 50.21 -35.39 2.38
N LEU A 227 49.36 -36.04 3.19
CA LEU A 227 49.74 -36.65 4.46
C LEU A 227 50.80 -37.76 4.29
N ALA A 228 50.88 -38.39 3.09
CA ALA A 228 51.87 -39.41 2.78
C ALA A 228 53.20 -38.76 2.36
N ILE B 1 47.86 -5.40 37.58
CA ILE B 1 47.97 -4.10 38.25
C ILE B 1 46.70 -3.87 39.08
N LEU B 2 46.87 -3.74 40.41
CA LEU B 2 45.74 -3.47 41.30
C LEU B 2 45.51 -1.96 41.42
N GLY B 3 44.26 -1.54 41.33
CA GLY B 3 43.86 -0.14 41.47
C GLY B 3 44.40 0.84 40.44
N GLY B 4 44.69 0.35 39.24
CA GLY B 4 45.20 1.21 38.18
C GLY B 4 44.19 1.44 37.08
N ARG B 5 44.60 2.26 36.12
CA ARG B 5 43.82 2.59 34.94
C ARG B 5 44.26 1.71 33.77
N GLU B 6 43.49 1.72 32.67
CA GLU B 6 43.93 1.04 31.46
C GLU B 6 44.93 1.98 30.77
N ALA B 7 46.03 1.43 30.25
CA ALA B 7 47.07 2.22 29.59
C ALA B 7 46.57 2.79 28.25
N GLU B 8 47.18 3.90 27.80
CA GLU B 8 46.88 4.52 26.51
C GLU B 8 47.52 3.61 25.48
N ALA B 9 46.75 3.13 24.49
CA ALA B 9 47.23 2.19 23.48
C ALA B 9 48.52 2.66 22.81
N HIS B 10 49.57 1.81 22.93
CA HIS B 10 50.93 1.94 22.39
C HIS B 10 51.67 3.19 22.87
N ALA B 11 51.30 3.73 24.05
CA ALA B 11 51.97 4.90 24.64
C ALA B 11 53.33 4.50 25.27
N ARG B 12 53.52 3.19 25.56
CA ARG B 12 54.73 2.62 26.15
C ARG B 12 55.30 1.58 25.19
N PRO B 13 55.99 2.00 24.10
CA PRO B 13 56.49 1.02 23.10
C PRO B 13 57.44 -0.06 23.62
N TYR B 14 58.18 0.23 24.69
CA TYR B 14 59.16 -0.67 25.32
C TYR B 14 58.51 -1.92 25.94
N MET B 15 57.22 -1.82 26.29
CA MET B 15 56.43 -2.87 26.93
C MET B 15 56.40 -4.16 26.10
N ALA B 16 56.63 -5.30 26.78
CA ALA B 16 56.62 -6.64 26.19
C ALA B 16 55.84 -7.64 27.03
N SER B 17 55.29 -8.69 26.40
CA SER B 17 54.58 -9.75 27.08
C SER B 17 55.33 -11.06 26.92
N VAL B 18 55.91 -11.55 28.02
CA VAL B 18 56.63 -12.82 28.03
C VAL B 18 55.57 -13.91 28.20
N GLN B 19 55.44 -14.75 27.16
CA GLN B 19 54.42 -15.80 27.12
C GLN B 19 55.02 -17.19 27.01
N LEU B 20 54.32 -18.17 27.57
CA LEU B 20 54.72 -19.57 27.52
C LEU B 20 53.52 -20.42 27.19
N ASN B 21 53.62 -21.13 26.05
CA ASN B 21 52.60 -22.04 25.52
C ASN B 21 51.25 -21.33 25.33
N GLY B 22 51.32 -20.13 24.77
CA GLY B 22 50.15 -19.34 24.42
C GLY B 22 49.36 -18.76 25.57
N ALA B 23 50.07 -18.30 26.59
CA ALA B 23 49.53 -17.65 27.78
C ALA B 23 50.55 -16.68 28.33
N HIS B 24 50.11 -15.45 28.66
CA HIS B 24 50.96 -14.43 29.26
C HIS B 24 51.38 -14.90 30.65
N LEU B 25 52.68 -14.78 30.93
CA LEU B 25 53.25 -15.18 32.21
C LEU B 25 53.74 -13.97 32.96
N CYS B 26 54.58 -13.19 32.28
CA CYS B 26 55.25 -12.05 32.84
C CYS B 26 55.29 -10.90 31.85
N GLY B 27 55.57 -9.72 32.39
CA GLY B 27 55.81 -8.52 31.60
C GLY B 27 57.29 -8.48 31.28
N GLY B 28 57.66 -7.58 30.41
CA GLY B 28 59.05 -7.42 30.00
C GLY B 28 59.28 -6.04 29.43
N VAL B 29 60.55 -5.70 29.25
CA VAL B 29 60.88 -4.40 28.70
C VAL B 29 61.97 -4.55 27.66
N LEU B 30 61.71 -4.03 26.44
CA LEU B 30 62.64 -4.01 25.32
C LEU B 30 63.77 -3.06 25.69
N VAL B 31 64.96 -3.61 25.91
CA VAL B 31 66.12 -2.82 26.35
C VAL B 31 67.06 -2.54 25.17
N ALA B 32 67.01 -3.40 24.15
CA ALA B 32 67.78 -3.35 22.89
C ALA B 32 66.92 -3.81 21.72
N GLU B 33 67.42 -3.71 20.48
CA GLU B 33 66.70 -4.17 19.28
C GLU B 33 66.37 -5.66 19.34
N GLN B 34 67.23 -6.49 19.94
CA GLN B 34 67.01 -7.93 19.99
C GLN B 34 66.99 -8.47 21.43
N TRP B 35 66.86 -7.57 22.42
CA TRP B 35 66.86 -8.01 23.81
C TRP B 35 65.69 -7.44 24.62
N VAL B 36 65.08 -8.32 25.45
CA VAL B 36 63.96 -8.01 26.34
C VAL B 36 64.36 -8.43 27.75
N LEU B 37 64.36 -7.47 28.68
CA LEU B 37 64.69 -7.68 30.08
C LEU B 37 63.40 -7.99 30.87
N SER B 38 63.46 -9.06 31.69
CA SER B 38 62.36 -9.54 32.52
C SER B 38 62.90 -10.13 33.85
N ALA B 39 62.06 -10.86 34.58
CA ALA B 39 62.44 -11.47 35.85
C ALA B 39 62.79 -12.95 35.67
N ALA B 40 63.70 -13.48 36.52
CA ALA B 40 64.19 -14.86 36.43
C ALA B 40 63.15 -15.95 36.78
N HIS B 41 62.38 -15.83 37.89
CA HIS B 41 61.40 -16.86 38.30
C HIS B 41 60.29 -17.06 37.27
N CYS B 42 60.18 -16.15 36.28
CA CYS B 42 59.17 -16.25 35.22
C CYS B 42 59.38 -17.52 34.43
N LEU B 43 60.64 -17.74 34.01
CA LEU B 43 61.06 -18.88 33.23
C LEU B 43 61.72 -19.96 34.10
N GLU B 44 61.24 -20.10 35.37
CA GLU B 44 61.76 -21.07 36.34
C GLU B 44 61.32 -22.47 35.95
N ASP B 45 59.99 -22.70 35.99
CA ASP B 45 59.38 -23.98 35.62
C ASP B 45 58.85 -23.92 34.16
N ALA B 46 59.40 -23.01 33.34
CA ALA B 46 59.01 -22.88 31.94
C ALA B 46 59.71 -23.90 31.04
N ALA B 47 60.98 -24.28 31.38
CA ALA B 47 61.79 -25.28 30.67
C ALA B 47 60.92 -26.52 30.35
N ASP B 48 60.57 -26.63 29.05
CA ASP B 48 59.66 -27.55 28.35
C ASP B 48 58.38 -26.73 28.02
N GLY B 49 58.46 -26.06 26.87
CA GLY B 49 57.40 -25.20 26.36
C GLY B 49 57.95 -24.08 25.48
N LYS B 50 57.07 -23.55 24.63
CA LYS B 50 57.42 -22.48 23.70
C LYS B 50 57.36 -21.13 24.41
N VAL B 51 58.56 -20.54 24.64
CA VAL B 51 58.68 -19.22 25.25
C VAL B 51 58.77 -18.21 24.11
N GLN B 52 57.87 -17.21 24.14
CA GLN B 52 57.83 -16.14 23.14
C GLN B 52 57.57 -14.80 23.76
N VAL B 53 57.97 -13.77 23.04
CA VAL B 53 57.81 -12.38 23.46
C VAL B 53 56.90 -11.67 22.47
N LEU B 54 55.83 -11.05 22.96
CA LEU B 54 54.90 -10.31 22.11
C LEU B 54 55.19 -8.81 22.23
N LEU B 55 55.56 -8.16 21.10
CA LEU B 55 55.87 -6.73 21.06
C LEU B 55 54.83 -5.94 20.29
N GLY B 56 54.76 -4.63 20.55
CA GLY B 56 53.82 -3.69 19.93
C GLY B 56 52.37 -3.95 20.26
N ALA B 57 52.12 -4.47 21.47
CA ALA B 57 50.81 -4.88 21.93
C ALA B 57 50.17 -3.95 22.94
N HIS B 58 48.86 -4.04 23.03
CA HIS B 58 48.01 -3.36 23.98
C HIS B 58 46.97 -4.39 24.39
N SER B 59 46.29 -5.01 23.41
CA SER B 59 45.40 -6.14 23.67
C SER B 59 46.17 -7.41 23.36
N LEU B 60 46.09 -8.39 24.24
CA LEU B 60 46.78 -9.66 24.06
C LEU B 60 46.10 -10.50 22.95
N SER B 61 44.76 -10.46 22.88
CA SER B 61 43.95 -11.26 21.95
C SER B 61 43.66 -10.59 20.60
N GLN B 62 43.16 -9.34 20.62
CA GLN B 62 42.80 -8.58 19.42
C GLN B 62 43.98 -8.30 18.49
N PRO B 63 43.79 -8.32 17.15
CA PRO B 63 44.91 -8.00 16.26
C PRO B 63 45.19 -6.49 16.18
N GLU B 64 46.47 -6.15 16.09
CA GLU B 64 46.98 -4.77 16.01
C GLU B 64 48.10 -4.73 14.97
N PRO B 65 48.21 -3.62 14.16
CA PRO B 65 49.26 -3.60 13.12
C PRO B 65 50.68 -3.73 13.69
N SER B 66 50.92 -3.02 14.80
CA SER B 66 52.15 -2.96 15.58
C SER B 66 52.56 -4.30 16.23
N LYS B 67 51.59 -5.16 16.62
CA LYS B 67 51.83 -6.46 17.28
C LYS B 67 52.69 -7.40 16.45
N ARG B 68 53.67 -8.03 17.09
CA ARG B 68 54.52 -9.04 16.45
C ARG B 68 55.03 -10.01 17.50
N LEU B 69 54.81 -11.33 17.26
CA LEU B 69 55.26 -12.39 18.18
C LEU B 69 56.63 -12.86 17.77
N TYR B 70 57.58 -12.88 18.74
CA TYR B 70 58.97 -13.27 18.48
C TYR B 70 59.34 -14.50 19.25
N ASP B 71 60.05 -15.42 18.60
CA ASP B 71 60.56 -16.63 19.22
C ASP B 71 61.79 -16.25 20.06
N VAL B 72 62.03 -16.92 21.21
CA VAL B 72 63.15 -16.55 22.07
C VAL B 72 64.32 -17.48 21.78
N LEU B 73 65.34 -16.91 21.14
CA LEU B 73 66.54 -17.56 20.64
C LEU B 73 67.48 -17.97 21.77
N ARG B 74 67.52 -17.18 22.85
CA ARG B 74 68.40 -17.40 24.01
C ARG B 74 67.76 -16.78 25.28
N ALA B 75 67.71 -17.54 26.40
CA ALA B 75 67.17 -17.03 27.67
C ALA B 75 68.26 -17.06 28.74
N VAL B 76 68.86 -15.89 29.00
CA VAL B 76 69.98 -15.66 29.89
C VAL B 76 69.54 -15.21 31.29
N PRO B 77 69.41 -16.12 32.29
CA PRO B 77 69.10 -15.67 33.66
C PRO B 77 70.36 -15.14 34.34
N HIS B 78 70.21 -14.33 35.40
CA HIS B 78 71.39 -13.83 36.10
C HIS B 78 72.09 -15.02 36.76
N PRO B 79 73.44 -15.12 36.62
CA PRO B 79 74.14 -16.28 37.16
C PRO B 79 73.89 -16.55 38.64
N ASP B 80 73.79 -15.47 39.45
CA ASP B 80 73.61 -15.56 40.89
C ASP B 80 72.13 -15.63 41.32
N SER B 81 71.21 -15.84 40.36
CA SER B 81 69.79 -15.98 40.70
C SER B 81 69.54 -17.40 41.20
N GLN B 82 68.61 -17.54 42.16
CA GLN B 82 68.21 -18.81 42.77
C GLN B 82 66.70 -18.83 42.92
N PRO B 83 66.02 -20.00 42.93
CA PRO B 83 64.55 -19.99 43.11
C PRO B 83 64.13 -19.52 44.50
N ASP B 84 64.95 -19.84 45.53
CA ASP B 84 64.75 -19.53 46.95
C ASP B 84 64.81 -18.03 47.27
N THR B 85 65.53 -17.20 46.47
CA THR B 85 65.65 -15.78 46.78
C THR B 85 65.18 -14.86 45.67
N ILE B 86 64.74 -13.63 46.05
CA ILE B 86 64.31 -12.57 45.13
C ILE B 86 65.51 -11.73 44.67
N ASP B 87 66.72 -12.12 45.09
CA ASP B 87 67.95 -11.44 44.74
C ASP B 87 68.38 -11.83 43.34
N HIS B 88 68.88 -10.84 42.57
CA HIS B 88 69.37 -10.93 41.19
C HIS B 88 68.29 -11.53 40.29
N ASP B 89 67.02 -11.15 40.55
CA ASP B 89 65.84 -11.63 39.84
C ASP B 89 65.70 -11.01 38.44
N LEU B 90 66.72 -11.21 37.60
CA LEU B 90 66.73 -10.70 36.25
C LEU B 90 66.92 -11.82 35.24
N LEU B 91 66.36 -11.61 34.04
CA LEU B 91 66.41 -12.55 32.92
C LEU B 91 66.39 -11.77 31.61
N LEU B 92 67.41 -12.00 30.76
CA LEU B 92 67.51 -11.35 29.46
C LEU B 92 67.17 -12.34 28.38
N LEU B 93 66.19 -11.99 27.54
CA LEU B 93 65.71 -12.83 26.43
C LEU B 93 66.12 -12.25 25.11
N GLN B 94 66.84 -13.06 24.31
CA GLN B 94 67.28 -12.69 22.97
C GLN B 94 66.23 -13.12 21.98
N LEU B 95 65.68 -12.18 21.21
CA LEU B 95 64.65 -12.49 20.22
C LEU B 95 65.30 -13.23 19.01
N SER B 96 64.49 -14.04 18.30
CA SER B 96 64.88 -14.84 17.12
C SER B 96 65.57 -13.96 16.07
N GLU B 97 65.04 -12.75 15.87
CA GLU B 97 65.56 -11.73 14.97
C GLU B 97 65.39 -10.35 15.63
N LYS B 98 66.00 -9.30 15.06
CA LYS B 98 65.85 -7.95 15.62
C LYS B 98 64.40 -7.48 15.50
N ALA B 99 63.91 -6.74 16.51
CA ALA B 99 62.56 -6.20 16.56
C ALA B 99 62.35 -5.10 15.53
N THR B 100 61.22 -5.16 14.81
CA THR B 100 60.86 -4.16 13.82
C THR B 100 60.40 -2.93 14.59
N LEU B 101 61.26 -1.93 14.64
CA LEU B 101 61.04 -0.69 15.38
C LEU B 101 60.09 0.25 14.68
N GLY B 102 59.30 0.95 15.48
CA GLY B 102 58.33 1.92 15.01
C GLY B 102 57.77 2.75 16.14
N PRO B 103 56.68 3.53 15.91
CA PRO B 103 56.12 4.32 17.01
C PRO B 103 55.54 3.46 18.17
N ALA B 104 55.24 2.16 17.94
CA ALA B 104 54.68 1.34 19.00
C ALA B 104 55.64 0.23 19.51
N VAL B 105 56.89 0.18 18.97
CA VAL B 105 57.98 -0.72 19.35
C VAL B 105 59.29 0.09 19.34
N ARG B 106 59.71 0.50 20.53
CA ARG B 106 60.92 1.28 20.72
C ARG B 106 61.60 0.86 22.03
N PRO B 107 62.90 0.52 22.04
CA PRO B 107 63.55 0.13 23.30
C PRO B 107 63.64 1.31 24.26
N LEU B 108 63.55 1.02 25.57
CA LEU B 108 63.60 2.01 26.64
C LEU B 108 65.02 2.20 27.16
N PRO B 109 65.50 3.46 27.27
CA PRO B 109 66.82 3.67 27.86
C PRO B 109 66.77 3.33 29.37
N TRP B 110 67.62 2.38 29.77
CA TRP B 110 67.70 1.92 31.16
C TRP B 110 68.86 2.60 31.88
N GLN B 111 68.62 3.00 33.14
CA GLN B 111 69.56 3.70 34.02
C GLN B 111 70.89 2.93 34.16
N ARG B 112 72.00 3.60 33.82
CA ARG B 112 73.36 3.05 33.90
C ARG B 112 74.12 3.58 35.15
N VAL B 113 73.72 4.76 35.65
CA VAL B 113 74.28 5.43 36.83
C VAL B 113 73.64 4.86 38.12
N ASP B 114 74.45 4.21 38.97
CA ASP B 114 73.96 3.59 40.20
C ASP B 114 73.63 4.64 41.29
N ARG B 115 72.43 5.25 41.21
CA ARG B 115 71.90 6.21 42.16
C ARG B 115 70.52 5.77 42.62
N ASP B 116 70.25 5.71 43.94
CA ASP B 116 68.92 5.34 44.45
C ASP B 116 67.88 6.37 44.04
N VAL B 117 66.71 5.92 43.61
CA VAL B 117 65.62 6.83 43.20
C VAL B 117 65.10 7.49 44.48
N ALA B 118 65.06 8.84 44.47
CA ALA B 118 64.64 9.66 45.61
C ALA B 118 63.27 9.22 46.14
N PRO B 119 63.18 8.83 47.43
CA PRO B 119 61.89 8.38 47.96
C PRO B 119 60.84 9.47 47.83
N GLY B 120 59.68 9.07 47.32
CA GLY B 120 58.58 10.00 47.07
C GLY B 120 58.38 10.24 45.59
N THR B 121 59.41 9.91 44.75
CA THR B 121 59.37 10.05 43.30
C THR B 121 58.26 9.18 42.76
N LEU B 122 57.40 9.75 41.90
CA LEU B 122 56.30 9.02 41.31
C LEU B 122 56.79 8.24 40.10
N CYS B 123 56.62 6.91 40.14
CA CYS B 123 57.06 6.01 39.08
C CYS B 123 55.90 5.26 38.47
N ASP B 124 56.02 4.93 37.19
CA ASP B 124 55.00 4.28 36.42
C ASP B 124 55.34 2.79 36.19
N VAL B 125 54.50 1.90 36.73
CA VAL B 125 54.64 0.45 36.53
C VAL B 125 53.41 -0.03 35.70
N ALA B 126 53.65 -0.70 34.56
CA ALA B 126 52.62 -1.19 33.65
C ALA B 126 52.72 -2.70 33.41
N GLY B 127 51.60 -3.35 33.10
CA GLY B 127 51.56 -4.78 32.84
C GLY B 127 50.19 -5.39 32.63
N TRP B 128 50.18 -6.66 32.18
CA TRP B 128 48.96 -7.45 31.94
C TRP B 128 48.68 -8.42 33.11
N GLY B 129 49.25 -8.10 34.27
CA GLY B 129 49.05 -8.85 35.50
C GLY B 129 47.64 -8.68 36.04
N ILE B 130 47.21 -9.60 36.93
CA ILE B 130 45.87 -9.64 37.54
C ILE B 130 45.49 -8.25 38.10
N VAL B 131 44.22 -7.86 37.85
CA VAL B 131 43.67 -6.55 38.20
C VAL B 131 42.83 -6.54 39.51
N ASN B 132 42.48 -7.72 40.03
CA ASN B 132 41.77 -7.82 41.30
C ASN B 132 42.31 -9.03 42.09
N HIS B 133 41.94 -9.16 43.38
CA HIS B 133 42.40 -10.29 44.21
C HIS B 133 41.70 -11.58 43.79
N ALA B 134 40.57 -11.47 43.06
CA ALA B 134 39.83 -12.61 42.52
C ALA B 134 40.63 -13.28 41.39
N GLY B 135 41.59 -12.52 40.82
CA GLY B 135 42.51 -12.98 39.79
C GLY B 135 42.14 -12.69 38.35
N ARG B 136 41.29 -11.66 38.11
CA ARG B 136 40.87 -11.25 36.76
C ARG B 136 42.09 -10.89 35.91
N ARG B 137 42.31 -11.63 34.80
CA ARG B 137 43.42 -11.35 33.90
C ARG B 137 42.96 -10.28 32.86
N PRO B 138 43.61 -9.10 32.81
CA PRO B 138 43.17 -8.09 31.82
C PRO B 138 43.66 -8.44 30.41
N ASP B 139 42.86 -8.09 29.37
CA ASP B 139 43.26 -8.34 27.98
C ASP B 139 44.13 -7.19 27.47
N SER B 140 43.76 -5.96 27.84
CA SER B 140 44.45 -4.72 27.51
C SER B 140 45.44 -4.32 28.62
N LEU B 141 46.55 -3.65 28.21
CA LEU B 141 47.60 -3.18 29.12
C LEU B 141 47.07 -2.21 30.15
N GLN B 142 47.47 -2.42 31.41
CA GLN B 142 47.11 -1.63 32.58
C GLN B 142 48.34 -0.96 33.14
N HIS B 143 48.19 0.11 33.91
CA HIS B 143 49.31 0.80 34.54
C HIS B 143 48.86 1.53 35.83
N VAL B 144 49.84 1.87 36.69
CA VAL B 144 49.62 2.60 37.94
C VAL B 144 50.86 3.47 38.24
N LEU B 145 50.64 4.62 38.92
CA LEU B 145 51.70 5.54 39.35
C LEU B 145 51.92 5.35 40.82
N LEU B 146 53.08 4.79 41.18
CA LEU B 146 53.39 4.52 42.58
C LEU B 146 54.59 5.35 43.06
N PRO B 147 54.50 5.94 44.27
CA PRO B 147 55.65 6.69 44.79
C PRO B 147 56.70 5.74 45.40
N VAL B 148 57.99 6.06 45.18
CA VAL B 148 59.14 5.29 45.68
C VAL B 148 59.18 5.37 47.21
N LEU B 149 59.28 4.23 47.86
CA LEU B 149 59.36 4.14 49.32
C LEU B 149 60.83 3.99 49.71
N ASP B 150 61.30 4.71 50.75
CA ASP B 150 62.71 4.60 51.21
C ASP B 150 62.99 3.20 51.79
N ARG B 151 64.20 2.70 51.56
CA ARG B 151 64.61 1.36 51.97
C ARG B 151 64.46 1.12 53.45
N ALA B 152 64.75 2.12 54.31
CA ALA B 152 64.65 2.01 55.77
C ALA B 152 63.24 1.63 56.21
N THR B 153 62.22 2.29 55.62
CA THR B 153 60.82 1.99 55.92
C THR B 153 60.49 0.62 55.38
N CYS B 154 61.00 0.31 54.19
CA CYS B 154 60.71 -0.93 53.51
C CYS B 154 61.26 -2.13 54.28
N ASN B 155 62.41 -1.96 54.96
CA ASN B 155 63.10 -3.01 55.72
C ASN B 155 62.58 -3.20 57.15
N ARG B 156 61.55 -2.46 57.57
CA ARG B 156 60.97 -2.61 58.92
C ARG B 156 60.46 -4.04 59.15
N ARG B 157 60.41 -4.49 60.41
CA ARG B 157 59.94 -5.86 60.73
C ARG B 157 58.47 -6.04 60.31
N THR B 158 57.66 -4.96 60.42
CA THR B 158 56.25 -4.90 60.00
C THR B 158 56.13 -4.95 58.46
N HIS B 159 57.24 -4.59 57.76
CA HIS B 159 57.32 -4.53 56.32
C HIS B 159 58.09 -5.72 55.77
N HIS B 160 59.30 -5.54 55.19
CA HIS B 160 60.01 -6.67 54.59
C HIS B 160 61.16 -7.23 55.43
N ASP B 161 61.35 -6.72 56.65
CA ASP B 161 62.33 -7.18 57.62
C ASP B 161 63.76 -7.39 57.03
N GLY B 162 64.36 -6.32 56.55
CA GLY B 162 65.73 -6.33 56.01
C GLY B 162 65.96 -7.05 54.70
N ALA B 163 64.90 -7.59 54.08
CA ALA B 163 65.00 -8.32 52.82
C ALA B 163 65.42 -7.42 51.64
N ILE B 164 65.15 -6.10 51.73
CA ILE B 164 65.47 -5.13 50.66
C ILE B 164 66.95 -4.71 50.74
N THR B 165 67.73 -5.25 49.82
CA THR B 165 69.17 -4.99 49.68
C THR B 165 69.39 -3.67 48.94
N GLU B 166 70.65 -3.21 48.84
CA GLU B 166 70.99 -1.95 48.17
C GLU B 166 70.78 -2.10 46.65
N ARG B 167 70.58 -3.36 46.19
CA ARG B 167 70.36 -3.74 44.79
C ARG B 167 68.86 -3.75 44.46
N LEU B 168 68.00 -3.64 45.50
CA LEU B 168 66.54 -3.61 45.38
C LEU B 168 65.98 -2.25 45.78
N MET B 169 64.76 -1.95 45.29
CA MET B 169 64.05 -0.72 45.59
C MET B 169 62.57 -1.01 45.91
N CYS B 170 61.86 -0.03 46.49
CA CYS B 170 60.46 -0.20 46.88
C CYS B 170 59.55 0.89 46.37
N ALA B 171 58.27 0.56 46.27
CA ALA B 171 57.21 1.49 45.93
C ALA B 171 56.02 1.23 46.86
N GLU B 172 55.17 2.25 47.11
CA GLU B 172 54.02 2.09 47.99
C GLU B 172 53.03 1.04 47.46
N SER B 173 52.30 0.40 48.36
CA SER B 173 51.36 -0.62 47.94
C SER B 173 50.03 -0.49 48.67
N ASN B 174 49.54 0.75 48.86
CA ASN B 174 48.24 0.96 49.48
C ASN B 174 47.15 0.89 48.41
N ARG B 175 46.48 -0.29 48.27
CA ARG B 175 45.44 -0.62 47.30
C ARG B 175 46.06 -0.67 45.89
N ARG B 176 46.66 0.44 45.45
CA ARG B 176 47.37 0.54 44.17
C ARG B 176 48.73 -0.11 44.30
N ASP B 177 49.02 -1.08 43.42
CA ASP B 177 50.22 -1.91 43.47
C ASP B 177 50.31 -2.86 42.24
N SER B 178 51.51 -3.40 41.99
CA SER B 178 51.78 -4.39 40.95
C SER B 178 51.46 -5.78 41.53
N CYS B 179 51.13 -6.77 40.70
CA CYS B 179 50.76 -8.07 41.23
C CYS B 179 51.20 -9.23 40.34
N LYS B 180 50.66 -10.43 40.58
CA LYS B 180 50.86 -11.68 39.83
C LYS B 180 50.75 -11.38 38.34
N GLY B 181 51.80 -11.72 37.57
CA GLY B 181 51.83 -11.47 36.14
C GLY B 181 52.47 -10.15 35.75
N ASP B 182 52.59 -9.19 36.72
CA ASP B 182 53.22 -7.89 36.46
C ASP B 182 54.71 -8.02 36.58
N SER B 183 55.15 -9.14 37.19
CA SER B 183 56.54 -9.56 37.36
C SER B 183 57.31 -9.46 36.06
N GLY B 184 58.55 -9.05 36.14
CA GLY B 184 59.35 -8.85 34.93
C GLY B 184 59.08 -7.51 34.23
N GLY B 185 57.98 -6.86 34.62
CA GLY B 185 57.52 -5.60 34.06
C GLY B 185 58.40 -4.42 34.43
N PRO B 186 58.27 -3.28 33.70
CA PRO B 186 59.12 -2.13 33.99
C PRO B 186 58.58 -1.22 35.09
N LEU B 187 59.52 -0.54 35.77
CA LEU B 187 59.28 0.52 36.74
C LEU B 187 60.02 1.70 36.17
N VAL B 188 59.27 2.62 35.55
CA VAL B 188 59.86 3.75 34.86
C VAL B 188 59.66 5.03 35.66
N CYS B 189 60.75 5.78 35.84
CA CYS B 189 60.80 7.07 36.54
C CYS B 189 61.50 8.04 35.65
N GLY B 190 60.79 9.12 35.31
CA GLY B 190 61.29 10.16 34.43
C GLY B 190 61.71 9.64 33.05
N GLY B 191 60.87 8.78 32.48
CA GLY B 191 61.08 8.17 31.18
C GLY B 191 62.30 7.27 31.05
N VAL B 192 62.87 6.87 32.20
CA VAL B 192 64.06 6.01 32.25
C VAL B 192 63.73 4.76 33.12
N LEU B 193 64.13 3.55 32.63
CA LEU B 193 63.93 2.30 33.36
C LEU B 193 64.80 2.28 34.61
N GLU B 194 64.16 2.19 35.79
CA GLU B 194 64.86 2.18 37.06
C GLU B 194 64.81 0.79 37.73
N GLY B 195 63.68 0.12 37.65
CA GLY B 195 63.49 -1.19 38.25
C GLY B 195 62.67 -2.15 37.40
N VAL B 196 62.70 -3.43 37.79
CA VAL B 196 62.01 -4.56 37.17
C VAL B 196 61.22 -5.27 38.26
N VAL B 197 59.90 -5.39 38.11
CA VAL B 197 59.02 -6.05 39.09
C VAL B 197 59.55 -7.47 39.39
N THR B 198 59.73 -7.82 40.69
CA THR B 198 60.27 -9.15 41.02
C THR B 198 59.22 -10.25 40.72
N SER B 199 59.71 -11.46 40.38
CA SER B 199 58.90 -12.63 40.05
C SER B 199 58.71 -13.56 41.25
N GLY B 200 59.02 -13.03 42.42
CA GLY B 200 58.85 -13.76 43.66
C GLY B 200 57.43 -13.63 44.15
N SER B 201 56.86 -14.73 44.66
CA SER B 201 55.50 -14.72 45.21
C SER B 201 55.38 -13.74 46.40
N ARG B 202 54.41 -12.83 46.32
CA ARG B 202 54.14 -11.88 47.39
C ARG B 202 52.61 -11.66 47.59
N VAL B 203 52.27 -10.65 48.38
CA VAL B 203 50.88 -10.30 48.72
C VAL B 203 50.66 -8.83 48.30
N CYS B 204 49.93 -8.64 47.20
CA CYS B 204 49.67 -7.33 46.61
C CYS B 204 48.52 -6.56 47.32
N GLY B 205 48.53 -5.23 47.19
CA GLY B 205 47.51 -4.34 47.74
C GLY B 205 47.67 -3.89 49.17
N ASN B 206 48.42 -4.67 49.99
CA ASN B 206 48.63 -4.32 51.41
C ASN B 206 49.79 -3.36 51.51
N ARG B 207 49.56 -2.18 52.13
CA ARG B 207 50.53 -1.10 52.30
C ARG B 207 51.73 -1.50 53.17
N LYS B 208 51.52 -2.42 54.14
CA LYS B 208 52.57 -2.87 55.05
C LYS B 208 53.55 -3.85 54.37
N LYS B 209 53.23 -4.34 53.16
CA LYS B 209 54.13 -5.21 52.38
C LYS B 209 54.35 -4.54 51.02
N PRO B 210 55.31 -3.58 50.95
CA PRO B 210 55.52 -2.84 49.70
C PRO B 210 55.95 -3.67 48.50
N GLY B 211 55.91 -3.04 47.35
CA GLY B 211 56.34 -3.65 46.11
C GLY B 211 57.85 -3.74 46.05
N ILE B 212 58.36 -4.89 45.58
CA ILE B 212 59.80 -5.08 45.46
C ILE B 212 60.14 -5.06 43.97
N TYR B 213 61.15 -4.22 43.60
CA TYR B 213 61.62 -4.01 42.23
C TYR B 213 63.14 -4.08 42.19
N THR B 214 63.71 -4.88 41.27
CA THR B 214 65.15 -5.02 41.09
C THR B 214 65.69 -3.76 40.38
N ARG B 215 66.67 -3.05 40.99
CA ARG B 215 67.29 -1.85 40.41
C ARG B 215 68.19 -2.25 39.24
N VAL B 216 67.91 -1.74 38.03
CA VAL B 216 68.67 -2.13 36.82
C VAL B 216 70.11 -1.58 36.85
N ALA B 217 70.29 -0.32 37.29
CA ALA B 217 71.62 0.32 37.36
C ALA B 217 72.58 -0.48 38.23
N SER B 218 72.03 -1.21 39.22
CA SER B 218 72.77 -2.06 40.13
C SER B 218 73.38 -3.26 39.38
N TYR B 219 72.78 -3.67 38.22
CA TYR B 219 73.20 -4.81 37.38
C TYR B 219 73.60 -4.37 35.96
N ALA B 220 73.97 -3.09 35.82
CA ALA B 220 74.37 -2.44 34.57
C ALA B 220 75.49 -3.19 33.83
N ALA B 221 76.54 -3.64 34.55
CA ALA B 221 77.69 -4.36 34.00
C ALA B 221 77.29 -5.69 33.39
N TRP B 222 76.39 -6.44 34.09
CA TRP B 222 75.91 -7.74 33.62
C TRP B 222 75.11 -7.57 32.34
N ILE B 223 74.12 -6.63 32.34
CA ILE B 223 73.27 -6.34 31.18
C ILE B 223 74.19 -6.03 29.99
N ASP B 224 75.13 -5.07 30.17
CA ASP B 224 76.11 -4.65 29.16
C ASP B 224 76.87 -5.85 28.62
N SER B 225 77.32 -6.76 29.51
CA SER B 225 78.08 -7.96 29.17
C SER B 225 77.26 -8.88 28.25
N VAL B 226 76.00 -9.13 28.61
CA VAL B 226 75.09 -10.05 27.90
C VAL B 226 74.74 -9.47 26.51
N LEU B 227 74.30 -8.21 26.47
CA LEU B 227 73.88 -7.53 25.25
C LEU B 227 75.01 -7.41 24.23
N ALA B 228 76.28 -7.39 24.68
CA ALA B 228 77.45 -7.33 23.81
C ALA B 228 77.80 -8.72 23.27
N ILE C 1 35.73 1.56 7.74
CA ILE C 1 36.16 1.83 6.36
C ILE C 1 37.34 0.92 5.98
N LEU C 2 37.15 0.04 4.98
CA LEU C 2 38.22 -0.86 4.53
C LEU C 2 39.08 -0.18 3.48
N GLY C 3 40.40 -0.25 3.64
CA GLY C 3 41.36 0.31 2.71
C GLY C 3 41.37 1.82 2.54
N GLY C 4 41.03 2.55 3.58
CA GLY C 4 41.02 4.01 3.53
C GLY C 4 42.07 4.67 4.42
N ARG C 5 42.11 6.00 4.42
CA ARG C 5 43.00 6.84 5.21
C ARG C 5 42.30 7.34 6.46
N GLU C 6 43.04 7.94 7.41
CA GLU C 6 42.42 8.59 8.56
C GLU C 6 41.94 9.96 8.07
N ALA C 7 40.75 10.37 8.47
CA ALA C 7 40.20 11.67 8.07
C ALA C 7 40.97 12.83 8.71
N GLU C 8 40.91 14.03 8.08
CA GLU C 8 41.51 15.24 8.63
C GLU C 8 40.60 15.67 9.76
N ALA C 9 41.15 15.85 10.98
CA ALA C 9 40.37 16.22 12.17
C ALA C 9 39.44 17.43 11.94
N HIS C 10 38.14 17.18 12.13
CA HIS C 10 37.00 18.09 12.02
C HIS C 10 36.86 18.75 10.63
N ALA C 11 37.39 18.10 9.56
CA ALA C 11 37.27 18.58 8.18
C ALA C 11 35.85 18.30 7.62
N ARG C 12 35.11 17.36 8.25
CA ARG C 12 33.74 16.97 7.90
C ARG C 12 32.82 17.26 9.10
N PRO C 13 32.46 18.54 9.35
CA PRO C 13 31.64 18.87 10.55
C PRO C 13 30.27 18.18 10.64
N TYR C 14 29.68 17.83 9.48
CA TYR C 14 28.39 17.17 9.36
C TYR C 14 28.36 15.77 9.99
N MET C 15 29.54 15.10 10.07
CA MET C 15 29.71 13.76 10.58
C MET C 15 29.21 13.60 12.02
N ALA C 16 28.46 12.52 12.27
CA ALA C 16 27.90 12.19 13.58
C ALA C 16 28.11 10.71 13.91
N SER C 17 28.16 10.40 15.22
CA SER C 17 28.30 9.03 15.70
C SER C 17 27.05 8.64 16.48
N VAL C 18 26.23 7.74 15.90
CA VAL C 18 25.03 7.26 16.56
C VAL C 18 25.50 6.17 17.51
N GLN C 19 25.36 6.45 18.82
CA GLN C 19 25.84 5.59 19.88
C GLN C 19 24.75 5.07 20.77
N LEU C 20 24.89 3.81 21.16
CA LEU C 20 24.00 3.17 22.10
C LEU C 20 24.83 2.66 23.26
N ASN C 21 24.50 3.16 24.47
CA ASN C 21 25.15 2.86 25.75
C ASN C 21 26.63 3.24 25.65
N GLY C 22 26.86 4.39 25.01
CA GLY C 22 28.16 5.02 24.80
C GLY C 22 29.02 4.40 23.71
N ALA C 23 28.65 3.22 23.24
CA ALA C 23 29.35 2.50 22.18
C ALA C 23 28.82 2.96 20.83
N HIS C 24 29.74 3.22 19.89
CA HIS C 24 29.39 3.61 18.54
C HIS C 24 28.74 2.43 17.83
N LEU C 25 27.62 2.70 17.16
CA LEU C 25 26.87 1.71 16.41
C LEU C 25 26.93 2.00 14.94
N CYS C 26 26.56 3.25 14.62
CA CYS C 26 26.41 3.74 13.27
C CYS C 26 26.94 5.12 13.12
N GLY C 27 27.13 5.48 11.87
CA GLY C 27 27.49 6.82 11.47
C GLY C 27 26.20 7.57 11.22
N GLY C 28 26.29 8.87 11.07
CA GLY C 28 25.15 9.74 10.83
C GLY C 28 25.60 11.05 10.22
N VAL C 29 24.66 11.82 9.71
CA VAL C 29 25.00 13.11 9.08
C VAL C 29 24.00 14.17 9.55
N LEU C 30 24.54 15.28 10.10
CA LEU C 30 23.76 16.42 10.54
C LEU C 30 23.18 17.09 9.30
N VAL C 31 21.86 17.02 9.16
CA VAL C 31 21.18 17.54 7.97
C VAL C 31 20.52 18.90 8.29
N ALA C 32 20.21 19.14 9.58
CA ALA C 32 19.61 20.35 10.13
C ALA C 32 20.21 20.66 11.51
N GLU C 33 19.86 21.81 12.14
CA GLU C 33 20.36 22.17 13.48
C GLU C 33 19.98 21.15 14.56
N GLN C 34 18.82 20.52 14.44
CA GLN C 34 18.34 19.56 15.44
C GLN C 34 18.04 18.19 14.82
N TRP C 35 18.52 17.94 13.59
CA TRP C 35 18.27 16.66 12.94
C TRP C 35 19.53 16.00 12.39
N VAL C 36 19.62 14.68 12.60
CA VAL C 36 20.72 13.82 12.15
C VAL C 36 20.09 12.67 11.35
N LEU C 37 20.51 12.53 10.08
CA LEU C 37 20.05 11.47 9.19
C LEU C 37 21.01 10.29 9.28
N SER C 38 20.46 9.08 9.43
CA SER C 38 21.23 7.84 9.54
C SER C 38 20.46 6.69 8.83
N ALA C 39 20.78 5.41 9.12
CA ALA C 39 20.09 4.25 8.56
C ALA C 39 19.11 3.64 9.57
N ALA C 40 18.02 3.04 9.08
CA ALA C 40 16.95 2.47 9.87
C ALA C 40 17.34 1.24 10.69
N HIS C 41 18.11 0.30 10.14
CA HIS C 41 18.44 -0.93 10.90
C HIS C 41 19.57 -0.71 11.93
N CYS C 42 19.87 0.54 12.29
CA CYS C 42 20.90 0.85 13.27
C CYS C 42 20.40 0.53 14.66
N LEU C 43 19.15 0.93 14.95
CA LEU C 43 18.56 0.76 16.27
C LEU C 43 17.57 -0.42 16.35
N GLU C 44 17.83 -1.51 15.60
CA GLU C 44 16.99 -2.70 15.66
C GLU C 44 17.42 -3.55 16.86
N ASP C 45 18.73 -3.76 17.02
CA ASP C 45 19.40 -4.46 18.12
C ASP C 45 19.21 -3.69 19.47
N ALA C 46 19.13 -2.34 19.36
CA ALA C 46 18.98 -1.36 20.42
C ALA C 46 17.58 -1.38 20.99
N ALA C 47 17.36 -2.10 22.09
CA ALA C 47 16.04 -2.16 22.72
C ALA C 47 16.06 -1.28 23.97
N ASP C 48 16.58 -1.85 25.07
CA ASP C 48 16.78 -1.22 26.37
C ASP C 48 18.21 -0.65 26.37
N GLY C 49 18.31 0.66 26.18
CA GLY C 49 19.59 1.33 26.13
C GLY C 49 19.48 2.79 25.74
N LYS C 50 20.46 3.59 26.19
CA LYS C 50 20.53 5.02 25.95
C LYS C 50 21.07 5.31 24.53
N VAL C 51 20.21 5.81 23.64
CA VAL C 51 20.61 6.17 22.28
C VAL C 51 20.98 7.66 22.29
N GLN C 52 22.20 7.98 21.81
CA GLN C 52 22.74 9.33 21.74
C GLN C 52 23.51 9.57 20.47
N VAL C 53 23.66 10.85 20.12
CA VAL C 53 24.37 11.27 18.93
C VAL C 53 25.57 12.13 19.38
N LEU C 54 26.80 11.76 18.95
CA LEU C 54 28.01 12.50 19.29
C LEU C 54 28.38 13.38 18.12
N LEU C 55 28.31 14.70 18.35
CA LEU C 55 28.61 15.66 17.32
C LEU C 55 29.95 16.33 17.55
N GLY C 56 30.60 16.76 16.46
CA GLY C 56 31.89 17.45 16.49
C GLY C 56 33.06 16.63 16.99
N ALA C 57 33.08 15.34 16.67
CA ALA C 57 34.16 14.47 17.10
C ALA C 57 35.06 14.03 15.98
N HIS C 58 36.30 13.69 16.33
CA HIS C 58 37.24 13.05 15.45
C HIS C 58 37.61 11.74 16.16
N SER C 59 38.08 11.82 17.43
CA SER C 59 38.35 10.65 18.28
C SER C 59 37.14 10.39 19.14
N LEU C 60 36.73 9.13 19.22
CA LEU C 60 35.57 8.76 20.01
C LEU C 60 35.87 8.83 21.52
N SER C 61 37.10 8.44 21.95
CA SER C 61 37.52 8.37 23.34
C SER C 61 38.16 9.66 23.89
N GLN C 62 39.16 10.22 23.16
CA GLN C 62 39.91 11.40 23.58
C GLN C 62 39.04 12.64 23.68
N PRO C 63 39.33 13.55 24.65
CA PRO C 63 38.54 14.79 24.75
C PRO C 63 38.91 15.80 23.67
N GLU C 64 37.89 16.51 23.16
CA GLU C 64 37.98 17.56 22.16
C GLU C 64 37.01 18.69 22.53
N PRO C 65 37.41 19.97 22.35
CA PRO C 65 36.51 21.08 22.72
C PRO C 65 35.18 21.05 21.99
N SER C 66 35.25 20.74 20.67
CA SER C 66 34.15 20.63 19.71
C SER C 66 33.13 19.54 20.04
N LYS C 67 33.58 18.41 20.65
CA LYS C 67 32.75 17.25 21.01
C LYS C 67 31.58 17.60 21.94
N ARG C 68 30.37 17.15 21.56
CA ARG C 68 29.15 17.32 22.35
C ARG C 68 28.21 16.15 22.12
N LEU C 69 27.83 15.46 23.21
CA LEU C 69 26.93 14.31 23.18
C LEU C 69 25.49 14.81 23.39
N TYR C 70 24.58 14.43 22.47
CA TYR C 70 23.17 14.86 22.49
C TYR C 70 22.25 13.69 22.69
N ASP C 71 21.12 13.93 23.36
CA ASP C 71 20.13 12.90 23.61
C ASP C 71 19.14 12.86 22.43
N VAL C 72 18.63 11.68 22.09
CA VAL C 72 17.68 11.60 20.98
C VAL C 72 16.27 11.82 21.56
N LEU C 73 15.63 12.89 21.13
CA LEU C 73 14.30 13.30 21.58
C LEU C 73 13.21 12.54 20.80
N ARG C 74 13.50 12.21 19.53
CA ARG C 74 12.57 11.52 18.61
C ARG C 74 13.38 10.74 17.55
N ALA C 75 13.04 9.47 17.33
CA ALA C 75 13.71 8.64 16.31
C ALA C 75 12.69 8.18 15.28
N VAL C 76 12.66 8.90 14.15
CA VAL C 76 11.73 8.74 13.04
C VAL C 76 12.30 7.81 11.93
N PRO C 77 11.99 6.49 11.93
CA PRO C 77 12.42 5.64 10.81
C PRO C 77 11.51 5.86 9.62
N HIS C 78 11.94 5.49 8.41
CA HIS C 78 11.06 5.64 7.25
C HIS C 78 9.87 4.68 7.43
N PRO C 79 8.63 5.16 7.21
CA PRO C 79 7.45 4.31 7.46
C PRO C 79 7.50 2.96 6.75
N ASP C 80 7.99 2.93 5.49
CA ASP C 80 8.06 1.75 4.65
C ASP C 80 9.34 0.92 4.83
N SER C 81 10.13 1.21 5.88
CA SER C 81 11.33 0.42 6.18
C SER C 81 10.91 -0.89 6.90
N GLN C 82 11.60 -1.99 6.62
CA GLN C 82 11.36 -3.32 7.19
C GLN C 82 12.68 -3.96 7.55
N PRO C 83 12.76 -4.91 8.52
CA PRO C 83 14.07 -5.52 8.84
C PRO C 83 14.62 -6.40 7.72
N ASP C 84 13.71 -7.07 6.99
CA ASP C 84 13.97 -7.99 5.90
C ASP C 84 14.58 -7.32 4.64
N THR C 85 14.31 -6.03 4.40
CA THR C 85 14.80 -5.35 3.19
C THR C 85 15.66 -4.13 3.46
N ILE C 86 16.56 -3.85 2.52
CA ILE C 86 17.45 -2.68 2.55
C ILE C 86 16.77 -1.44 1.91
N ASP C 87 15.49 -1.60 1.54
CA ASP C 87 14.71 -0.53 0.93
C ASP C 87 14.23 0.44 2.01
N HIS C 88 14.27 1.76 1.67
CA HIS C 88 13.88 2.90 2.49
C HIS C 88 14.63 2.87 3.84
N ASP C 89 15.93 2.48 3.78
CA ASP C 89 16.78 2.32 4.95
C ASP C 89 17.26 3.68 5.49
N LEU C 90 16.30 4.54 5.86
CA LEU C 90 16.62 5.85 6.42
C LEU C 90 16.01 6.01 7.81
N LEU C 91 16.66 6.83 8.64
CA LEU C 91 16.24 7.12 10.02
C LEU C 91 16.63 8.54 10.37
N LEU C 92 15.65 9.36 10.79
CA LEU C 92 15.90 10.73 11.19
C LEU C 92 15.82 10.85 12.69
N LEU C 93 16.90 11.36 13.31
CA LEU C 93 16.98 11.51 14.76
C LEU C 93 16.93 12.97 15.16
N GLN C 94 15.94 13.32 15.99
CA GLN C 94 15.76 14.68 16.51
C GLN C 94 16.54 14.81 17.80
N LEU C 95 17.51 15.74 17.85
CA LEU C 95 18.31 15.94 19.06
C LEU C 95 17.46 16.61 20.16
N SER C 96 17.83 16.38 21.44
CA SER C 96 17.18 16.90 22.66
C SER C 96 17.00 18.43 22.57
N GLU C 97 18.03 19.12 22.06
CA GLU C 97 18.08 20.56 21.83
C GLU C 97 18.83 20.82 20.53
N LYS C 98 18.79 22.07 20.01
CA LYS C 98 19.52 22.41 18.78
C LYS C 98 21.03 22.28 19.00
N ALA C 99 21.75 21.77 18.00
CA ALA C 99 23.19 21.55 18.12
C ALA C 99 24.00 22.85 18.00
N THR C 100 24.95 23.06 18.94
CA THR C 100 25.80 24.24 19.02
C THR C 100 26.75 24.24 17.83
N LEU C 101 26.43 25.07 16.84
CA LEU C 101 27.19 25.16 15.58
C LEU C 101 28.46 25.97 15.70
N GLY C 102 29.46 25.57 14.93
CA GLY C 102 30.77 26.20 14.86
C GLY C 102 31.57 25.62 13.71
N PRO C 103 32.91 25.72 13.74
CA PRO C 103 33.70 25.19 12.62
C PRO C 103 33.80 23.65 12.58
N ALA C 104 33.50 22.97 13.70
CA ALA C 104 33.56 21.51 13.76
C ALA C 104 32.16 20.86 13.82
N VAL C 105 31.10 21.69 13.87
CA VAL C 105 29.70 21.27 13.87
C VAL C 105 28.96 22.12 12.85
N ARG C 106 28.62 21.54 11.68
CA ARG C 106 27.91 22.28 10.63
C ARG C 106 27.07 21.31 9.81
N PRO C 107 25.75 21.57 9.60
CA PRO C 107 24.94 20.64 8.80
C PRO C 107 25.36 20.62 7.33
N LEU C 108 25.25 19.44 6.67
CA LEU C 108 25.61 19.25 5.27
C LEU C 108 24.43 19.44 4.33
N PRO C 109 24.59 20.23 3.24
CA PRO C 109 23.48 20.36 2.27
C PRO C 109 23.29 19.03 1.53
N TRP C 110 22.08 18.49 1.60
CA TRP C 110 21.73 17.23 0.96
C TRP C 110 20.98 17.46 -0.37
N GLN C 111 21.33 16.69 -1.41
CA GLN C 111 20.77 16.74 -2.75
C GLN C 111 19.24 16.64 -2.75
N ARG C 112 18.57 17.64 -3.35
CA ARG C 112 17.11 17.71 -3.45
C ARG C 112 16.62 17.34 -4.86
N VAL C 113 17.49 17.49 -5.88
CA VAL C 113 17.22 17.18 -7.29
C VAL C 113 17.45 15.68 -7.56
N ASP C 114 16.37 14.95 -7.90
CA ASP C 114 16.44 13.52 -8.14
C ASP C 114 17.06 13.17 -9.51
N ARG C 115 18.39 13.20 -9.56
CA ARG C 115 19.21 12.82 -10.73
C ARG C 115 20.30 11.85 -10.29
N ASP C 116 20.46 10.74 -11.01
CA ASP C 116 21.46 9.75 -10.68
C ASP C 116 22.88 10.31 -10.80
N VAL C 117 23.76 9.95 -9.85
CA VAL C 117 25.16 10.34 -9.85
C VAL C 117 25.81 9.54 -10.98
N ALA C 118 26.49 10.25 -11.90
CA ALA C 118 27.14 9.68 -13.06
C ALA C 118 28.13 8.56 -12.67
N PRO C 119 27.95 7.34 -13.19
CA PRO C 119 28.85 6.24 -12.83
C PRO C 119 30.30 6.58 -13.16
N GLY C 120 31.19 6.40 -12.20
CA GLY C 120 32.59 6.71 -12.35
C GLY C 120 32.96 7.90 -11.50
N THR C 121 31.96 8.68 -11.05
CA THR C 121 32.17 9.84 -10.18
C THR C 121 32.80 9.37 -8.86
N LEU C 122 33.86 10.07 -8.41
CA LEU C 122 34.52 9.71 -7.16
C LEU C 122 33.79 10.36 -5.98
N CYS C 123 33.34 9.52 -5.04
CA CYS C 123 32.59 9.98 -3.88
C CYS C 123 33.29 9.61 -2.59
N ASP C 124 33.10 10.44 -1.56
CA ASP C 124 33.75 10.30 -0.26
C ASP C 124 32.80 9.74 0.81
N VAL C 125 33.10 8.54 1.33
CA VAL C 125 32.33 7.92 2.41
C VAL C 125 33.25 7.87 3.67
N ALA C 126 32.77 8.42 4.81
CA ALA C 126 33.53 8.47 6.07
C ALA C 126 32.78 7.80 7.23
N GLY C 127 33.53 7.29 8.21
CA GLY C 127 32.97 6.62 9.38
C GLY C 127 33.94 5.99 10.36
N TRP C 128 33.41 5.58 11.52
CA TRP C 128 34.16 4.91 12.58
C TRP C 128 33.91 3.37 12.56
N GLY C 129 33.48 2.85 11.40
CA GLY C 129 33.24 1.43 11.18
C GLY C 129 34.55 0.67 11.10
N ILE C 130 34.52 -0.66 11.32
CA ILE C 130 35.73 -1.50 11.34
C ILE C 130 36.61 -1.29 10.08
N VAL C 131 37.94 -1.21 10.32
CA VAL C 131 38.96 -0.87 9.31
C VAL C 131 39.64 -2.10 8.67
N ASN C 132 39.46 -3.29 9.22
CA ASN C 132 40.01 -4.49 8.62
C ASN C 132 39.00 -5.65 8.81
N HIS C 133 39.21 -6.80 8.13
CA HIS C 133 38.32 -7.95 8.30
C HIS C 133 38.51 -8.60 9.68
N ALA C 134 39.66 -8.32 10.36
CA ALA C 134 39.96 -8.78 11.71
C ALA C 134 39.05 -8.10 12.73
N GLY C 135 38.46 -6.99 12.32
CA GLY C 135 37.48 -6.23 13.07
C GLY C 135 37.96 -5.07 13.90
N ARG C 136 39.14 -4.53 13.58
CA ARG C 136 39.73 -3.41 14.31
C ARG C 136 38.78 -2.21 14.30
N ARG C 137 38.28 -1.80 15.49
CA ARG C 137 37.39 -0.63 15.58
C ARG C 137 38.28 0.63 15.69
N PRO C 138 38.22 1.58 14.70
CA PRO C 138 39.08 2.76 14.78
C PRO C 138 38.57 3.75 15.83
N ASP C 139 39.49 4.48 16.49
CA ASP C 139 39.11 5.48 17.48
C ASP C 139 38.84 6.82 16.79
N SER C 140 39.68 7.15 15.80
CA SER C 140 39.62 8.36 14.98
C SER C 140 38.86 8.08 13.68
N LEU C 141 38.17 9.12 13.16
CA LEU C 141 37.38 9.05 11.93
C LEU C 141 38.24 8.66 10.73
N GLN C 142 37.73 7.73 9.94
CA GLN C 142 38.35 7.20 8.72
C GLN C 142 37.49 7.56 7.52
N HIS C 143 38.08 7.54 6.30
CA HIS C 143 37.34 7.84 5.08
C HIS C 143 37.99 7.15 3.87
N VAL C 144 37.22 6.98 2.78
CA VAL C 144 37.65 6.36 1.55
C VAL C 144 36.92 7.02 0.38
N LEU C 145 37.60 7.07 -0.78
CA LEU C 145 37.06 7.65 -2.00
C LEU C 145 36.71 6.51 -2.92
N LEU C 146 35.41 6.31 -3.14
CA LEU C 146 34.93 5.23 -3.98
C LEU C 146 34.22 5.75 -5.23
N PRO C 147 34.50 5.14 -6.42
CA PRO C 147 33.80 5.57 -7.63
C PRO C 147 32.41 4.95 -7.72
N VAL C 148 31.43 5.74 -8.22
CA VAL C 148 30.03 5.30 -8.38
C VAL C 148 29.93 4.20 -9.44
N LEU C 149 29.27 3.09 -9.11
CA LEU C 149 29.08 1.97 -10.02
C LEU C 149 27.70 2.07 -10.66
N ASP C 150 27.56 1.85 -11.98
CA ASP C 150 26.25 1.94 -12.65
C ASP C 150 25.31 0.81 -12.15
N ARG C 151 24.02 1.15 -11.99
CA ARG C 151 23.00 0.26 -11.48
C ARG C 151 22.89 -1.04 -12.28
N ALA C 152 23.04 -0.99 -13.61
CA ALA C 152 22.94 -2.17 -14.47
C ALA C 152 23.97 -3.24 -14.07
N THR C 153 25.24 -2.83 -13.83
CA THR C 153 26.31 -3.73 -13.42
C THR C 153 26.01 -4.22 -12.01
N CYS C 154 25.52 -3.30 -11.16
CA CYS C 154 25.23 -3.58 -9.76
C CYS C 154 24.13 -4.61 -9.62
N ASN C 155 23.14 -4.62 -10.54
CA ASN C 155 21.98 -5.52 -10.52
C ASN C 155 22.22 -6.89 -11.16
N ARG C 156 23.44 -7.18 -11.64
CA ARG C 156 23.76 -8.48 -12.23
C ARG C 156 23.51 -9.62 -11.27
N ARG C 157 23.24 -10.84 -11.78
CA ARG C 157 22.99 -12.00 -10.91
C ARG C 157 24.22 -12.33 -10.05
N THR C 158 25.44 -12.10 -10.61
CA THR C 158 26.74 -12.27 -9.94
C THR C 158 26.94 -11.20 -8.87
N HIS C 159 26.20 -10.07 -9.01
CA HIS C 159 26.28 -8.93 -8.12
C HIS C 159 25.08 -8.88 -7.16
N HIS C 160 24.17 -7.91 -7.27
CA HIS C 160 23.07 -7.82 -6.31
C HIS C 160 21.72 -8.32 -6.82
N ASP C 161 21.69 -8.91 -8.04
CA ASP C 161 20.53 -9.56 -8.65
C ASP C 161 19.21 -8.72 -8.55
N GLY C 162 19.25 -7.53 -9.15
CA GLY C 162 18.10 -6.64 -9.23
C GLY C 162 17.65 -5.98 -7.94
N ALA C 163 18.38 -6.18 -6.85
CA ALA C 163 18.03 -5.61 -5.55
C ALA C 163 18.17 -4.07 -5.53
N ILE C 164 19.01 -3.50 -6.42
CA ILE C 164 19.28 -2.06 -6.47
C ILE C 164 18.18 -1.37 -7.28
N THR C 165 17.29 -0.69 -6.57
CA THR C 165 16.17 0.06 -7.12
C THR C 165 16.67 1.43 -7.60
N GLU C 166 15.80 2.23 -8.26
CA GLU C 166 16.13 3.57 -8.76
C GLU C 166 16.34 4.53 -7.60
N ARG C 167 15.91 4.09 -6.38
CA ARG C 167 16.02 4.83 -5.11
C ARG C 167 17.37 4.53 -4.41
N LEU C 168 18.09 3.50 -4.89
CA LEU C 168 19.39 3.10 -4.37
C LEU C 168 20.52 3.38 -5.38
N MET C 169 21.77 3.48 -4.87
CA MET C 169 22.96 3.70 -5.69
C MET C 169 24.11 2.78 -5.25
N CYS C 170 25.13 2.64 -6.11
CA CYS C 170 26.25 1.76 -5.81
C CYS C 170 27.62 2.43 -5.94
N ALA C 171 28.59 1.88 -5.24
CA ALA C 171 29.98 2.29 -5.33
C ALA C 171 30.84 1.03 -5.39
N GLU C 172 32.05 1.14 -5.98
CA GLU C 172 32.95 0.00 -6.11
C GLU C 172 33.36 -0.52 -4.72
N SER C 173 33.66 -1.80 -4.65
CA SER C 173 33.98 -2.45 -3.40
C SER C 173 35.21 -3.33 -3.50
N ASN C 174 36.12 -3.09 -4.47
CA ASN C 174 37.33 -3.90 -4.63
C ASN C 174 38.36 -3.52 -3.58
N ARG C 175 38.40 -4.29 -2.47
CA ARG C 175 39.24 -4.11 -1.28
C ARG C 175 38.84 -2.84 -0.52
N ARG C 176 38.85 -1.67 -1.18
CA ARG C 176 38.39 -0.40 -0.62
C ARG C 176 36.86 -0.39 -0.64
N ASP C 177 36.25 -0.23 0.54
CA ASP C 177 34.80 -0.29 0.77
C ASP C 177 34.40 0.33 2.12
N SER C 178 33.09 0.46 2.36
CA SER C 178 32.48 0.82 3.64
C SER C 178 32.15 -0.53 4.29
N CYS C 179 32.13 -0.60 5.62
CA CYS C 179 31.86 -1.87 6.27
C CYS C 179 31.01 -1.67 7.54
N LYS C 180 30.88 -2.73 8.37
CA LYS C 180 30.20 -2.82 9.69
C LYS C 180 30.55 -1.59 10.52
N GLY C 181 29.56 -0.84 10.92
CA GLY C 181 29.77 0.39 11.68
C GLY C 181 29.80 1.67 10.86
N ASP C 182 29.88 1.53 9.52
CA ASP C 182 29.88 2.68 8.61
C ASP C 182 28.46 3.03 8.20
N SER C 183 27.52 2.10 8.48
CA SER C 183 26.08 2.19 8.26
C SER C 183 25.50 3.54 8.77
N GLY C 184 24.59 4.13 8.01
CA GLY C 184 24.02 5.44 8.36
C GLY C 184 24.94 6.63 8.08
N GLY C 185 26.17 6.32 7.68
CA GLY C 185 27.18 7.31 7.34
C GLY C 185 26.91 7.99 6.00
N PRO C 186 27.58 9.13 5.76
CA PRO C 186 27.34 9.86 4.50
C PRO C 186 28.17 9.39 3.32
N LEU C 187 27.63 9.58 2.12
CA LEU C 187 28.26 9.38 0.82
C LEU C 187 28.16 10.73 0.16
N VAL C 188 29.28 11.46 0.13
CA VAL C 188 29.31 12.83 -0.35
C VAL C 188 30.00 12.87 -1.71
N CYS C 189 29.30 13.50 -2.69
CA CYS C 189 29.78 13.73 -4.06
C CYS C 189 29.67 15.22 -4.33
N GLY C 190 30.79 15.84 -4.69
CA GLY C 190 30.88 17.26 -4.96
C GLY C 190 30.36 18.13 -3.82
N GLY C 191 30.77 17.80 -2.58
CA GLY C 191 30.39 18.50 -1.36
C GLY C 191 28.92 18.50 -1.00
N VAL C 192 28.15 17.63 -1.68
CA VAL C 192 26.72 17.49 -1.48
C VAL C 192 26.40 16.02 -1.09
N LEU C 193 25.58 15.83 -0.03
CA LEU C 193 25.13 14.51 0.42
C LEU C 193 24.29 13.85 -0.70
N GLU C 194 24.75 12.71 -1.21
CA GLU C 194 24.05 11.99 -2.28
C GLU C 194 23.42 10.71 -1.74
N GLY C 195 24.10 10.05 -0.82
CA GLY C 195 23.60 8.81 -0.26
C GLY C 195 23.86 8.62 1.22
N VAL C 196 23.37 7.50 1.75
CA VAL C 196 23.49 7.09 3.15
C VAL C 196 23.81 5.59 3.16
N VAL C 197 24.95 5.20 3.75
CA VAL C 197 25.40 3.80 3.81
C VAL C 197 24.26 2.95 4.40
N THR C 198 23.88 1.84 3.73
CA THR C 198 22.80 0.99 4.25
C THR C 198 23.25 0.25 5.53
N SER C 199 22.30 -0.03 6.43
CA SER C 199 22.52 -0.73 7.71
C SER C 199 22.23 -2.22 7.59
N GLY C 200 22.14 -2.69 6.35
CA GLY C 200 21.88 -4.10 6.07
C GLY C 200 23.18 -4.86 6.15
N SER C 201 23.15 -6.03 6.80
CA SER C 201 24.32 -6.90 6.93
C SER C 201 24.76 -7.36 5.56
N ARG C 202 25.94 -6.92 5.12
CA ARG C 202 26.53 -7.26 3.82
C ARG C 202 27.95 -7.84 3.99
N VAL C 203 28.63 -8.08 2.86
CA VAL C 203 29.98 -8.65 2.82
C VAL C 203 30.92 -7.60 2.16
N CYS C 204 31.78 -6.96 3.00
CA CYS C 204 32.68 -5.88 2.58
C CYS C 204 33.97 -6.39 1.90
N GLY C 205 34.51 -5.54 1.03
CA GLY C 205 35.76 -5.81 0.33
C GLY C 205 35.70 -6.62 -0.95
N ASN C 206 34.61 -7.39 -1.17
CA ASN C 206 34.48 -8.19 -2.40
C ASN C 206 33.87 -7.34 -3.49
N ARG C 207 34.57 -7.24 -4.64
CA ARG C 207 34.18 -6.42 -5.79
C ARG C 207 32.87 -6.88 -6.44
N LYS C 208 32.56 -8.20 -6.38
CA LYS C 208 31.34 -8.76 -6.99
C LYS C 208 30.08 -8.42 -6.15
N LYS C 209 30.24 -7.89 -4.93
CA LYS C 209 29.11 -7.46 -4.10
C LYS C 209 29.35 -5.97 -3.72
N PRO C 210 28.98 -5.04 -4.63
CA PRO C 210 29.22 -3.60 -4.39
C PRO C 210 28.54 -3.02 -3.15
N GLY C 211 29.00 -1.84 -2.74
CA GLY C 211 28.43 -1.13 -1.60
C GLY C 211 27.07 -0.56 -1.96
N ILE C 212 26.12 -0.65 -1.05
CA ILE C 212 24.77 -0.15 -1.31
C ILE C 212 24.54 1.11 -0.45
N TYR C 213 24.05 2.21 -1.09
CA TYR C 213 23.81 3.50 -0.47
C TYR C 213 22.44 4.01 -0.88
N THR C 214 21.64 4.46 0.10
CA THR C 214 20.29 4.99 -0.15
C THR C 214 20.42 6.41 -0.69
N ARG C 215 19.85 6.69 -1.87
CA ARG C 215 19.87 8.02 -2.49
C ARG C 215 18.95 8.97 -1.70
N VAL C 216 19.51 10.06 -1.15
CA VAL C 216 18.73 11.00 -0.34
C VAL C 216 17.71 11.77 -1.18
N ALA C 217 18.10 12.25 -2.41
CA ALA C 217 17.23 13.00 -3.30
C ALA C 217 15.95 12.23 -3.62
N SER C 218 16.04 10.89 -3.60
CA SER C 218 14.92 10.00 -3.84
C SER C 218 13.87 10.07 -2.72
N TYR C 219 14.30 10.47 -1.49
CA TYR C 219 13.47 10.57 -0.28
C TYR C 219 13.39 12.01 0.25
N ALA C 220 13.64 13.00 -0.66
CA ALA C 220 13.65 14.43 -0.39
C ALA C 220 12.34 14.94 0.26
N ALA C 221 11.17 14.49 -0.25
CA ALA C 221 9.85 14.85 0.24
C ALA C 221 9.63 14.37 1.67
N TRP C 222 10.03 13.12 1.98
CA TRP C 222 9.90 12.55 3.33
C TRP C 222 10.75 13.32 4.32
N ILE C 223 12.05 13.56 4.00
CA ILE C 223 12.99 14.31 4.85
C ILE C 223 12.36 15.68 5.15
N ASP C 224 11.95 16.41 4.09
CA ASP C 224 11.31 17.72 4.19
C ASP C 224 10.11 17.67 5.14
N SER C 225 9.25 16.64 4.98
CA SER C 225 8.05 16.43 5.78
C SER C 225 8.37 16.30 7.28
N VAL C 226 9.39 15.46 7.60
CA VAL C 226 9.81 15.15 8.98
C VAL C 226 10.46 16.40 9.63
N LEU C 227 11.43 17.02 8.95
CA LEU C 227 12.15 18.19 9.44
C LEU C 227 11.22 19.39 9.71
N ALA C 228 10.07 19.46 9.02
CA ALA C 228 9.09 20.53 9.22
C ALA C 228 8.18 20.20 10.41
N ILE D 1 -39.83 30.84 12.64
CA ILE D 1 -40.06 30.83 14.08
C ILE D 1 -41.57 31.00 14.34
N LEU D 2 -42.20 29.99 14.95
CA LEU D 2 -43.63 30.04 15.28
C LEU D 2 -43.83 30.68 16.66
N GLY D 3 -44.75 31.63 16.74
CA GLY D 3 -45.08 32.30 18.00
C GLY D 3 -44.01 33.15 18.65
N GLY D 4 -43.09 33.70 17.86
CA GLY D 4 -42.04 34.56 18.36
C GLY D 4 -42.19 36.01 17.97
N ARG D 5 -41.28 36.85 18.45
CA ARG D 5 -41.20 38.28 18.16
C ARG D 5 -40.20 38.54 17.03
N GLU D 6 -40.18 39.75 16.49
CA GLU D 6 -39.17 40.12 15.51
C GLU D 6 -37.91 40.47 16.30
N ALA D 7 -36.75 40.03 15.82
CA ALA D 7 -35.48 40.29 16.50
C ALA D 7 -35.09 41.77 16.40
N GLU D 8 -34.26 42.23 17.35
CA GLU D 8 -33.73 43.59 17.35
C GLU D 8 -32.65 43.60 16.28
N ALA D 9 -32.75 44.54 15.31
CA ALA D 9 -31.82 44.66 14.18
C ALA D 9 -30.35 44.64 14.63
N HIS D 10 -29.60 43.63 14.10
CA HIS D 10 -28.18 43.35 14.29
C HIS D 10 -27.78 43.12 15.77
N ALA D 11 -28.74 42.70 16.63
CA ALA D 11 -28.47 42.42 18.05
C ALA D 11 -27.75 41.07 18.21
N ARG D 12 -27.86 40.18 17.19
CA ARG D 12 -27.24 38.85 17.14
C ARG D 12 -26.28 38.80 15.95
N PRO D 13 -25.07 39.42 16.04
CA PRO D 13 -24.14 39.45 14.90
C PRO D 13 -23.70 38.09 14.33
N TYR D 14 -23.69 37.04 15.17
CA TYR D 14 -23.31 35.68 14.82
C TYR D 14 -24.25 35.04 13.79
N MET D 15 -25.51 35.51 13.72
CA MET D 15 -26.55 35.02 12.84
C MET D 15 -26.15 35.10 11.37
N ALA D 16 -26.41 34.01 10.62
CA ALA D 16 -26.10 33.87 9.20
C ALA D 16 -27.28 33.25 8.44
N SER D 17 -27.35 33.51 7.14
CA SER D 17 -28.38 32.95 6.28
C SER D 17 -27.75 32.16 5.14
N VAL D 18 -27.83 30.81 5.24
CA VAL D 18 -27.37 29.84 4.22
C VAL D 18 -28.42 29.91 3.12
N GLN D 19 -28.00 30.36 1.93
CA GLN D 19 -28.87 30.60 0.79
C GLN D 19 -28.46 29.84 -0.47
N LEU D 20 -29.47 29.57 -1.30
CA LEU D 20 -29.33 28.91 -2.60
C LEU D 20 -29.98 29.77 -3.67
N ASN D 21 -29.18 30.18 -4.70
CA ASN D 21 -29.57 31.03 -5.84
C ASN D 21 -30.25 32.29 -5.32
N GLY D 22 -29.63 32.91 -4.31
CA GLY D 22 -30.07 34.11 -3.64
C GLY D 22 -31.34 33.97 -2.84
N ALA D 23 -31.68 32.74 -2.40
CA ALA D 23 -32.89 32.46 -1.61
C ALA D 23 -32.56 31.79 -0.30
N HIS D 24 -33.12 32.31 0.82
CA HIS D 24 -32.92 31.74 2.16
C HIS D 24 -33.34 30.27 2.20
N LEU D 25 -32.41 29.46 2.65
CA LEU D 25 -32.56 28.02 2.74
C LEU D 25 -32.53 27.58 4.20
N CYS D 26 -31.46 27.99 4.93
CA CYS D 26 -31.19 27.64 6.31
C CYS D 26 -30.58 28.75 7.07
N GLY D 27 -30.68 28.65 8.39
CA GLY D 27 -30.00 29.57 9.28
C GLY D 27 -28.61 29.02 9.52
N GLY D 28 -27.75 29.83 10.11
CA GLY D 28 -26.38 29.47 10.40
C GLY D 28 -25.81 30.34 11.48
N VAL D 29 -24.68 29.93 12.03
CA VAL D 29 -24.04 30.72 13.08
C VAL D 29 -22.53 30.80 12.79
N LEU D 30 -22.03 32.05 12.74
CA LEU D 30 -20.62 32.36 12.53
C LEU D 30 -19.89 31.90 13.80
N VAL D 31 -19.06 30.87 13.67
CA VAL D 31 -18.34 30.30 14.82
C VAL D 31 -16.86 30.71 14.78
N ALA D 32 -16.38 31.15 13.60
CA ALA D 32 -15.02 31.65 13.36
C ALA D 32 -15.06 32.76 12.30
N GLU D 33 -13.91 33.42 12.03
CA GLU D 33 -13.81 34.49 11.02
C GLU D 33 -14.19 33.99 9.62
N GLN D 34 -13.88 32.72 9.28
CA GLN D 34 -14.14 32.18 7.96
C GLN D 34 -15.02 30.91 8.03
N TRP D 35 -15.67 30.66 9.19
CA TRP D 35 -16.49 29.47 9.31
C TRP D 35 -17.89 29.75 9.86
N VAL D 36 -18.88 29.07 9.28
CA VAL D 36 -20.29 29.14 9.64
C VAL D 36 -20.79 27.71 9.91
N LEU D 37 -21.32 27.48 11.13
CA LEU D 37 -21.90 26.19 11.52
C LEU D 37 -23.37 26.18 11.18
N SER D 38 -23.78 25.18 10.40
CA SER D 38 -25.16 24.97 9.96
C SER D 38 -25.51 23.47 10.07
N ALA D 39 -26.72 23.08 9.68
CA ALA D 39 -27.19 21.68 9.72
C ALA D 39 -26.86 20.96 8.41
N ALA D 40 -26.65 19.64 8.48
CA ALA D 40 -26.24 18.81 7.34
C ALA D 40 -27.31 18.67 6.24
N HIS D 41 -28.58 18.51 6.59
CA HIS D 41 -29.62 18.29 5.55
C HIS D 41 -30.08 19.59 4.89
N CYS D 42 -29.31 20.67 5.02
CA CYS D 42 -29.67 21.95 4.43
C CYS D 42 -29.45 21.92 2.94
N LEU D 43 -28.31 21.35 2.50
CA LEU D 43 -27.98 21.38 1.08
C LEU D 43 -28.40 20.10 0.35
N GLU D 44 -29.57 19.54 0.75
CA GLU D 44 -30.13 18.32 0.18
C GLU D 44 -30.76 18.53 -1.22
N ASP D 45 -31.16 19.79 -1.54
CA ASP D 45 -31.79 20.11 -2.82
C ASP D 45 -31.17 21.35 -3.48
N ALA D 46 -29.85 21.54 -3.24
CA ALA D 46 -29.10 22.66 -3.82
C ALA D 46 -28.82 22.45 -5.31
N ALA D 47 -28.43 21.21 -5.69
CA ALA D 47 -28.05 20.78 -7.05
C ALA D 47 -26.88 21.66 -7.57
N ASP D 48 -26.86 22.06 -8.85
CA ASP D 48 -25.78 22.89 -9.40
C ASP D 48 -25.98 24.41 -9.11
N GLY D 49 -26.89 24.76 -8.19
CA GLY D 49 -27.17 26.13 -7.78
C GLY D 49 -26.06 26.72 -6.93
N LYS D 50 -25.99 28.06 -6.87
CA LYS D 50 -24.98 28.79 -6.11
C LYS D 50 -25.34 28.84 -4.62
N VAL D 51 -24.53 28.18 -3.78
CA VAL D 51 -24.70 28.17 -2.32
C VAL D 51 -23.85 29.31 -1.75
N GLN D 52 -24.49 30.18 -0.94
CA GLN D 52 -23.83 31.33 -0.32
C GLN D 52 -24.31 31.56 1.11
N VAL D 53 -23.52 32.30 1.87
CA VAL D 53 -23.81 32.64 3.26
C VAL D 53 -23.93 34.18 3.37
N LEU D 54 -25.03 34.65 3.98
CA LEU D 54 -25.26 36.09 4.14
C LEU D 54 -24.92 36.52 5.59
N LEU D 55 -24.11 37.58 5.73
CA LEU D 55 -23.74 38.03 7.08
C LEU D 55 -24.12 39.49 7.33
N GLY D 56 -24.36 39.80 8.61
CA GLY D 56 -24.72 41.14 9.05
C GLY D 56 -26.04 41.62 8.51
N ALA D 57 -27.03 40.71 8.47
CA ALA D 57 -28.35 41.00 7.94
C ALA D 57 -29.41 40.99 9.00
N HIS D 58 -30.48 41.74 8.76
CA HIS D 58 -31.71 41.75 9.53
C HIS D 58 -32.84 41.49 8.56
N SER D 59 -32.93 42.31 7.50
CA SER D 59 -33.87 42.10 6.41
C SER D 59 -33.13 41.40 5.29
N LEU D 60 -33.73 40.37 4.72
CA LEU D 60 -33.11 39.62 3.65
C LEU D 60 -33.10 40.42 2.33
N SER D 61 -34.18 41.19 2.05
CA SER D 61 -34.37 41.95 0.82
C SER D 61 -33.84 43.39 0.87
N GLN D 62 -34.22 44.16 1.90
CA GLN D 62 -33.84 45.56 2.07
C GLN D 62 -32.34 45.78 2.21
N PRO D 63 -31.79 46.89 1.66
CA PRO D 63 -30.35 47.12 1.78
C PRO D 63 -29.95 47.58 3.18
N GLU D 64 -28.81 47.04 3.65
CA GLU D 64 -28.17 47.34 4.93
C GLU D 64 -26.66 47.42 4.70
N PRO D 65 -25.96 48.41 5.32
CA PRO D 65 -24.52 48.54 5.09
C PRO D 65 -23.74 47.31 5.51
N SER D 66 -24.14 46.74 6.66
CA SER D 66 -23.57 45.57 7.34
C SER D 66 -23.67 44.30 6.50
N LYS D 67 -24.70 44.17 5.64
CA LYS D 67 -24.93 42.99 4.79
C LYS D 67 -23.78 42.68 3.86
N ARG D 68 -23.34 41.41 3.84
CA ARG D 68 -22.30 40.94 2.93
C ARG D 68 -22.53 39.47 2.61
N LEU D 69 -22.64 39.17 1.31
CA LEU D 69 -22.86 37.82 0.79
C LEU D 69 -21.52 37.19 0.49
N TYR D 70 -21.28 35.98 1.03
CA TYR D 70 -20.02 35.25 0.86
C TYR D 70 -20.22 33.94 0.12
N ASP D 71 -19.22 33.54 -0.67
CA ASP D 71 -19.27 32.28 -1.42
C ASP D 71 -18.77 31.13 -0.55
N VAL D 72 -19.33 29.92 -0.71
CA VAL D 72 -18.89 28.79 0.10
C VAL D 72 -17.73 28.14 -0.63
N LEU D 73 -16.55 28.22 -0.01
CA LEU D 73 -15.28 27.67 -0.52
C LEU D 73 -15.19 26.17 -0.22
N ARG D 74 -15.76 25.73 0.92
CA ARG D 74 -15.71 24.33 1.37
C ARG D 74 -16.93 24.02 2.26
N ALA D 75 -17.63 22.87 2.01
CA ALA D 75 -18.78 22.46 2.82
C ALA D 75 -18.52 21.08 3.41
N VAL D 76 -18.13 21.08 4.70
CA VAL D 76 -17.70 19.93 5.50
C VAL D 76 -18.87 19.34 6.35
N PRO D 77 -19.56 18.28 5.89
CA PRO D 77 -20.60 17.67 6.74
C PRO D 77 -19.98 16.72 7.76
N HIS D 78 -20.72 16.40 8.85
CA HIS D 78 -20.21 15.46 9.86
C HIS D 78 -20.08 14.09 9.20
N PRO D 79 -18.94 13.39 9.41
CA PRO D 79 -18.73 12.09 8.73
C PRO D 79 -19.86 11.08 8.96
N ASP D 80 -20.43 11.04 10.18
CA ASP D 80 -21.46 10.08 10.56
C ASP D 80 -22.89 10.60 10.28
N SER D 81 -23.03 11.70 9.52
CA SER D 81 -24.35 12.20 9.16
C SER D 81 -24.91 11.39 8.01
N GLN D 82 -26.23 11.17 8.00
CA GLN D 82 -26.95 10.42 6.98
C GLN D 82 -28.24 11.15 6.62
N PRO D 83 -28.80 11.00 5.40
CA PRO D 83 -30.06 11.71 5.09
C PRO D 83 -31.25 11.18 5.89
N ASP D 84 -31.24 9.88 6.18
CA ASP D 84 -32.29 9.14 6.90
C ASP D 84 -32.41 9.55 8.38
N THR D 85 -31.33 10.01 9.03
CA THR D 85 -31.38 10.32 10.46
C THR D 85 -31.03 11.76 10.81
N ILE D 86 -31.58 12.24 11.95
CA ILE D 86 -31.34 13.56 12.51
C ILE D 86 -30.07 13.58 13.40
N ASP D 87 -29.38 12.43 13.47
CA ASP D 87 -28.17 12.27 14.25
C ASP D 87 -26.98 12.89 13.50
N HIS D 88 -26.11 13.58 14.26
CA HIS D 88 -24.88 14.25 13.78
C HIS D 88 -25.20 15.22 12.65
N ASP D 89 -26.35 15.91 12.78
CA ASP D 89 -26.87 16.86 11.81
C ASP D 89 -26.11 18.19 11.83
N LEU D 90 -24.80 18.12 11.54
CA LEU D 90 -23.96 19.31 11.49
C LEU D 90 -23.27 19.45 10.15
N LEU D 91 -22.96 20.69 9.79
CA LEU D 91 -22.30 21.04 8.56
C LEU D 91 -21.51 22.32 8.74
N LEU D 92 -20.22 22.28 8.37
CA LEU D 92 -19.35 23.43 8.48
C LEU D 92 -19.10 24.04 7.11
N LEU D 93 -19.35 25.35 7.00
CA LEU D 93 -19.15 26.04 5.73
C LEU D 93 -18.02 27.06 5.83
N GLN D 94 -17.00 26.90 4.99
CA GLN D 94 -15.85 27.79 4.91
C GLN D 94 -16.15 28.86 3.89
N LEU D 95 -16.10 30.13 4.32
CA LEU D 95 -16.37 31.26 3.42
C LEU D 95 -15.19 31.46 2.46
N SER D 96 -15.46 32.05 1.28
CA SER D 96 -14.49 32.34 0.21
C SER D 96 -13.27 33.10 0.75
N GLU D 97 -13.53 34.08 1.63
CA GLU D 97 -12.54 34.90 2.33
C GLU D 97 -13.00 35.12 3.77
N LYS D 98 -12.12 35.64 4.66
CA LYS D 98 -12.50 35.92 6.05
C LYS D 98 -13.59 36.99 6.08
N ALA D 99 -14.57 36.81 6.95
CA ALA D 99 -15.65 37.77 7.10
C ALA D 99 -15.12 39.08 7.66
N THR D 100 -15.69 40.20 7.19
CA THR D 100 -15.34 41.54 7.64
C THR D 100 -16.12 41.75 8.94
N LEU D 101 -15.39 41.69 10.07
CA LEU D 101 -16.00 41.80 11.40
C LEU D 101 -16.36 43.22 11.76
N GLY D 102 -17.45 43.36 12.51
CA GLY D 102 -17.95 44.64 12.98
C GLY D 102 -19.05 44.52 14.01
N PRO D 103 -19.79 45.63 14.28
CA PRO D 103 -20.86 45.57 15.28
C PRO D 103 -22.00 44.61 14.90
N ALA D 104 -22.24 44.39 13.59
CA ALA D 104 -23.29 43.49 13.11
C ALA D 104 -22.74 42.15 12.60
N VAL D 105 -21.40 41.96 12.58
CA VAL D 105 -20.75 40.71 12.17
C VAL D 105 -19.72 40.34 13.24
N ARG D 106 -20.04 39.34 14.07
CA ARG D 106 -19.13 38.90 15.14
C ARG D 106 -19.36 37.42 15.43
N PRO D 107 -18.31 36.56 15.44
CA PRO D 107 -18.56 35.13 15.73
C PRO D 107 -18.99 34.90 17.17
N LEU D 108 -19.80 33.86 17.38
CA LEU D 108 -20.32 33.50 18.70
C LEU D 108 -19.45 32.43 19.38
N PRO D 109 -19.09 32.62 20.66
CA PRO D 109 -18.35 31.56 21.37
C PRO D 109 -19.27 30.35 21.60
N TRP D 110 -18.83 29.20 21.12
CA TRP D 110 -19.61 27.99 21.26
C TRP D 110 -19.09 27.13 22.43
N GLN D 111 -20.03 26.43 23.13
CA GLN D 111 -19.75 25.56 24.28
C GLN D 111 -18.82 24.41 23.89
N ARG D 112 -17.67 24.31 24.59
CA ARG D 112 -16.66 23.30 24.36
C ARG D 112 -16.68 22.20 25.43
N VAL D 113 -17.22 22.51 26.63
CA VAL D 113 -17.37 21.60 27.76
C VAL D 113 -18.66 20.77 27.60
N ASP D 114 -18.54 19.45 27.46
CA ASP D 114 -19.70 18.59 27.23
C ASP D 114 -20.55 18.37 28.50
N ARG D 115 -21.39 19.37 28.82
CA ARG D 115 -22.33 19.35 29.95
C ARG D 115 -23.74 19.70 29.45
N ASP D 116 -24.74 18.88 29.80
CA ASP D 116 -26.13 19.11 29.40
C ASP D 116 -26.64 20.43 29.95
N VAL D 117 -27.41 21.17 29.12
CA VAL D 117 -28.05 22.41 29.53
C VAL D 117 -29.17 22.00 30.49
N ALA D 118 -29.15 22.58 31.69
CA ALA D 118 -30.09 22.28 32.75
C ALA D 118 -31.55 22.45 32.29
N PRO D 119 -32.38 21.38 32.36
CA PRO D 119 -33.78 21.52 31.93
C PRO D 119 -34.49 22.63 32.68
N GLY D 120 -35.17 23.50 31.94
CA GLY D 120 -35.86 24.65 32.48
C GLY D 120 -35.15 25.93 32.12
N THR D 121 -33.87 25.84 31.69
CA THR D 121 -33.07 26.99 31.26
C THR D 121 -33.74 27.63 30.05
N LEU D 122 -33.86 28.96 30.06
CA LEU D 122 -34.48 29.67 28.96
C LEU D 122 -33.42 29.96 27.90
N CYS D 123 -33.67 29.49 26.68
CA CYS D 123 -32.73 29.62 25.56
C CYS D 123 -33.36 30.37 24.41
N ASP D 124 -32.52 31.09 23.67
CA ASP D 124 -32.94 31.94 22.57
C ASP D 124 -32.59 31.32 21.21
N VAL D 125 -33.62 30.97 20.42
CA VAL D 125 -33.46 30.45 19.07
C VAL D 125 -33.97 31.51 18.07
N ALA D 126 -33.14 31.90 17.08
CA ALA D 126 -33.48 32.90 16.07
C ALA D 126 -33.34 32.36 14.62
N GLY D 127 -34.14 32.89 13.69
CA GLY D 127 -34.10 32.48 12.29
C GLY D 127 -35.11 33.12 11.35
N TRP D 128 -34.84 33.04 10.03
CA TRP D 128 -35.71 33.55 8.96
C TRP D 128 -36.67 32.46 8.43
N GLY D 129 -36.89 31.44 9.28
CA GLY D 129 -37.77 30.32 8.98
C GLY D 129 -39.22 30.74 9.05
N ILE D 130 -40.11 29.88 8.47
CA ILE D 130 -41.57 30.07 8.36
C ILE D 130 -42.16 30.49 9.73
N VAL D 131 -42.99 31.55 9.69
CA VAL D 131 -43.58 32.16 10.88
C VAL D 131 -45.01 31.62 11.16
N ASN D 132 -45.61 30.91 10.19
CA ASN D 132 -46.94 30.29 10.37
C ASN D 132 -46.97 28.95 9.65
N HIS D 133 -48.01 28.13 9.90
CA HIS D 133 -48.13 26.82 9.24
C HIS D 133 -48.46 26.96 7.75
N ALA D 134 -48.96 28.15 7.34
CA ALA D 134 -49.26 28.47 5.93
C ALA D 134 -47.94 28.61 5.11
N GLY D 135 -46.81 28.84 5.80
CA GLY D 135 -45.50 28.97 5.17
C GLY D 135 -45.00 30.37 4.92
N ARG D 136 -45.57 31.39 5.61
CA ARG D 136 -45.17 32.80 5.44
C ARG D 136 -43.68 32.94 5.75
N ARG D 137 -42.90 33.35 4.73
CA ARG D 137 -41.46 33.57 4.90
C ARG D 137 -41.24 34.99 5.47
N PRO D 138 -40.66 35.15 6.69
CA PRO D 138 -40.40 36.52 7.19
C PRO D 138 -39.22 37.16 6.47
N ASP D 139 -39.25 38.47 6.26
CA ASP D 139 -38.16 39.17 5.59
C ASP D 139 -37.10 39.53 6.60
N SER D 140 -37.55 39.95 7.79
CA SER D 140 -36.68 40.33 8.89
C SER D 140 -36.50 39.14 9.86
N LEU D 141 -35.38 39.14 10.60
CA LEU D 141 -35.03 38.09 11.55
C LEU D 141 -36.03 38.03 12.70
N GLN D 142 -36.43 36.80 13.05
CA GLN D 142 -37.37 36.48 14.12
C GLN D 142 -36.64 35.69 15.19
N HIS D 143 -37.19 35.64 16.42
CA HIS D 143 -36.60 34.87 17.52
C HIS D 143 -37.66 34.49 18.54
N VAL D 144 -37.37 33.48 19.37
CA VAL D 144 -38.26 32.99 20.44
C VAL D 144 -37.40 32.49 21.62
N LEU D 145 -37.92 32.62 22.85
CA LEU D 145 -37.27 32.12 24.06
C LEU D 145 -37.97 30.86 24.50
N LEU D 146 -37.27 29.74 24.39
CA LEU D 146 -37.84 28.45 24.73
C LEU D 146 -37.09 27.82 25.91
N PRO D 147 -37.84 27.24 26.88
CA PRO D 147 -37.17 26.55 28.00
C PRO D 147 -36.71 25.15 27.59
N VAL D 148 -35.52 24.74 28.07
CA VAL D 148 -34.92 23.43 27.77
C VAL D 148 -35.77 22.33 28.43
N LEU D 149 -36.16 21.34 27.64
CA LEU D 149 -36.96 20.22 28.08
C LEU D 149 -36.03 19.07 28.41
N ASP D 150 -36.25 18.39 29.56
CA ASP D 150 -35.42 17.25 29.97
C ASP D 150 -35.60 16.07 28.99
N ARG D 151 -34.50 15.36 28.74
CA ARG D 151 -34.44 14.27 27.78
C ARG D 151 -35.47 13.18 28.08
N ALA D 152 -35.73 12.87 29.37
CA ALA D 152 -36.68 11.84 29.79
C ALA D 152 -38.08 12.13 29.25
N THR D 153 -38.54 13.39 29.35
CA THR D 153 -39.84 13.82 28.85
C THR D 153 -39.86 13.76 27.32
N CYS D 154 -38.73 14.17 26.68
CA CYS D 154 -38.56 14.16 25.22
C CYS D 154 -38.71 12.78 24.70
N ASN D 155 -38.09 11.82 25.40
CA ASN D 155 -38.00 10.46 24.92
C ASN D 155 -39.26 9.62 25.17
N ARG D 156 -40.35 10.20 25.72
CA ARG D 156 -41.61 9.48 25.93
C ARG D 156 -42.18 8.93 24.62
N ARG D 157 -42.97 7.83 24.68
CA ARG D 157 -43.54 7.23 23.47
C ARG D 157 -44.47 8.22 22.73
N THR D 158 -45.19 9.04 23.51
CA THR D 158 -46.09 10.09 23.03
C THR D 158 -45.28 11.24 22.40
N HIS D 159 -43.98 11.35 22.78
CA HIS D 159 -43.08 12.39 22.34
C HIS D 159 -42.13 11.87 21.27
N HIS D 160 -40.81 11.75 21.53
CA HIS D 160 -39.91 11.33 20.47
C HIS D 160 -39.46 9.85 20.57
N ASP D 161 -40.02 9.09 21.53
CA ASP D 161 -39.78 7.65 21.73
C ASP D 161 -38.29 7.25 21.64
N GLY D 162 -37.49 7.77 22.56
CA GLY D 162 -36.08 7.44 22.68
C GLY D 162 -35.15 7.94 21.59
N ALA D 163 -35.69 8.70 20.61
CA ALA D 163 -34.90 9.25 19.51
C ALA D 163 -33.87 10.30 19.95
N ILE D 164 -34.08 10.94 21.13
CA ILE D 164 -33.19 11.98 21.66
C ILE D 164 -32.03 11.33 22.40
N THR D 165 -30.86 11.33 21.73
CA THR D 165 -29.61 10.77 22.21
C THR D 165 -28.96 11.77 23.18
N GLU D 166 -27.86 11.36 23.84
CA GLU D 166 -27.13 12.22 24.78
C GLU D 166 -26.43 13.36 24.03
N ARG D 167 -26.36 13.26 22.69
CA ARG D 167 -25.76 14.22 21.77
C ARG D 167 -26.80 15.24 21.25
N LEU D 168 -28.08 14.99 21.58
CA LEU D 168 -29.19 15.87 21.22
C LEU D 168 -29.83 16.48 22.47
N MET D 169 -30.53 17.61 22.28
CA MET D 169 -31.24 18.32 23.34
C MET D 169 -32.63 18.77 22.84
N CYS D 170 -33.55 19.11 23.75
CA CYS D 170 -34.86 19.57 23.32
C CYS D 170 -35.30 20.76 24.10
N ALA D 171 -36.20 21.51 23.49
CA ALA D 171 -36.84 22.70 24.00
C ALA D 171 -38.35 22.57 23.83
N GLU D 172 -39.14 23.28 24.67
CA GLU D 172 -40.61 23.23 24.60
C GLU D 172 -41.11 23.68 23.22
N SER D 173 -42.25 23.16 22.79
CA SER D 173 -42.74 23.49 21.46
C SER D 173 -44.18 23.93 21.43
N ASN D 174 -44.83 24.10 22.62
CA ASN D 174 -46.24 24.47 22.73
C ASN D 174 -46.51 25.82 22.06
N ARG D 175 -46.98 25.75 20.78
CA ARG D 175 -47.26 26.87 19.87
C ARG D 175 -45.93 27.56 19.48
N ARG D 176 -45.17 28.05 20.49
CA ARG D 176 -43.86 28.66 20.30
C ARG D 176 -42.86 27.58 20.02
N ASP D 177 -42.25 27.62 18.82
CA ASP D 177 -41.30 26.62 18.32
C ASP D 177 -40.54 27.09 17.08
N SER D 178 -39.39 26.46 16.80
CA SER D 178 -38.59 26.69 15.60
C SER D 178 -39.23 25.86 14.48
N CYS D 179 -39.06 26.24 13.20
CA CYS D 179 -39.71 25.49 12.13
C CYS D 179 -38.88 25.45 10.83
N LYS D 180 -39.53 25.07 9.70
CA LYS D 180 -38.96 25.01 8.35
C LYS D 180 -38.18 26.29 8.07
N GLY D 181 -36.90 26.16 7.73
CA GLY D 181 -36.04 27.31 7.47
C GLY D 181 -35.31 27.87 8.68
N ASP D 182 -35.63 27.37 9.87
CA ASP D 182 -34.93 27.76 11.09
C ASP D 182 -33.77 26.81 11.33
N SER D 183 -33.83 25.63 10.67
CA SER D 183 -32.82 24.56 10.67
C SER D 183 -31.42 25.13 10.39
N GLY D 184 -30.42 24.65 11.12
CA GLY D 184 -29.06 25.16 10.99
C GLY D 184 -28.81 26.41 11.82
N GLY D 185 -29.88 26.94 12.39
CA GLY D 185 -29.87 28.13 13.24
C GLY D 185 -29.36 27.89 14.64
N PRO D 186 -29.03 28.97 15.38
CA PRO D 186 -28.47 28.79 16.72
C PRO D 186 -29.51 28.67 17.83
N LEU D 187 -29.11 28.01 18.92
CA LEU D 187 -29.81 27.88 20.18
C LEU D 187 -28.82 28.38 21.21
N VAL D 188 -29.07 29.57 21.75
CA VAL D 188 -28.14 30.20 22.67
C VAL D 188 -28.72 30.30 24.08
N CYS D 189 -27.94 29.77 25.03
CA CYS D 189 -28.18 29.78 26.47
C CYS D 189 -26.94 30.36 27.13
N GLY D 190 -27.15 31.39 27.93
CA GLY D 190 -26.08 32.06 28.65
C GLY D 190 -25.14 32.86 27.77
N GLY D 191 -25.55 33.14 26.54
CA GLY D 191 -24.75 33.89 25.58
C GLY D 191 -23.69 33.04 24.91
N VAL D 192 -23.80 31.72 25.06
CA VAL D 192 -22.90 30.74 24.47
C VAL D 192 -23.71 29.72 23.69
N LEU D 193 -23.32 29.48 22.42
CA LEU D 193 -23.96 28.52 21.50
C LEU D 193 -23.99 27.12 22.13
N GLU D 194 -25.20 26.59 22.33
CA GLU D 194 -25.40 25.28 22.97
C GLU D 194 -25.92 24.27 21.97
N GLY D 195 -26.85 24.71 21.13
CA GLY D 195 -27.47 23.85 20.15
C GLY D 195 -27.65 24.47 18.79
N VAL D 196 -27.90 23.62 17.80
CA VAL D 196 -28.14 24.00 16.41
C VAL D 196 -29.40 23.25 15.98
N VAL D 197 -30.40 24.00 15.46
CA VAL D 197 -31.71 23.50 15.01
C VAL D 197 -31.51 22.39 13.97
N THR D 198 -32.16 21.22 14.14
CA THR D 198 -31.99 20.12 13.18
C THR D 198 -32.68 20.44 11.86
N SER D 199 -32.11 19.94 10.75
CA SER D 199 -32.60 20.12 9.37
C SER D 199 -33.48 18.96 8.92
N GLY D 200 -33.94 18.18 9.89
CA GLY D 200 -34.81 17.04 9.65
C GLY D 200 -36.24 17.49 9.57
N SER D 201 -36.97 16.99 8.57
CA SER D 201 -38.37 17.33 8.34
C SER D 201 -39.19 16.88 9.53
N ARG D 202 -39.58 17.82 10.40
CA ARG D 202 -40.35 17.52 11.61
C ARG D 202 -41.73 18.24 11.61
N VAL D 203 -42.43 18.22 12.75
CA VAL D 203 -43.75 18.84 12.86
C VAL D 203 -43.72 19.91 14.00
N CYS D 204 -43.70 21.20 13.60
CA CYS D 204 -43.59 22.35 14.49
C CYS D 204 -44.92 22.73 15.17
N GLY D 205 -44.78 23.38 16.33
CA GLY D 205 -45.87 23.93 17.12
C GLY D 205 -46.55 22.99 18.09
N ASN D 206 -46.60 21.67 17.77
CA ASN D 206 -47.26 20.67 18.62
C ASN D 206 -46.39 20.36 19.82
N ARG D 207 -46.95 20.53 21.05
CA ARG D 207 -46.25 20.35 22.33
C ARG D 207 -45.80 18.91 22.54
N LYS D 208 -46.54 17.92 22.00
CA LYS D 208 -46.21 16.51 22.17
C LYS D 208 -44.98 16.09 21.30
N LYS D 209 -44.54 16.94 20.36
CA LYS D 209 -43.36 16.67 19.56
C LYS D 209 -42.39 17.86 19.73
N PRO D 210 -41.58 17.86 20.83
CA PRO D 210 -40.67 19.00 21.11
C PRO D 210 -39.62 19.28 20.02
N GLY D 211 -39.01 20.46 20.08
CA GLY D 211 -37.98 20.88 19.14
C GLY D 211 -36.70 20.11 19.37
N ILE D 212 -36.04 19.68 18.29
CA ILE D 212 -34.79 18.90 18.40
C ILE D 212 -33.62 19.79 17.96
N TYR D 213 -32.58 19.85 18.79
CA TYR D 213 -31.37 20.66 18.58
C TYR D 213 -30.11 19.83 18.84
N THR D 214 -29.14 19.89 17.93
CA THR D 214 -27.87 19.17 18.03
C THR D 214 -27.01 19.86 19.08
N ARG D 215 -26.52 19.11 20.10
CA ARG D 215 -25.65 19.69 21.13
C ARG D 215 -24.23 19.97 20.57
N VAL D 216 -23.86 21.27 20.39
CA VAL D 216 -22.55 21.64 19.81
C VAL D 216 -21.39 21.19 20.73
N ALA D 217 -21.61 21.14 22.07
CA ALA D 217 -20.61 20.67 23.04
C ALA D 217 -20.28 19.18 22.80
N SER D 218 -21.29 18.39 22.40
CA SER D 218 -21.20 16.99 22.09
C SER D 218 -20.39 16.74 20.78
N TYR D 219 -20.15 17.81 20.00
CA TYR D 219 -19.45 17.70 18.72
C TYR D 219 -18.27 18.69 18.63
N ALA D 220 -17.91 19.31 19.77
CA ALA D 220 -16.82 20.30 19.91
C ALA D 220 -15.44 19.77 19.44
N ALA D 221 -15.20 18.44 19.62
CA ALA D 221 -14.00 17.68 19.22
C ALA D 221 -13.78 17.75 17.73
N TRP D 222 -14.89 17.50 16.96
CA TRP D 222 -14.95 17.52 15.51
C TRP D 222 -14.86 18.95 14.95
N ILE D 223 -15.63 19.88 15.52
CA ILE D 223 -15.68 21.28 15.08
C ILE D 223 -14.25 21.86 15.11
N ASP D 224 -13.55 21.73 16.25
CA ASP D 224 -12.19 22.24 16.41
C ASP D 224 -11.25 21.65 15.35
N SER D 225 -11.34 20.30 15.13
CA SER D 225 -10.55 19.57 14.15
C SER D 225 -10.65 20.19 12.73
N VAL D 226 -11.89 20.56 12.31
CA VAL D 226 -12.18 21.16 10.99
C VAL D 226 -11.69 22.60 10.93
N LEU D 227 -12.11 23.42 11.90
CA LEU D 227 -11.72 24.83 11.96
C LEU D 227 -10.20 24.97 12.02
N ALA D 228 -9.47 24.01 12.66
CA ALA D 228 -8.01 23.97 12.68
C ALA D 228 -7.50 23.17 11.45
N ILE E 1 -22.03 9.22 -15.80
CA ILE E 1 -22.20 10.12 -14.67
C ILE E 1 -23.63 9.93 -14.10
N LEU E 2 -23.73 9.45 -12.84
CA LEU E 2 -25.03 9.25 -12.18
C LEU E 2 -25.47 10.53 -11.48
N GLY E 3 -26.72 10.92 -11.68
CA GLY E 3 -27.31 12.11 -11.07
C GLY E 3 -26.71 13.46 -11.43
N GLY E 4 -26.17 13.58 -12.64
CA GLY E 4 -25.61 14.84 -13.10
C GLY E 4 -26.40 15.49 -14.22
N ARG E 5 -25.95 16.68 -14.64
CA ARG E 5 -26.50 17.46 -15.73
C ARG E 5 -25.72 17.21 -17.03
N GLU E 6 -26.25 17.67 -18.17
CA GLU E 6 -25.51 17.60 -19.43
C GLU E 6 -24.54 18.76 -19.42
N ALA E 7 -23.31 18.53 -19.86
CA ALA E 7 -22.28 19.57 -19.90
C ALA E 7 -22.57 20.63 -20.96
N GLU E 8 -22.05 21.85 -20.78
CA GLU E 8 -22.17 22.94 -21.76
C GLU E 8 -21.23 22.59 -22.90
N ALA E 9 -21.74 22.54 -24.14
CA ALA E 9 -20.97 22.14 -25.32
C ALA E 9 -19.63 22.88 -25.43
N HIS E 10 -18.53 22.09 -25.45
CA HIS E 10 -17.13 22.49 -25.59
C HIS E 10 -16.65 23.48 -24.49
N ALA E 11 -17.30 23.44 -23.29
CA ALA E 11 -16.92 24.28 -22.14
C ALA E 11 -15.67 23.69 -21.43
N ARG E 12 -15.40 22.38 -21.65
CA ARG E 12 -14.25 21.65 -21.10
C ARG E 12 -13.39 21.13 -22.25
N PRO E 13 -12.57 22.00 -22.90
CA PRO E 13 -11.78 21.55 -24.08
C PRO E 13 -10.80 20.40 -23.82
N TYR E 14 -10.31 20.27 -22.58
CA TYR E 14 -9.36 19.24 -22.15
C TYR E 14 -9.93 17.82 -22.25
N MET E 15 -11.26 17.69 -22.18
CA MET E 15 -11.98 16.43 -22.20
C MET E 15 -11.68 15.61 -23.47
N ALA E 16 -11.45 14.30 -23.28
CA ALA E 16 -11.16 13.36 -24.35
C ALA E 16 -11.96 12.08 -24.19
N SER E 17 -12.23 11.37 -25.29
CA SER E 17 -12.93 10.10 -25.27
C SER E 17 -11.98 9.00 -25.77
N VAL E 18 -11.57 8.11 -24.85
CA VAL E 18 -10.70 6.99 -25.21
C VAL E 18 -11.64 5.93 -25.77
N GLN E 19 -11.47 5.68 -27.07
CA GLN E 19 -12.32 4.78 -27.84
C GLN E 19 -11.55 3.59 -28.42
N LEU E 20 -12.22 2.42 -28.44
CA LEU E 20 -11.74 1.20 -29.03
C LEU E 20 -12.79 0.69 -30.01
N ASN E 21 -12.39 0.57 -31.28
CA ASN E 21 -13.19 0.11 -32.41
C ASN E 21 -14.40 1.05 -32.60
N GLY E 22 -14.09 2.36 -32.57
CA GLY E 22 -15.04 3.45 -32.72
C GLY E 22 -16.06 3.54 -31.62
N ALA E 23 -15.80 2.86 -30.50
CA ALA E 23 -16.66 2.82 -29.33
C ALA E 23 -15.91 3.37 -28.14
N HIS E 24 -16.54 4.27 -27.40
CA HIS E 24 -16.00 4.89 -26.19
C HIS E 24 -16.00 3.88 -25.04
N LEU E 25 -14.82 3.73 -24.37
CA LEU E 25 -14.69 2.87 -23.17
C LEU E 25 -14.32 3.71 -21.99
N CYS E 26 -13.49 4.72 -22.21
CA CYS E 26 -13.02 5.55 -21.12
C CYS E 26 -13.00 7.02 -21.47
N GLY E 27 -12.86 7.80 -20.42
CA GLY E 27 -12.67 9.24 -20.51
C GLY E 27 -11.17 9.51 -20.44
N GLY E 28 -10.78 10.72 -20.78
CA GLY E 28 -9.38 11.12 -20.77
C GLY E 28 -9.24 12.61 -20.68
N VAL E 29 -8.03 13.08 -20.39
CA VAL E 29 -7.81 14.52 -20.28
C VAL E 29 -6.52 14.88 -21.02
N LEU E 30 -6.61 15.85 -21.93
CA LEU E 30 -5.49 16.38 -22.71
C LEU E 30 -4.61 17.15 -21.72
N VAL E 31 -3.42 16.61 -21.45
CA VAL E 31 -2.50 17.21 -20.47
C VAL E 31 -1.39 18.02 -21.19
N ALA E 32 -1.10 17.66 -22.46
CA ALA E 32 -0.12 18.28 -23.36
C ALA E 32 -0.65 18.31 -24.79
N GLU E 33 0.07 18.94 -25.74
CA GLU E 33 -0.35 19.00 -27.16
C GLU E 33 -0.48 17.60 -27.79
N GLN E 34 0.36 16.64 -27.38
CA GLN E 34 0.35 15.30 -27.96
C GLN E 34 0.12 14.22 -26.90
N TRP E 35 -0.32 14.62 -25.69
CA TRP E 35 -0.53 13.63 -24.63
C TRP E 35 -1.90 13.74 -23.97
N VAL E 36 -2.53 12.57 -23.73
CA VAL E 36 -3.82 12.41 -23.09
C VAL E 36 -3.63 11.46 -21.89
N LEU E 37 -3.97 11.92 -20.70
CA LEU E 37 -3.89 11.15 -19.47
C LEU E 37 -5.25 10.48 -19.21
N SER E 38 -5.22 9.19 -18.90
CA SER E 38 -6.40 8.35 -18.65
C SER E 38 -6.01 7.25 -17.63
N ALA E 39 -6.88 6.27 -17.37
CA ALA E 39 -6.65 5.19 -16.41
C ALA E 39 -6.08 3.92 -17.08
N ALA E 40 -5.28 3.16 -16.32
CA ALA E 40 -4.59 1.98 -16.82
C ALA E 40 -5.49 0.81 -17.19
N HIS E 41 -6.54 0.48 -16.41
CA HIS E 41 -7.36 -0.70 -16.71
C HIS E 41 -8.39 -0.47 -17.82
N CYS E 42 -8.27 0.67 -18.54
CA CYS E 42 -9.14 0.98 -19.67
C CYS E 42 -8.88 0.01 -20.80
N LEU E 43 -7.60 -0.17 -21.17
CA LEU E 43 -7.17 -1.00 -22.27
C LEU E 43 -6.59 -2.36 -21.86
N GLU E 44 -6.82 -2.84 -20.62
CA GLU E 44 -6.26 -4.16 -20.24
C GLU E 44 -7.06 -5.28 -20.96
N ASP E 45 -8.30 -4.94 -21.38
CA ASP E 45 -9.16 -5.81 -22.16
C ASP E 45 -9.51 -5.03 -23.46
N ALA E 46 -8.48 -4.87 -24.33
CA ALA E 46 -8.55 -4.16 -25.61
C ALA E 46 -7.38 -4.56 -26.52
N ALA E 47 -7.14 -5.88 -26.64
CA ALA E 47 -6.05 -6.48 -27.44
C ALA E 47 -6.24 -6.20 -28.96
N ASP E 48 -6.95 -7.08 -29.68
CA ASP E 48 -7.31 -6.96 -31.08
C ASP E 48 -8.33 -5.80 -31.21
N GLY E 49 -7.83 -4.64 -31.63
CA GLY E 49 -8.70 -3.47 -31.78
C GLY E 49 -7.99 -2.15 -31.97
N LYS E 50 -8.62 -1.24 -32.72
CA LYS E 50 -8.11 0.10 -33.01
C LYS E 50 -8.39 1.04 -31.83
N VAL E 51 -7.33 1.44 -31.10
CA VAL E 51 -7.47 2.36 -29.97
C VAL E 51 -7.23 3.79 -30.50
N GLN E 52 -8.18 4.68 -30.21
CA GLN E 52 -8.14 6.09 -30.63
C GLN E 52 -8.66 7.04 -29.55
N VAL E 53 -8.28 8.30 -29.69
CA VAL E 53 -8.69 9.36 -28.78
C VAL E 53 -9.49 10.41 -29.58
N LEU E 54 -10.73 10.71 -29.14
CA LEU E 54 -11.56 11.72 -29.79
C LEU E 54 -11.48 13.01 -29.03
N LEU E 55 -10.93 14.02 -29.69
CA LEU E 55 -10.81 15.36 -29.12
C LEU E 55 -11.85 16.30 -29.74
N GLY E 56 -12.14 17.43 -29.08
CA GLY E 56 -13.09 18.43 -29.56
C GLY E 56 -14.53 17.97 -29.71
N ALA E 57 -14.98 17.07 -28.83
CA ALA E 57 -16.31 16.51 -28.90
C ALA E 57 -17.21 16.91 -27.76
N HIS E 58 -18.52 16.91 -28.04
CA HIS E 58 -19.61 17.06 -27.11
C HIS E 58 -20.48 15.83 -27.35
N SER E 59 -21.00 15.68 -28.58
CA SER E 59 -21.75 14.48 -28.98
C SER E 59 -20.79 13.49 -29.62
N LEU E 60 -20.90 12.23 -29.23
CA LEU E 60 -20.03 11.18 -29.75
C LEU E 60 -20.38 10.84 -31.21
N SER E 61 -21.68 10.84 -31.55
CA SER E 61 -22.20 10.46 -32.87
C SER E 61 -22.34 11.63 -33.86
N GLN E 62 -22.99 12.73 -33.45
CA GLN E 62 -23.26 13.89 -34.29
C GLN E 62 -21.99 14.60 -34.75
N PRO E 63 -21.98 15.15 -36.00
CA PRO E 63 -20.78 15.86 -36.47
C PRO E 63 -20.66 17.24 -35.83
N GLU E 64 -19.40 17.63 -35.53
CA GLU E 64 -19.01 18.91 -34.95
C GLU E 64 -17.73 19.37 -35.63
N PRO E 65 -17.59 20.67 -35.97
CA PRO E 65 -16.36 21.14 -36.65
C PRO E 65 -15.08 20.84 -35.86
N SER E 66 -15.16 21.06 -34.53
CA SER E 66 -14.12 20.89 -33.52
C SER E 66 -13.64 19.43 -33.38
N LYS E 67 -14.54 18.44 -33.59
CA LYS E 67 -14.26 16.99 -33.48
C LYS E 67 -13.11 16.52 -34.38
N ARG E 68 -12.16 15.77 -33.78
CA ARG E 68 -11.00 15.18 -34.46
C ARG E 68 -10.59 13.92 -33.74
N LEU E 69 -10.60 12.80 -34.47
CA LEU E 69 -10.19 11.49 -33.97
C LEU E 69 -8.70 11.28 -34.22
N TYR E 70 -7.93 10.93 -33.17
CA TYR E 70 -6.49 10.74 -33.26
C TYR E 70 -6.10 9.32 -32.99
N ASP E 71 -5.02 8.86 -33.63
CA ASP E 71 -4.52 7.51 -33.47
C ASP E 71 -3.52 7.48 -32.30
N VAL E 72 -3.48 6.37 -31.56
CA VAL E 72 -2.55 6.29 -30.43
C VAL E 72 -1.21 5.76 -30.96
N LEU E 73 -0.19 6.59 -30.88
CA LEU E 73 1.16 6.28 -31.32
C LEU E 73 1.94 5.48 -30.26
N ARG E 74 1.63 5.72 -28.98
CA ARG E 74 2.29 5.09 -27.83
C ARG E 74 1.33 5.09 -26.62
N ALA E 75 1.18 3.95 -25.94
CA ALA E 75 0.33 3.83 -24.75
C ALA E 75 1.18 3.41 -23.55
N VAL E 76 1.55 4.39 -22.73
CA VAL E 76 2.43 4.28 -21.57
C VAL E 76 1.65 4.07 -20.25
N PRO E 77 1.45 2.82 -19.77
CA PRO E 77 0.81 2.65 -18.46
C PRO E 77 1.83 2.87 -17.36
N HIS E 78 1.38 3.15 -16.13
CA HIS E 78 2.32 3.32 -15.02
C HIS E 78 3.01 1.98 -14.77
N PRO E 79 4.36 2.00 -14.63
CA PRO E 79 5.11 0.73 -14.46
C PRO E 79 4.59 -0.16 -13.35
N ASP E 80 4.21 0.44 -12.20
CA ASP E 80 3.74 -0.28 -11.02
C ASP E 80 2.22 -0.55 -11.03
N SER E 81 1.54 -0.36 -12.17
CA SER E 81 0.13 -0.69 -12.26
C SER E 81 -0.04 -2.21 -12.47
N GLN E 82 -1.10 -2.78 -11.91
CA GLN E 82 -1.43 -4.22 -11.98
C GLN E 82 -2.92 -4.38 -12.17
N PRO E 83 -3.42 -5.48 -12.77
CA PRO E 83 -4.88 -5.61 -12.96
C PRO E 83 -5.63 -5.79 -11.63
N ASP E 84 -5.00 -6.47 -10.67
CA ASP E 84 -5.50 -6.78 -9.33
C ASP E 84 -5.71 -5.56 -8.42
N THR E 85 -4.96 -4.45 -8.63
CA THR E 85 -5.08 -3.28 -7.76
C THR E 85 -5.44 -1.99 -8.48
N ILE E 86 -6.11 -1.08 -7.75
CA ILE E 86 -6.50 0.25 -8.24
C ILE E 86 -5.36 1.27 -8.03
N ASP E 87 -4.21 0.78 -7.52
CA ASP E 87 -3.05 1.62 -7.28
C ASP E 87 -2.31 1.89 -8.58
N HIS E 88 -1.81 3.15 -8.71
CA HIS E 88 -1.05 3.66 -9.85
C HIS E 88 -1.85 3.47 -11.15
N ASP E 89 -3.16 3.66 -11.06
CA ASP E 89 -4.11 3.47 -12.15
C ASP E 89 -4.04 4.63 -13.17
N LEU E 90 -2.85 4.87 -13.74
CA LEU E 90 -2.67 5.91 -14.73
C LEU E 90 -2.13 5.33 -16.02
N LEU E 91 -2.47 6.01 -17.14
CA LEU E 91 -2.09 5.63 -18.50
C LEU E 91 -1.96 6.89 -19.34
N LEU E 92 -0.78 7.08 -19.93
CA LEU E 92 -0.51 8.23 -20.80
C LEU E 92 -0.52 7.78 -22.25
N LEU E 93 -1.36 8.41 -23.08
CA LEU E 93 -1.48 8.09 -24.50
C LEU E 93 -0.90 9.19 -25.36
N GLN E 94 0.08 8.83 -26.22
CA GLN E 94 0.72 9.75 -27.15
C GLN E 94 -0.04 9.72 -28.44
N LEU E 95 -0.57 10.88 -28.87
CA LEU E 95 -1.33 10.96 -30.13
C LEU E 95 -0.38 10.84 -31.34
N SER E 96 -0.91 10.35 -32.48
CA SER E 96 -0.19 10.14 -33.75
C SER E 96 0.56 11.40 -34.17
N GLU E 97 -0.08 12.57 -34.00
CA GLU E 97 0.46 13.90 -34.27
C GLU E 97 -0.03 14.87 -33.19
N LYS E 98 0.52 16.09 -33.12
CA LYS E 98 0.07 17.08 -32.13
C LYS E 98 -1.38 17.48 -32.40
N ALA E 99 -2.16 17.66 -31.32
CA ALA E 99 -3.57 18.04 -31.40
C ALA E 99 -3.72 19.44 -31.95
N THR E 100 -4.74 19.65 -32.82
CA THR E 100 -5.04 20.96 -33.40
C THR E 100 -5.78 21.75 -32.32
N LEU E 101 -5.08 22.69 -31.69
CA LEU E 101 -5.62 23.48 -30.60
C LEU E 101 -6.53 24.57 -31.09
N GLY E 102 -7.64 24.73 -30.40
CA GLY E 102 -8.66 25.73 -30.67
C GLY E 102 -9.47 26.02 -29.44
N PRO E 103 -10.59 26.75 -29.56
CA PRO E 103 -11.44 27.01 -28.38
C PRO E 103 -12.08 25.75 -27.79
N ALA E 104 -12.17 24.66 -28.58
CA ALA E 104 -12.78 23.40 -28.15
C ALA E 104 -11.75 22.30 -27.85
N VAL E 105 -10.45 22.57 -28.11
CA VAL E 105 -9.33 21.66 -27.84
C VAL E 105 -8.21 22.47 -27.16
N ARG E 106 -8.07 22.29 -25.84
CA ARG E 106 -7.05 22.99 -25.07
C ARG E 106 -6.59 22.13 -23.90
N PRO E 107 -5.26 21.90 -23.70
CA PRO E 107 -4.83 21.05 -22.59
C PRO E 107 -5.10 21.70 -21.23
N LEU E 108 -5.38 20.88 -20.21
CA LEU E 108 -5.70 21.33 -18.86
C LEU E 108 -4.44 21.33 -17.97
N PRO E 109 -4.17 22.46 -17.24
CA PRO E 109 -3.05 22.45 -16.30
C PRO E 109 -3.34 21.48 -15.14
N TRP E 110 -2.47 20.52 -14.94
CA TRP E 110 -2.60 19.52 -13.89
C TRP E 110 -1.72 19.88 -12.68
N GLN E 111 -2.25 19.68 -11.46
CA GLN E 111 -1.61 19.98 -10.18
C GLN E 111 -0.24 19.31 -10.03
N ARG E 112 0.81 20.13 -9.79
CA ARG E 112 2.19 19.66 -9.63
C ARG E 112 2.61 19.62 -8.15
N VAL E 113 1.94 20.43 -7.29
CA VAL E 113 2.19 20.54 -5.85
C VAL E 113 1.43 19.43 -5.11
N ASP E 114 2.17 18.51 -4.46
CA ASP E 114 1.58 17.40 -3.74
C ASP E 114 0.95 17.83 -2.39
N ARG E 115 -0.27 18.38 -2.46
CA ARG E 115 -1.08 18.78 -1.30
C ARG E 115 -2.47 18.21 -1.46
N ASP E 116 -2.98 17.55 -0.42
CA ASP E 116 -4.32 16.96 -0.45
C ASP E 116 -5.40 18.01 -0.64
N VAL E 117 -6.41 17.71 -1.47
CA VAL E 117 -7.53 18.61 -1.70
C VAL E 117 -8.36 18.59 -0.41
N ALA E 118 -8.59 19.77 0.17
CA ALA E 118 -9.33 19.94 1.42
C ALA E 118 -10.72 19.27 1.36
N PRO E 119 -11.00 18.30 2.27
CA PRO E 119 -12.32 17.63 2.25
C PRO E 119 -13.46 18.64 2.34
N GLY E 120 -14.43 18.52 1.46
CA GLY E 120 -15.55 19.43 1.39
C GLY E 120 -15.47 20.32 0.16
N THR E 121 -14.28 20.40 -0.48
CA THR E 121 -14.06 21.18 -1.70
C THR E 121 -14.93 20.59 -2.82
N LEU E 122 -15.66 21.45 -3.55
CA LEU E 122 -16.53 20.99 -4.63
C LEU E 122 -15.73 20.85 -5.90
N CYS E 123 -15.73 19.64 -6.47
CA CYS E 123 -14.97 19.31 -7.67
C CYS E 123 -15.88 18.83 -8.79
N ASP E 124 -15.48 19.10 -10.02
CA ASP E 124 -16.24 18.79 -11.22
C ASP E 124 -15.66 17.57 -11.97
N VAL E 125 -16.45 16.47 -12.04
CA VAL E 125 -16.07 15.26 -12.78
C VAL E 125 -17.02 15.15 -13.99
N ALA E 126 -16.45 15.03 -15.22
CA ALA E 126 -17.22 14.94 -16.47
C ALA E 126 -16.87 13.68 -17.27
N GLY E 127 -17.81 13.22 -18.11
CA GLY E 127 -17.61 12.02 -18.92
C GLY E 127 -18.84 11.45 -19.59
N TRP E 128 -18.60 10.58 -20.59
CA TRP E 128 -19.64 9.91 -21.39
C TRP E 128 -20.01 8.53 -20.80
N GLY E 129 -19.73 8.35 -19.52
CA GLY E 129 -20.05 7.12 -18.81
C GLY E 129 -21.54 6.97 -18.59
N ILE E 130 -22.01 5.73 -18.31
CA ILE E 130 -23.43 5.41 -18.09
C ILE E 130 -24.08 6.40 -17.10
N VAL E 131 -25.32 6.84 -17.43
CA VAL E 131 -26.09 7.86 -16.71
C VAL E 131 -27.14 7.28 -15.74
N ASN E 132 -27.45 6.00 -15.86
CA ASN E 132 -28.37 5.35 -14.93
C ASN E 132 -27.87 3.93 -14.63
N HIS E 133 -28.47 3.25 -13.63
CA HIS E 133 -28.06 1.87 -13.32
C HIS E 133 -28.51 0.89 -14.41
N ALA E 134 -29.49 1.31 -15.26
CA ALA E 134 -29.98 0.52 -16.39
C ALA E 134 -28.91 0.43 -17.49
N GLY E 135 -27.95 1.36 -17.42
CA GLY E 135 -26.80 1.44 -18.30
C GLY E 135 -26.92 2.30 -19.54
N ARG E 136 -27.85 3.29 -19.57
CA ARG E 136 -28.03 4.20 -20.72
C ARG E 136 -26.73 4.98 -21.03
N ARG E 137 -26.15 4.70 -22.20
CA ARG E 137 -24.92 5.37 -22.57
C ARG E 137 -25.28 6.74 -23.12
N PRO E 138 -24.82 7.85 -22.52
CA PRO E 138 -25.16 9.17 -23.06
C PRO E 138 -24.38 9.48 -24.33
N ASP E 139 -24.99 10.21 -25.28
CA ASP E 139 -24.33 10.58 -26.52
C ASP E 139 -23.54 11.88 -26.30
N SER E 140 -24.11 12.81 -25.54
CA SER E 140 -23.54 14.11 -25.18
C SER E 140 -22.83 14.04 -23.82
N LEU E 141 -21.78 14.85 -23.64
CA LEU E 141 -20.97 14.91 -22.41
C LEU E 141 -21.82 15.32 -21.22
N GLN E 142 -21.64 14.59 -20.11
CA GLN E 142 -22.32 14.79 -18.83
C GLN E 142 -21.31 15.20 -17.78
N HIS E 143 -21.76 15.83 -16.69
CA HIS E 143 -20.88 16.21 -15.60
C HIS E 143 -21.66 16.29 -14.26
N VAL E 144 -20.93 16.22 -13.14
CA VAL E 144 -21.49 16.30 -11.79
C VAL E 144 -20.48 17.02 -10.89
N LEU E 145 -20.99 17.73 -9.87
CA LEU E 145 -20.17 18.43 -8.89
C LEU E 145 -20.19 17.63 -7.61
N LEU E 146 -19.05 17.03 -7.26
CA LEU E 146 -18.95 16.20 -6.08
C LEU E 146 -18.00 16.82 -5.05
N PRO E 147 -18.41 16.85 -3.75
CA PRO E 147 -17.51 17.36 -2.72
C PRO E 147 -16.46 16.29 -2.35
N VAL E 148 -15.22 16.73 -2.10
CA VAL E 148 -14.11 15.84 -1.71
C VAL E 148 -14.40 15.23 -0.32
N LEU E 149 -14.28 13.91 -0.20
CA LEU E 149 -14.46 13.22 1.06
C LEU E 149 -13.08 12.98 1.67
N ASP E 150 -12.98 13.11 3.01
CA ASP E 150 -11.77 12.92 3.81
C ASP E 150 -11.34 11.45 3.78
N ARG E 151 -10.02 11.20 3.60
CA ARG E 151 -9.46 9.86 3.50
C ARG E 151 -9.82 8.97 4.69
N ALA E 152 -9.82 9.54 5.93
CA ALA E 152 -10.11 8.79 7.15
C ALA E 152 -11.49 8.13 7.09
N THR E 153 -12.51 8.90 6.67
CA THR E 153 -13.88 8.40 6.56
C THR E 153 -13.99 7.47 5.32
N CYS E 154 -13.14 7.69 4.28
CA CYS E 154 -13.12 6.86 3.08
C CYS E 154 -12.53 5.48 3.40
N ASN E 155 -11.54 5.41 4.32
CA ASN E 155 -10.83 4.18 4.70
C ASN E 155 -11.53 3.33 5.76
N ARG E 156 -12.73 3.73 6.22
CA ARG E 156 -13.49 2.95 7.20
C ARG E 156 -13.79 1.52 6.70
N ARG E 157 -13.98 0.57 7.61
CA ARG E 157 -14.27 -0.81 7.21
C ARG E 157 -15.59 -0.89 6.44
N THR E 158 -16.57 -0.03 6.81
CA THR E 158 -17.88 0.09 6.16
C THR E 158 -17.73 0.72 4.76
N HIS E 159 -16.61 1.44 4.55
CA HIS E 159 -16.29 2.13 3.32
C HIS E 159 -15.24 1.36 2.50
N HIS E 160 -14.01 1.87 2.33
CA HIS E 160 -13.03 1.19 1.48
C HIS E 160 -11.95 0.41 2.24
N ASP E 161 -12.06 0.32 3.58
CA ASP E 161 -11.21 -0.48 4.46
C ASP E 161 -9.68 -0.31 4.18
N GLY E 162 -9.20 0.91 4.34
CA GLY E 162 -7.79 1.26 4.19
C GLY E 162 -7.21 1.20 2.80
N ALA E 163 -8.04 0.93 1.78
CA ALA E 163 -7.60 0.83 0.40
C ALA E 163 -7.12 2.17 -0.16
N ILE E 164 -7.62 3.30 0.40
CA ILE E 164 -7.30 4.65 -0.07
C ILE E 164 -5.96 5.11 0.51
N THR E 165 -4.93 5.07 -0.33
CA THR E 165 -3.57 5.46 -0.01
C THR E 165 -3.45 6.99 -0.08
N GLU E 166 -2.29 7.53 0.30
CA GLU E 166 -2.04 8.98 0.28
C GLU E 166 -1.92 9.45 -1.16
N ARG E 167 -1.81 8.51 -2.11
CA ARG E 167 -1.72 8.74 -3.56
C ARG E 167 -3.13 8.77 -4.21
N LEU E 168 -4.15 8.36 -3.45
CA LEU E 168 -5.54 8.36 -3.89
C LEU E 168 -6.38 9.39 -3.13
N MET E 169 -7.53 9.79 -3.72
CA MET E 169 -8.46 10.73 -3.11
C MET E 169 -9.92 10.24 -3.27
N CYS E 170 -10.85 10.81 -2.51
CA CYS E 170 -12.26 10.41 -2.54
C CYS E 170 -13.20 11.58 -2.72
N ALA E 171 -14.40 11.27 -3.20
CA ALA E 171 -15.47 12.24 -3.32
C ALA E 171 -16.74 11.53 -2.93
N GLU E 172 -17.79 12.30 -2.63
CA GLU E 172 -19.07 11.72 -2.20
C GLU E 172 -19.72 10.92 -3.35
N SER E 173 -20.52 9.92 -3.01
CA SER E 173 -21.14 9.04 -3.99
C SER E 173 -22.63 8.78 -3.70
N ASN E 174 -23.26 9.64 -2.86
CA ASN E 174 -24.67 9.49 -2.52
C ASN E 174 -25.55 9.90 -3.71
N ARG E 175 -25.99 8.88 -4.49
CA ARG E 175 -26.80 8.96 -5.72
C ARG E 175 -25.96 9.61 -6.84
N ARG E 176 -25.47 10.85 -6.62
CA ARG E 176 -24.60 11.57 -7.53
C ARG E 176 -23.20 10.97 -7.44
N ASP E 177 -22.70 10.47 -8.59
CA ASP E 177 -21.43 9.76 -8.68
C ASP E 177 -20.86 9.72 -10.12
N SER E 178 -19.63 9.17 -10.27
CA SER E 178 -19.01 8.79 -11.54
C SER E 178 -19.25 7.27 -11.67
N CYS E 179 -19.30 6.75 -12.88
CA CYS E 179 -19.58 5.33 -13.04
C CYS E 179 -18.82 4.71 -14.23
N LYS E 180 -19.22 3.49 -14.64
CA LYS E 180 -18.71 2.72 -15.77
C LYS E 180 -18.60 3.63 -16.97
N GLY E 181 -17.43 3.71 -17.59
CA GLY E 181 -17.21 4.58 -18.74
C GLY E 181 -16.71 5.97 -18.39
N ASP E 182 -16.78 6.36 -17.09
CA ASP E 182 -16.27 7.67 -16.63
C ASP E 182 -14.77 7.56 -16.26
N SER E 183 -14.25 6.32 -16.14
CA SER E 183 -12.87 5.92 -15.86
C SER E 183 -11.85 6.65 -16.76
N GLY E 184 -10.75 7.09 -16.18
CA GLY E 184 -9.75 7.83 -16.93
C GLY E 184 -10.12 9.29 -17.11
N GLY E 185 -11.34 9.65 -16.72
CA GLY E 185 -11.88 10.99 -16.80
C GLY E 185 -11.28 11.94 -15.77
N PRO E 186 -11.46 13.26 -15.98
CA PRO E 186 -10.87 14.22 -15.05
C PRO E 186 -11.75 14.55 -13.84
N LEU E 187 -11.09 14.94 -12.75
CA LEU E 187 -11.65 15.47 -11.52
C LEU E 187 -10.99 16.80 -11.35
N VAL E 188 -11.72 17.86 -11.69
CA VAL E 188 -11.16 19.22 -11.69
C VAL E 188 -11.68 20.02 -10.50
N CYS E 189 -10.75 20.67 -9.77
CA CYS E 189 -11.01 21.53 -8.62
C CYS E 189 -10.26 22.84 -8.85
N GLY E 190 -11.02 23.93 -8.87
CA GLY E 190 -10.52 25.28 -9.11
C GLY E 190 -9.81 25.44 -10.44
N GLY E 191 -10.38 24.83 -11.48
CA GLY E 191 -9.85 24.87 -12.85
C GLY E 191 -8.54 24.14 -13.06
N VAL E 192 -8.14 23.28 -12.09
CA VAL E 192 -6.92 22.51 -12.15
C VAL E 192 -7.24 21.04 -11.94
N LEU E 193 -6.60 20.15 -12.74
CA LEU E 193 -6.74 18.70 -12.68
C LEU E 193 -6.14 18.19 -11.37
N GLU E 194 -6.97 17.56 -10.53
CA GLU E 194 -6.53 17.03 -9.25
C GLU E 194 -6.51 15.51 -9.24
N GLY E 195 -7.53 14.92 -9.85
CA GLY E 195 -7.67 13.47 -9.91
C GLY E 195 -8.04 12.92 -11.28
N VAL E 196 -7.97 11.59 -11.38
CA VAL E 196 -8.32 10.80 -12.56
C VAL E 196 -9.20 9.65 -12.07
N VAL E 197 -10.43 9.55 -12.56
CA VAL E 197 -11.39 8.49 -12.18
C VAL E 197 -10.72 7.11 -12.35
N THR E 198 -10.75 6.24 -11.33
CA THR E 198 -10.09 4.92 -11.45
C THR E 198 -10.90 4.02 -12.43
N SER E 199 -10.19 3.09 -13.14
CA SER E 199 -10.78 2.14 -14.08
C SER E 199 -11.10 0.80 -13.42
N GLY E 200 -11.06 0.77 -12.10
CA GLY E 200 -11.36 -0.42 -11.34
C GLY E 200 -12.85 -0.62 -11.21
N SER E 201 -13.32 -1.87 -11.42
CA SER E 201 -14.72 -2.21 -11.32
C SER E 201 -15.24 -1.95 -9.92
N ARG E 202 -16.07 -0.91 -9.77
CA ARG E 202 -16.65 -0.51 -8.49
C ARG E 202 -18.19 -0.59 -8.52
N VAL E 203 -18.85 -0.02 -7.48
CA VAL E 203 -20.31 0.01 -7.34
C VAL E 203 -20.71 1.50 -7.14
N CYS E 204 -21.31 2.09 -8.20
CA CYS E 204 -21.70 3.50 -8.24
C CYS E 204 -23.04 3.80 -7.52
N GLY E 205 -23.18 5.04 -7.06
CA GLY E 205 -24.38 5.54 -6.41
C GLY E 205 -24.53 5.28 -4.92
N ASN E 206 -23.83 4.25 -4.36
CA ASN E 206 -23.91 3.91 -2.93
C ASN E 206 -22.94 4.80 -2.15
N ARG E 207 -23.48 5.56 -1.17
CA ARG E 207 -22.73 6.50 -0.33
C ARG E 207 -21.67 5.84 0.53
N LYS E 208 -21.89 4.57 0.95
CA LYS E 208 -20.95 3.85 1.81
C LYS E 208 -19.72 3.35 1.02
N LYS E 209 -19.73 3.44 -0.31
CA LYS E 209 -18.59 3.07 -1.16
C LYS E 209 -18.25 4.29 -2.03
N PRO E 210 -17.47 5.27 -1.48
CA PRO E 210 -17.18 6.51 -2.23
C PRO E 210 -16.41 6.31 -3.53
N GLY E 211 -16.36 7.38 -4.31
CA GLY E 211 -15.63 7.41 -5.57
C GLY E 211 -14.15 7.44 -5.31
N ILE E 212 -13.40 6.69 -6.12
CA ILE E 212 -11.93 6.65 -5.97
C ILE E 212 -11.33 7.33 -7.20
N TYR E 213 -10.41 8.28 -6.95
CA TYR E 213 -9.73 9.09 -7.98
C TYR E 213 -8.23 9.13 -7.68
N THR E 214 -7.39 8.86 -8.68
CA THR E 214 -5.93 8.87 -8.55
C THR E 214 -5.46 10.32 -8.54
N ARG E 215 -4.72 10.73 -7.50
CA ARG E 215 -4.19 12.10 -7.38
C ARG E 215 -3.03 12.30 -8.37
N VAL E 216 -3.16 13.25 -9.31
CA VAL E 216 -2.14 13.46 -10.35
C VAL E 216 -0.84 14.03 -9.75
N ALA E 217 -0.92 14.99 -8.77
CA ALA E 217 0.26 15.61 -8.13
C ALA E 217 1.15 14.55 -7.47
N SER E 218 0.54 13.45 -7.04
CA SER E 218 1.23 12.32 -6.42
C SER E 218 2.13 11.60 -7.43
N TYR E 219 1.81 11.69 -8.75
CA TYR E 219 2.54 11.06 -9.86
C TYR E 219 3.14 12.10 -10.82
N ALA E 220 3.36 13.33 -10.33
CA ALA E 220 3.88 14.47 -11.09
C ALA E 220 5.22 14.20 -11.78
N ALA E 221 6.16 13.55 -11.07
CA ALA E 221 7.49 13.20 -11.57
C ALA E 221 7.42 12.21 -12.73
N TRP E 222 6.54 11.18 -12.61
CA TRP E 222 6.34 10.17 -13.66
C TRP E 222 5.78 10.82 -14.91
N ILE E 223 4.69 11.63 -14.77
CA ILE E 223 4.05 12.34 -15.88
C ILE E 223 5.10 13.18 -16.60
N ASP E 224 5.85 14.01 -15.85
CA ASP E 224 6.92 14.88 -16.36
C ASP E 224 7.92 14.06 -17.15
N SER E 225 8.33 12.89 -16.59
CA SER E 225 9.31 11.97 -17.18
C SER E 225 8.83 11.47 -18.55
N VAL E 226 7.56 11.02 -18.63
CA VAL E 226 6.93 10.44 -19.84
C VAL E 226 6.76 11.52 -20.93
N LEU E 227 6.17 12.67 -20.57
CA LEU E 227 5.93 13.79 -21.49
C LEU E 227 7.22 14.36 -22.10
N ALA E 228 8.36 14.21 -21.41
CA ALA E 228 9.66 14.67 -21.89
C ALA E 228 10.29 13.61 -22.81
N ILE F 1 -25.66 -12.92 -17.34
CA ILE F 1 -24.83 -14.06 -16.96
C ILE F 1 -23.45 -13.90 -17.62
N LEU F 2 -22.39 -13.76 -16.80
CA LEU F 2 -21.03 -13.67 -17.33
C LEU F 2 -20.41 -15.07 -17.49
N GLY F 3 -19.77 -15.31 -18.63
CA GLY F 3 -19.11 -16.57 -18.92
C GLY F 3 -19.98 -17.83 -19.01
N GLY F 4 -21.24 -17.65 -19.38
CA GLY F 4 -22.14 -18.78 -19.53
C GLY F 4 -22.53 -19.07 -20.96
N ARG F 5 -23.34 -20.11 -21.14
CA ARG F 5 -23.87 -20.53 -22.44
C ARG F 5 -25.29 -19.99 -22.62
N GLU F 6 -25.84 -20.11 -23.84
CA GLU F 6 -27.25 -19.78 -24.07
C GLU F 6 -28.06 -20.98 -23.59
N ALA F 7 -29.18 -20.73 -22.90
CA ALA F 7 -30.04 -21.79 -22.38
C ALA F 7 -30.77 -22.52 -23.51
N GLU F 8 -31.21 -23.76 -23.25
CA GLU F 8 -32.03 -24.54 -24.19
C GLU F 8 -33.42 -23.94 -24.11
N ALA F 9 -33.99 -23.52 -25.25
CA ALA F 9 -35.31 -22.88 -25.33
C ALA F 9 -36.39 -23.68 -24.57
N HIS F 10 -37.01 -23.01 -23.58
CA HIS F 10 -38.11 -23.50 -22.71
C HIS F 10 -37.75 -24.76 -21.90
N ALA F 11 -36.44 -24.98 -21.62
CA ALA F 11 -35.97 -26.10 -20.81
C ALA F 11 -36.20 -25.84 -19.31
N ARG F 12 -36.36 -24.55 -18.94
CA ARG F 12 -36.60 -24.07 -17.58
C ARG F 12 -37.95 -23.35 -17.54
N PRO F 13 -39.09 -24.08 -17.52
CA PRO F 13 -40.42 -23.41 -17.58
C PRO F 13 -40.72 -22.42 -16.46
N TYR F 14 -40.12 -22.61 -15.29
CA TYR F 14 -40.28 -21.78 -14.08
C TYR F 14 -39.76 -20.36 -14.27
N MET F 15 -38.82 -20.17 -15.21
CA MET F 15 -38.17 -18.89 -15.52
C MET F 15 -39.17 -17.80 -15.91
N ALA F 16 -38.99 -16.60 -15.35
CA ALA F 16 -39.83 -15.43 -15.60
C ALA F 16 -38.99 -14.18 -15.81
N SER F 17 -39.52 -13.21 -16.57
CA SER F 17 -38.87 -11.93 -16.80
C SER F 17 -39.72 -10.82 -16.17
N VAL F 18 -39.22 -10.22 -15.08
CA VAL F 18 -39.90 -9.10 -14.44
C VAL F 18 -39.51 -7.85 -15.24
N GLN F 19 -40.52 -7.22 -15.84
CA GLN F 19 -40.33 -6.10 -16.71
C GLN F 19 -41.07 -4.86 -16.27
N LEU F 20 -40.50 -3.69 -16.55
CA LEU F 20 -41.17 -2.42 -16.34
C LEU F 20 -41.02 -1.61 -17.64
N ASN F 21 -42.17 -1.30 -18.26
CA ASN F 21 -42.32 -0.54 -19.50
C ASN F 21 -41.66 -1.28 -20.69
N GLY F 22 -42.00 -2.56 -20.80
CA GLY F 22 -41.52 -3.41 -21.89
C GLY F 22 -40.03 -3.70 -21.90
N ALA F 23 -39.30 -3.17 -20.93
CA ALA F 23 -37.88 -3.43 -20.75
C ALA F 23 -37.71 -4.38 -19.56
N HIS F 24 -36.85 -5.42 -19.71
CA HIS F 24 -36.49 -6.41 -18.68
C HIS F 24 -35.64 -5.74 -17.59
N LEU F 25 -36.00 -5.99 -16.34
CA LEU F 25 -35.31 -5.47 -15.17
C LEU F 25 -34.65 -6.58 -14.40
N CYS F 26 -35.44 -7.59 -14.07
CA CYS F 26 -35.04 -8.70 -13.24
C CYS F 26 -35.56 -10.00 -13.76
N GLY F 27 -34.96 -11.04 -13.24
CA GLY F 27 -35.40 -12.40 -13.45
C GLY F 27 -36.38 -12.72 -12.34
N GLY F 28 -37.08 -13.83 -12.49
CA GLY F 28 -38.06 -14.30 -11.52
C GLY F 28 -38.29 -15.78 -11.68
N VAL F 29 -38.96 -16.37 -10.70
CA VAL F 29 -39.25 -17.80 -10.75
C VAL F 29 -40.71 -18.02 -10.34
N LEU F 30 -41.46 -18.73 -11.20
CA LEU F 30 -42.85 -19.11 -10.97
C LEU F 30 -42.84 -20.14 -9.84
N VAL F 31 -43.39 -19.76 -8.69
CA VAL F 31 -43.37 -20.63 -7.51
C VAL F 31 -44.75 -21.29 -7.31
N ALA F 32 -45.81 -20.65 -7.85
CA ALA F 32 -47.21 -21.09 -7.81
C ALA F 32 -47.90 -20.73 -9.11
N GLU F 33 -49.17 -21.14 -9.29
CA GLU F 33 -49.96 -20.83 -10.50
C GLU F 33 -50.14 -19.32 -10.72
N GLN F 34 -50.26 -18.53 -9.65
CA GLN F 34 -50.48 -17.10 -9.76
C GLN F 34 -49.39 -16.30 -9.03
N TRP F 35 -48.25 -16.95 -8.67
CA TRP F 35 -47.19 -16.26 -7.95
C TRP F 35 -45.81 -16.46 -8.58
N VAL F 36 -45.05 -15.36 -8.65
CA VAL F 36 -43.68 -15.29 -9.16
C VAL F 36 -42.79 -14.67 -8.06
N LEU F 37 -41.76 -15.42 -7.64
CA LEU F 37 -40.81 -14.98 -6.63
C LEU F 37 -39.63 -14.30 -7.33
N SER F 38 -39.25 -13.12 -6.85
CA SER F 38 -38.15 -12.31 -7.37
C SER F 38 -37.43 -11.61 -6.21
N ALA F 39 -36.56 -10.63 -6.50
CA ALA F 39 -35.84 -9.88 -5.47
C ALA F 39 -36.53 -8.53 -5.19
N ALA F 40 -36.41 -8.03 -3.95
CA ALA F 40 -37.07 -6.82 -3.49
C ALA F 40 -36.57 -5.53 -4.16
N HIS F 41 -35.26 -5.35 -4.34
CA HIS F 41 -34.76 -4.08 -4.89
C HIS F 41 -34.92 -3.98 -6.43
N CYS F 42 -35.77 -4.83 -7.04
CA CYS F 42 -36.00 -4.82 -8.49
C CYS F 42 -36.86 -3.65 -8.87
N LEU F 43 -37.92 -3.40 -8.08
CA LEU F 43 -38.85 -2.31 -8.35
C LEU F 43 -38.61 -1.15 -7.37
N GLU F 44 -37.37 -1.05 -6.83
CA GLU F 44 -36.96 -0.04 -5.84
C GLU F 44 -37.16 1.39 -6.36
N ASP F 45 -36.50 1.75 -7.47
CA ASP F 45 -36.66 3.07 -8.09
C ASP F 45 -38.02 3.14 -8.82
N ALA F 46 -38.49 1.98 -9.34
CA ALA F 46 -39.75 1.76 -10.06
C ALA F 46 -40.00 2.80 -11.15
N ALA F 47 -40.65 3.94 -10.78
CA ALA F 47 -41.14 5.06 -11.60
C ALA F 47 -42.58 4.76 -12.03
N ASP F 48 -43.31 5.79 -12.51
CA ASP F 48 -44.68 5.63 -12.98
C ASP F 48 -44.60 4.80 -14.26
N GLY F 49 -44.73 3.49 -14.09
CA GLY F 49 -44.59 2.53 -15.16
C GLY F 49 -45.34 1.22 -14.97
N LYS F 50 -45.56 0.53 -16.10
CA LYS F 50 -46.27 -0.73 -16.16
C LYS F 50 -45.36 -1.90 -15.77
N VAL F 51 -45.61 -2.50 -14.60
CA VAL F 51 -44.85 -3.66 -14.13
C VAL F 51 -45.58 -4.92 -14.59
N GLN F 52 -44.87 -5.81 -15.29
CA GLN F 52 -45.41 -7.07 -15.82
C GLN F 52 -44.42 -8.21 -15.72
N VAL F 53 -44.96 -9.43 -15.80
CA VAL F 53 -44.17 -10.65 -15.74
C VAL F 53 -44.39 -11.40 -17.05
N LEU F 54 -43.29 -11.74 -17.73
CA LEU F 54 -43.36 -12.48 -18.98
C LEU F 54 -43.00 -13.95 -18.72
N LEU F 55 -43.98 -14.87 -18.94
CA LEU F 55 -43.77 -16.31 -18.77
C LEU F 55 -43.67 -16.99 -20.13
N GLY F 56 -43.13 -18.21 -20.14
CA GLY F 56 -42.97 -19.03 -21.33
C GLY F 56 -42.06 -18.44 -22.40
N ALA F 57 -41.08 -17.63 -21.98
CA ALA F 57 -40.17 -16.96 -22.89
C ALA F 57 -38.76 -17.58 -22.92
N HIS F 58 -38.07 -17.38 -24.04
CA HIS F 58 -36.66 -17.69 -24.26
C HIS F 58 -36.07 -16.44 -24.88
N SER F 59 -36.69 -15.94 -25.97
CA SER F 59 -36.31 -14.65 -26.53
C SER F 59 -37.27 -13.62 -26.00
N LEU F 60 -36.74 -12.48 -25.57
CA LEU F 60 -37.55 -11.40 -25.04
C LEU F 60 -38.35 -10.69 -26.15
N SER F 61 -37.75 -10.52 -27.35
CA SER F 61 -38.33 -9.79 -28.48
C SER F 61 -39.16 -10.65 -29.42
N GLN F 62 -38.65 -11.85 -29.75
CA GLN F 62 -39.24 -12.73 -30.75
C GLN F 62 -40.53 -13.40 -30.29
N PRO F 63 -41.54 -13.55 -31.19
CA PRO F 63 -42.76 -14.25 -30.79
C PRO F 63 -42.53 -15.75 -30.62
N GLU F 64 -43.16 -16.31 -29.57
CA GLU F 64 -43.13 -17.71 -29.19
C GLU F 64 -44.53 -18.11 -28.77
N PRO F 65 -45.01 -19.33 -29.13
CA PRO F 65 -46.39 -19.73 -28.77
C PRO F 65 -46.64 -19.71 -27.26
N SER F 66 -45.65 -20.21 -26.51
CA SER F 66 -45.58 -20.33 -25.05
C SER F 66 -45.61 -18.99 -24.30
N LYS F 67 -45.03 -17.90 -24.92
CA LYS F 67 -44.95 -16.55 -24.33
C LYS F 67 -46.31 -15.97 -23.97
N ARG F 68 -46.43 -15.45 -22.74
CA ARG F 68 -47.63 -14.78 -22.22
C ARG F 68 -47.23 -13.74 -21.20
N LEU F 69 -47.65 -12.48 -21.45
CA LEU F 69 -47.35 -11.35 -20.58
C LEU F 69 -48.49 -11.17 -19.60
N TYR F 70 -48.16 -11.12 -18.29
CA TYR F 70 -49.14 -11.00 -17.20
C TYR F 70 -48.98 -9.70 -16.46
N ASP F 71 -50.11 -9.13 -15.99
CA ASP F 71 -50.07 -7.91 -15.19
C ASP F 71 -49.86 -8.25 -13.72
N VAL F 72 -49.14 -7.41 -12.99
CA VAL F 72 -48.97 -7.69 -11.58
C VAL F 72 -50.17 -7.06 -10.84
N LEU F 73 -50.93 -7.92 -10.18
CA LEU F 73 -52.12 -7.58 -9.40
C LEU F 73 -51.73 -7.12 -7.98
N ARG F 74 -50.64 -7.67 -7.44
CA ARG F 74 -50.14 -7.39 -6.10
C ARG F 74 -48.61 -7.64 -6.03
N ALA F 75 -47.83 -6.69 -5.49
CA ALA F 75 -46.37 -6.85 -5.35
C ALA F 75 -46.01 -6.77 -3.87
N VAL F 76 -45.80 -7.95 -3.27
CA VAL F 76 -45.54 -8.19 -1.86
C VAL F 76 -44.03 -8.28 -1.55
N PRO F 77 -43.36 -7.19 -1.13
CA PRO F 77 -41.95 -7.32 -0.72
C PRO F 77 -41.86 -7.90 0.68
N HIS F 78 -40.72 -8.50 1.05
CA HIS F 78 -40.54 -9.02 2.41
C HIS F 78 -40.59 -7.86 3.41
N PRO F 79 -41.45 -7.93 4.46
CA PRO F 79 -41.57 -6.79 5.40
C PRO F 79 -40.26 -6.31 6.01
N ASP F 80 -39.30 -7.21 6.25
CA ASP F 80 -38.02 -6.89 6.87
C ASP F 80 -37.00 -6.35 5.87
N SER F 81 -37.31 -6.35 4.57
CA SER F 81 -36.35 -5.81 3.61
C SER F 81 -36.20 -4.28 3.77
N GLN F 82 -35.01 -3.77 3.43
CA GLN F 82 -34.62 -2.35 3.44
C GLN F 82 -33.82 -2.05 2.19
N PRO F 83 -33.79 -0.80 1.68
CA PRO F 83 -32.99 -0.51 0.47
C PRO F 83 -31.48 -0.64 0.73
N ASP F 84 -31.04 -0.26 1.94
CA ASP F 84 -29.65 -0.25 2.42
C ASP F 84 -29.02 -1.64 2.57
N THR F 85 -29.84 -2.70 2.79
CA THR F 85 -29.29 -4.06 3.00
C THR F 85 -29.80 -5.10 2.02
N ILE F 86 -28.96 -6.12 1.78
CA ILE F 86 -29.25 -7.26 0.91
C ILE F 86 -30.00 -8.35 1.69
N ASP F 87 -30.34 -8.08 2.95
CA ASP F 87 -31.05 -9.03 3.80
C ASP F 87 -32.52 -9.01 3.47
N HIS F 88 -33.13 -10.21 3.46
CA HIS F 88 -34.54 -10.50 3.19
C HIS F 88 -34.97 -9.96 1.84
N ASP F 89 -34.05 -10.00 0.86
CA ASP F 89 -34.19 -9.47 -0.50
C ASP F 89 -35.13 -10.32 -1.35
N LEU F 90 -36.39 -10.48 -0.90
CA LEU F 90 -37.41 -11.24 -1.61
C LEU F 90 -38.62 -10.39 -1.92
N LEU F 91 -39.31 -10.72 -3.02
CA LEU F 91 -40.48 -10.04 -3.51
C LEU F 91 -41.38 -11.04 -4.21
N LEU F 92 -42.63 -11.14 -3.76
CA LEU F 92 -43.62 -12.05 -4.35
C LEU F 92 -44.61 -11.24 -5.18
N LEU F 93 -44.75 -11.60 -6.47
CA LEU F 93 -45.64 -10.91 -7.40
C LEU F 93 -46.83 -11.79 -7.74
N GLN F 94 -48.04 -11.28 -7.49
CA GLN F 94 -49.29 -11.97 -7.80
C GLN F 94 -49.72 -11.55 -9.19
N LEU F 95 -49.86 -12.53 -10.09
CA LEU F 95 -50.28 -12.26 -11.47
C LEU F 95 -51.78 -11.89 -11.50
N SER F 96 -52.18 -11.11 -12.52
CA SER F 96 -53.57 -10.64 -12.74
C SER F 96 -54.57 -11.81 -12.70
N GLU F 97 -54.18 -12.94 -13.31
CA GLU F 97 -54.93 -14.19 -13.39
C GLU F 97 -53.95 -15.36 -13.26
N LYS F 98 -54.45 -16.59 -13.06
CA LYS F 98 -53.59 -17.78 -12.97
C LYS F 98 -52.87 -18.02 -14.29
N ALA F 99 -51.60 -18.42 -14.21
CA ALA F 99 -50.78 -18.70 -15.38
C ALA F 99 -51.28 -19.92 -16.12
N THR F 100 -51.26 -19.87 -17.47
CA THR F 100 -51.67 -20.98 -18.32
C THR F 100 -50.50 -21.96 -18.36
N LEU F 101 -50.65 -23.07 -17.62
CA LEU F 101 -49.58 -24.07 -17.48
C LEU F 101 -49.46 -24.97 -18.70
N GLY F 102 -48.22 -25.33 -19.01
CA GLY F 102 -47.88 -26.20 -20.12
C GLY F 102 -46.45 -26.67 -20.06
N PRO F 103 -45.94 -27.26 -21.16
CA PRO F 103 -44.54 -27.75 -21.13
C PRO F 103 -43.49 -26.64 -21.02
N ALA F 104 -43.89 -25.40 -21.33
CA ALA F 104 -43.01 -24.24 -21.32
C ALA F 104 -43.23 -23.32 -20.10
N VAL F 105 -44.32 -23.53 -19.35
CA VAL F 105 -44.70 -22.73 -18.18
C VAL F 105 -45.13 -23.69 -17.10
N ARG F 106 -44.28 -23.90 -16.11
CA ARG F 106 -44.51 -24.83 -15.00
C ARG F 106 -43.84 -24.29 -13.74
N PRO F 107 -44.56 -24.19 -12.59
CA PRO F 107 -43.91 -23.67 -11.36
C PRO F 107 -42.85 -24.63 -10.85
N LEU F 108 -41.79 -24.08 -10.23
CA LEU F 108 -40.67 -24.83 -9.69
C LEU F 108 -40.86 -25.16 -8.21
N PRO F 109 -40.67 -26.44 -7.80
CA PRO F 109 -40.77 -26.76 -6.37
C PRO F 109 -39.58 -26.13 -5.62
N TRP F 110 -39.89 -25.29 -4.63
CA TRP F 110 -38.88 -24.59 -3.84
C TRP F 110 -38.65 -25.28 -2.50
N GLN F 111 -37.37 -25.38 -2.08
CA GLN F 111 -36.92 -26.03 -0.84
C GLN F 111 -37.64 -25.47 0.41
N ARG F 112 -38.29 -26.37 1.17
CA ARG F 112 -39.02 -26.02 2.39
C ARG F 112 -38.22 -26.38 3.68
N VAL F 113 -37.29 -27.36 3.56
CA VAL F 113 -36.42 -27.84 4.63
C VAL F 113 -35.18 -26.93 4.76
N ASP F 114 -35.03 -26.25 5.90
CA ASP F 114 -33.94 -25.32 6.12
C ASP F 114 -32.59 -26.04 6.38
N ARG F 115 -31.93 -26.49 5.29
CA ARG F 115 -30.61 -27.15 5.31
C ARG F 115 -29.69 -26.46 4.32
N ASP F 116 -28.49 -26.07 4.76
CA ASP F 116 -27.52 -25.39 3.89
C ASP F 116 -27.09 -26.29 2.74
N VAL F 117 -26.96 -25.71 1.52
CA VAL F 117 -26.51 -26.45 0.35
C VAL F 117 -25.02 -26.72 0.54
N ALA F 118 -24.64 -28.00 0.44
CA ALA F 118 -23.27 -28.48 0.64
C ALA F 118 -22.27 -27.72 -0.25
N PRO F 119 -21.26 -27.04 0.35
CA PRO F 119 -20.29 -26.29 -0.48
C PRO F 119 -19.62 -27.21 -1.49
N GLY F 120 -19.58 -26.76 -2.73
CA GLY F 120 -19.02 -27.52 -3.84
C GLY F 120 -20.10 -28.03 -4.78
N THR F 121 -21.37 -28.04 -4.31
CA THR F 121 -22.54 -28.48 -5.09
C THR F 121 -22.68 -27.57 -6.29
N LEU F 122 -22.83 -28.16 -7.48
CA LEU F 122 -22.99 -27.39 -8.71
C LEU F 122 -24.44 -26.99 -8.88
N CYS F 123 -24.67 -25.68 -8.97
CA CYS F 123 -26.01 -25.12 -9.09
C CYS F 123 -26.14 -24.32 -10.38
N ASP F 124 -27.36 -24.30 -10.92
CA ASP F 124 -27.69 -23.66 -12.18
C ASP F 124 -28.44 -22.35 -11.97
N VAL F 125 -27.82 -21.22 -12.36
CA VAL F 125 -28.42 -19.89 -12.29
C VAL F 125 -28.61 -19.41 -13.74
N ALA F 126 -29.87 -19.02 -14.08
CA ALA F 126 -30.24 -18.56 -15.42
C ALA F 126 -30.87 -17.16 -15.39
N GLY F 127 -30.73 -16.42 -16.50
CA GLY F 127 -31.30 -15.08 -16.61
C GLY F 127 -30.97 -14.32 -17.89
N TRP F 128 -31.67 -13.19 -18.09
CA TRP F 128 -31.48 -12.28 -19.22
C TRP F 128 -30.62 -11.07 -18.83
N GLY F 129 -29.81 -11.25 -17.78
CA GLY F 129 -28.89 -10.24 -17.30
C GLY F 129 -27.71 -10.06 -18.22
N ILE F 130 -27.02 -8.91 -18.11
CA ILE F 130 -25.85 -8.53 -18.93
C ILE F 130 -24.83 -9.69 -19.02
N VAL F 131 -24.32 -9.90 -20.24
CA VAL F 131 -23.42 -11.01 -20.59
C VAL F 131 -21.93 -10.60 -20.62
N ASN F 132 -21.63 -9.29 -20.61
CA ASN F 132 -20.26 -8.83 -20.57
C ASN F 132 -20.17 -7.61 -19.66
N HIS F 133 -18.94 -7.17 -19.30
CA HIS F 133 -18.74 -6.00 -18.46
C HIS F 133 -19.11 -4.71 -19.20
N ALA F 134 -19.16 -4.75 -20.56
CA ALA F 134 -19.55 -3.62 -21.40
C ALA F 134 -21.06 -3.37 -21.29
N GLY F 135 -21.79 -4.37 -20.80
CA GLY F 135 -23.23 -4.31 -20.56
C GLY F 135 -24.16 -4.83 -21.63
N ARG F 136 -23.67 -5.70 -22.52
CA ARG F 136 -24.46 -6.32 -23.60
C ARG F 136 -25.68 -7.05 -23.00
N ARG F 137 -26.90 -6.61 -23.37
CA ARG F 137 -28.13 -7.24 -22.91
C ARG F 137 -28.46 -8.42 -23.84
N PRO F 138 -28.51 -9.67 -23.35
CA PRO F 138 -28.88 -10.79 -24.24
C PRO F 138 -30.39 -10.81 -24.52
N ASP F 139 -30.80 -11.23 -25.74
CA ASP F 139 -32.21 -11.32 -26.09
C ASP F 139 -32.77 -12.67 -25.64
N SER F 140 -31.96 -13.73 -25.80
CA SER F 140 -32.27 -15.11 -25.43
C SER F 140 -31.72 -15.44 -24.05
N LEU F 141 -32.43 -16.33 -23.31
CA LEU F 141 -32.07 -16.76 -21.96
C LEU F 141 -30.68 -17.39 -21.92
N GLN F 142 -29.89 -16.98 -20.93
CA GLN F 142 -28.53 -17.45 -20.67
C GLN F 142 -28.49 -18.19 -19.35
N HIS F 143 -27.50 -19.06 -19.13
CA HIS F 143 -27.35 -19.78 -17.87
C HIS F 143 -25.88 -20.14 -17.63
N VAL F 144 -25.55 -20.44 -16.36
CA VAL F 144 -24.21 -20.84 -15.93
C VAL F 144 -24.33 -21.82 -14.75
N LEU F 145 -23.37 -22.75 -14.64
CA LEU F 145 -23.29 -23.72 -13.54
C LEU F 145 -22.21 -23.26 -12.58
N LEU F 146 -22.62 -22.82 -11.39
CA LEU F 146 -21.68 -22.33 -10.39
C LEU F 146 -21.66 -23.21 -9.16
N PRO F 147 -20.44 -23.49 -8.63
CA PRO F 147 -20.37 -24.30 -7.40
C PRO F 147 -20.62 -23.45 -6.16
N VAL F 148 -21.36 -24.02 -5.17
CA VAL F 148 -21.68 -23.37 -3.90
C VAL F 148 -20.40 -23.12 -3.09
N LEU F 149 -20.20 -21.89 -2.63
CA LEU F 149 -19.04 -21.50 -1.83
C LEU F 149 -19.44 -21.52 -0.35
N ASP F 150 -18.59 -22.06 0.55
CA ASP F 150 -18.90 -22.10 1.99
C ASP F 150 -18.93 -20.69 2.57
N ARG F 151 -19.85 -20.47 3.52
CA ARG F 151 -20.09 -19.18 4.14
C ARG F 151 -18.82 -18.58 4.77
N ALA F 152 -17.98 -19.42 5.41
CA ALA F 152 -16.75 -18.98 6.07
C ALA F 152 -15.82 -18.26 5.10
N THR F 153 -15.62 -18.84 3.91
CA THR F 153 -14.77 -18.24 2.87
C THR F 153 -15.43 -16.98 2.37
N CYS F 154 -16.75 -17.03 2.20
CA CYS F 154 -17.54 -15.94 1.68
C CYS F 154 -17.49 -14.71 2.62
N ASN F 155 -17.44 -14.94 3.95
CA ASN F 155 -17.45 -13.90 4.97
C ASN F 155 -16.07 -13.31 5.28
N ARG F 156 -15.00 -13.74 4.59
CA ARG F 156 -13.65 -13.19 4.81
C ARG F 156 -13.62 -11.68 4.58
N ARG F 157 -12.69 -10.97 5.22
CA ARG F 157 -12.57 -9.51 5.06
C ARG F 157 -12.26 -9.14 3.60
N THR F 158 -11.48 -10.00 2.90
CA THR F 158 -11.11 -9.86 1.47
C THR F 158 -12.32 -10.13 0.59
N HIS F 159 -13.33 -10.85 1.15
CA HIS F 159 -14.54 -11.22 0.46
C HIS F 159 -15.72 -10.34 0.89
N HIS F 160 -16.74 -10.87 1.60
CA HIS F 160 -17.91 -10.05 1.94
C HIS F 160 -17.94 -9.55 3.38
N ASP F 161 -16.87 -9.80 4.15
CA ASP F 161 -16.68 -9.33 5.52
C ASP F 161 -17.93 -9.52 6.45
N GLY F 162 -18.31 -10.78 6.65
CA GLY F 162 -19.39 -11.14 7.55
C GLY F 162 -20.80 -10.78 7.12
N ALA F 163 -20.95 -10.19 5.92
CA ALA F 163 -22.26 -9.79 5.39
C ALA F 163 -23.17 -10.99 5.10
N ILE F 164 -22.60 -12.19 4.85
CA ILE F 164 -23.37 -13.40 4.52
C ILE F 164 -23.88 -14.07 5.79
N THR F 165 -25.18 -13.89 6.04
CA THR F 165 -25.93 -14.43 7.17
C THR F 165 -26.29 -15.89 6.91
N GLU F 166 -26.86 -16.57 7.92
CA GLU F 166 -27.27 -17.97 7.81
C GLU F 166 -28.48 -18.11 6.87
N ARG F 167 -29.10 -16.96 6.53
CA ARG F 167 -30.26 -16.82 5.63
C ARG F 167 -29.81 -16.62 4.17
N LEU F 168 -28.50 -16.36 3.97
CA LEU F 168 -27.90 -16.16 2.66
C LEU F 168 -26.93 -17.29 2.30
N MET F 169 -26.66 -17.47 0.99
CA MET F 169 -25.73 -18.46 0.49
C MET F 169 -24.83 -17.86 -0.61
N CYS F 170 -23.73 -18.55 -0.95
CA CYS F 170 -22.76 -18.06 -1.93
C CYS F 170 -22.45 -19.06 -3.04
N ALA F 171 -22.00 -18.54 -4.17
CA ALA F 171 -21.52 -19.33 -5.30
C ALA F 171 -20.26 -18.66 -5.82
N GLU F 172 -19.38 -19.44 -6.48
CA GLU F 172 -18.13 -18.92 -7.03
C GLU F 172 -18.41 -17.85 -8.09
N SER F 173 -17.49 -16.89 -8.21
CA SER F 173 -17.64 -15.77 -9.12
C SER F 173 -16.42 -15.56 -10.01
N ASN F 174 -15.55 -16.57 -10.16
CA ASN F 174 -14.33 -16.46 -10.97
C ASN F 174 -14.68 -16.49 -12.45
N ARG F 175 -14.77 -15.28 -13.06
CA ARG F 175 -15.14 -15.00 -14.46
C ARG F 175 -16.63 -15.37 -14.69
N ARG F 176 -16.98 -16.65 -14.46
CA ARG F 176 -18.35 -17.15 -14.53
C ARG F 176 -19.10 -16.70 -13.31
N ASP F 177 -20.18 -15.92 -13.52
CA ASP F 177 -20.98 -15.34 -12.45
C ASP F 177 -22.35 -14.84 -12.96
N SER F 178 -23.25 -14.52 -12.01
CA SER F 178 -24.52 -13.85 -12.28
C SER F 178 -24.23 -12.34 -12.21
N CYS F 179 -25.02 -11.52 -12.89
CA CYS F 179 -24.72 -10.10 -12.88
C CYS F 179 -25.99 -9.24 -12.93
N LYS F 180 -25.83 -7.94 -13.20
CA LYS F 180 -26.87 -6.94 -13.36
C LYS F 180 -27.92 -7.53 -14.29
N GLY F 181 -29.16 -7.55 -13.84
CA GLY F 181 -30.26 -8.12 -14.62
C GLY F 181 -30.61 -9.54 -14.29
N ASP F 182 -29.70 -10.25 -13.61
CA ASP F 182 -29.90 -11.65 -13.22
C ASP F 182 -30.57 -11.73 -11.87
N SER F 183 -30.58 -10.61 -11.14
CA SER F 183 -31.18 -10.42 -9.82
C SER F 183 -32.64 -10.88 -9.80
N GLY F 184 -33.03 -11.58 -8.74
CA GLY F 184 -34.38 -12.11 -8.60
C GLY F 184 -34.56 -13.44 -9.31
N GLY F 185 -33.55 -13.80 -10.11
CA GLY F 185 -33.47 -15.04 -10.85
C GLY F 185 -33.27 -16.26 -9.95
N PRO F 186 -33.51 -17.46 -10.48
CA PRO F 186 -33.38 -18.66 -9.65
C PRO F 186 -31.98 -19.24 -9.60
N LEU F 187 -31.69 -19.93 -8.49
CA LEU F 187 -30.49 -20.71 -8.22
C LEU F 187 -31.01 -22.09 -7.90
N VAL F 188 -30.92 -22.97 -8.89
CA VAL F 188 -31.49 -24.30 -8.79
C VAL F 188 -30.40 -25.33 -8.60
N CYS F 189 -30.58 -26.20 -7.58
CA CYS F 189 -29.68 -27.28 -7.18
C CYS F 189 -30.50 -28.55 -7.05
N GLY F 190 -30.22 -29.51 -7.92
CA GLY F 190 -30.91 -30.79 -8.00
C GLY F 190 -32.39 -30.64 -8.31
N GLY F 191 -32.71 -29.81 -9.30
CA GLY F 191 -34.06 -29.53 -9.75
C GLY F 191 -34.98 -28.86 -8.74
N VAL F 192 -34.40 -28.31 -7.65
CA VAL F 192 -35.14 -27.66 -6.57
C VAL F 192 -34.57 -26.23 -6.36
N LEU F 193 -35.47 -25.25 -6.23
CA LEU F 193 -35.10 -23.85 -5.98
C LEU F 193 -34.47 -23.73 -4.59
N GLU F 194 -33.21 -23.31 -4.55
CA GLU F 194 -32.47 -23.15 -3.29
C GLU F 194 -32.24 -21.67 -2.96
N GLY F 195 -31.85 -20.90 -3.98
CA GLY F 195 -31.59 -19.47 -3.84
C GLY F 195 -32.29 -18.57 -4.86
N VAL F 196 -32.25 -17.24 -4.59
CA VAL F 196 -32.77 -16.16 -5.44
C VAL F 196 -31.67 -15.12 -5.53
N VAL F 197 -31.18 -14.83 -6.74
CA VAL F 197 -30.09 -13.84 -6.97
C VAL F 197 -30.46 -12.50 -6.29
N THR F 198 -29.57 -11.93 -5.46
CA THR F 198 -29.88 -10.66 -4.78
C THR F 198 -29.92 -9.50 -5.79
N SER F 199 -30.75 -8.48 -5.49
CA SER F 199 -30.93 -7.28 -6.31
C SER F 199 -30.07 -6.11 -5.82
N GLY F 200 -29.09 -6.43 -4.97
CA GLY F 200 -28.16 -5.45 -4.46
C GLY F 200 -27.05 -5.22 -5.45
N SER F 201 -26.68 -3.95 -5.65
CA SER F 201 -25.63 -3.54 -6.59
C SER F 201 -24.29 -4.10 -6.13
N ARG F 202 -23.72 -5.03 -6.90
CA ARG F 202 -22.45 -5.69 -6.59
C ARG F 202 -21.48 -5.57 -7.77
N VAL F 203 -20.32 -6.25 -7.68
CA VAL F 203 -19.28 -6.24 -8.71
C VAL F 203 -19.06 -7.69 -9.23
N CYS F 204 -19.48 -7.95 -10.47
CA CYS F 204 -19.45 -9.27 -11.10
C CYS F 204 -18.06 -9.69 -11.61
N GLY F 205 -17.91 -10.99 -11.82
CA GLY F 205 -16.73 -11.63 -12.39
C GLY F 205 -15.50 -11.77 -11.52
N ASN F 206 -15.40 -10.96 -10.43
CA ASN F 206 -14.26 -10.99 -9.52
C ASN F 206 -14.49 -12.09 -8.50
N ARG F 207 -13.52 -13.04 -8.42
CA ARG F 207 -13.58 -14.21 -7.53
C ARG F 207 -13.54 -13.84 -6.05
N LYS F 208 -12.89 -12.71 -5.70
CA LYS F 208 -12.78 -12.25 -4.31
C LYS F 208 -14.12 -11.65 -3.80
N LYS F 209 -15.10 -11.41 -4.67
CA LYS F 209 -16.42 -10.91 -4.27
C LYS F 209 -17.46 -11.90 -4.84
N PRO F 210 -17.73 -13.00 -4.10
CA PRO F 210 -18.66 -14.04 -4.60
C PRO F 210 -20.11 -13.56 -4.82
N GLY F 211 -20.88 -14.37 -5.54
CA GLY F 211 -22.29 -14.11 -5.82
C GLY F 211 -23.11 -14.35 -4.57
N ILE F 212 -24.07 -13.47 -4.29
CA ILE F 212 -24.90 -13.60 -3.10
C ILE F 212 -26.32 -13.99 -3.54
N TYR F 213 -26.88 -15.03 -2.91
CA TYR F 213 -28.22 -15.59 -3.21
C TYR F 213 -29.00 -15.80 -1.92
N THR F 214 -30.25 -15.33 -1.88
CA THR F 214 -31.13 -15.47 -0.71
C THR F 214 -31.67 -16.90 -0.65
N ARG F 215 -31.45 -17.60 0.48
CA ARG F 215 -31.92 -18.99 0.67
C ARG F 215 -33.44 -18.99 0.86
N VAL F 216 -34.18 -19.70 -0.03
CA VAL F 216 -35.65 -19.67 0.02
C VAL F 216 -36.20 -20.42 1.25
N ALA F 217 -35.60 -21.59 1.61
CA ALA F 217 -36.01 -22.40 2.76
C ALA F 217 -35.95 -21.59 4.06
N SER F 218 -35.06 -20.60 4.12
CA SER F 218 -34.89 -19.70 5.25
C SER F 218 -36.13 -18.80 5.44
N TYR F 219 -36.91 -18.54 4.36
CA TYR F 219 -38.09 -17.68 4.38
C TYR F 219 -39.39 -18.44 4.02
N ALA F 220 -39.35 -19.80 4.13
CA ALA F 220 -40.42 -20.76 3.80
C ALA F 220 -41.80 -20.40 4.40
N ALA F 221 -41.81 -19.99 5.69
CA ALA F 221 -43.01 -19.59 6.43
C ALA F 221 -43.67 -18.36 5.82
N TRP F 222 -42.85 -17.33 5.48
CA TRP F 222 -43.33 -16.09 4.86
C TRP F 222 -43.95 -16.38 3.51
N ILE F 223 -43.24 -17.13 2.63
CA ILE F 223 -43.72 -17.50 1.29
C ILE F 223 -45.09 -18.18 1.43
N ASP F 224 -45.16 -19.21 2.30
CA ASP F 224 -46.37 -19.97 2.58
C ASP F 224 -47.52 -19.04 2.99
N SER F 225 -47.21 -18.08 3.89
CA SER F 225 -48.15 -17.10 4.43
C SER F 225 -48.76 -16.24 3.31
N VAL F 226 -47.89 -15.71 2.41
CA VAL F 226 -48.27 -14.82 1.30
C VAL F 226 -49.11 -15.58 0.26
N LEU F 227 -48.62 -16.74 -0.20
CA LEU F 227 -49.28 -17.57 -1.22
C LEU F 227 -50.68 -18.04 -0.78
N ALA F 228 -50.92 -18.15 0.54
CA ALA F 228 -52.22 -18.54 1.08
C ALA F 228 -53.15 -17.33 1.18
N ILE G 1 -38.22 -2.40 -42.25
CA ILE G 1 -37.86 -1.45 -43.29
C ILE G 1 -36.63 -1.99 -44.06
N LEU G 2 -36.82 -2.35 -45.34
CA LEU G 2 -35.74 -2.84 -46.18
C LEU G 2 -34.97 -1.66 -46.78
N GLY G 3 -33.63 -1.70 -46.69
CA GLY G 3 -32.74 -0.69 -47.24
C GLY G 3 -32.80 0.70 -46.66
N GLY G 4 -33.20 0.82 -45.40
CA GLY G 4 -33.29 2.10 -44.72
C GLY G 4 -32.20 2.35 -43.69
N ARG G 5 -32.23 3.53 -43.09
CA ARG G 5 -31.31 3.93 -42.03
C ARG G 5 -31.96 3.73 -40.67
N GLU G 6 -31.20 3.85 -39.58
CA GLU G 6 -31.80 3.82 -38.26
C GLU G 6 -32.37 5.22 -38.00
N ALA G 7 -33.57 5.30 -37.42
CA ALA G 7 -34.22 6.57 -37.12
C ALA G 7 -33.49 7.33 -36.01
N GLU G 8 -33.64 8.67 -35.99
CA GLU G 8 -33.07 9.51 -34.93
C GLU G 8 -33.96 9.29 -33.72
N ALA G 9 -33.35 8.92 -32.57
CA ALA G 9 -34.07 8.63 -31.33
C ALA G 9 -35.10 9.72 -30.96
N HIS G 10 -36.38 9.31 -30.90
CA HIS G 10 -37.57 10.09 -30.53
C HIS G 10 -37.82 11.28 -31.44
N ALA G 11 -37.35 11.22 -32.70
CA ALA G 11 -37.56 12.30 -33.69
C ALA G 11 -38.98 12.23 -34.26
N ARG G 12 -39.65 11.06 -34.14
CA ARG G 12 -41.01 10.80 -34.60
C ARG G 12 -41.88 10.40 -33.40
N PRO G 13 -42.31 11.38 -32.56
CA PRO G 13 -43.07 11.03 -31.34
C PRO G 13 -44.39 10.26 -31.55
N TYR G 14 -45.01 10.43 -32.71
CA TYR G 14 -46.28 9.80 -33.10
C TYR G 14 -46.18 8.27 -33.22
N MET G 15 -44.96 7.77 -33.48
CA MET G 15 -44.66 6.35 -33.68
C MET G 15 -45.08 5.48 -32.48
N ALA G 16 -45.73 4.34 -32.78
CA ALA G 16 -46.18 3.39 -31.78
C ALA G 16 -45.86 1.94 -32.19
N SER G 17 -45.72 1.04 -31.21
CA SER G 17 -45.46 -0.37 -31.45
C SER G 17 -46.64 -1.19 -30.92
N VAL G 18 -47.42 -1.77 -31.82
CA VAL G 18 -48.53 -2.64 -31.44
C VAL G 18 -47.91 -4.02 -31.14
N GLN G 19 -47.92 -4.39 -29.88
CA GLN G 19 -47.32 -5.66 -29.47
C GLN G 19 -48.35 -6.64 -28.95
N LEU G 20 -47.98 -7.92 -28.97
CA LEU G 20 -48.78 -9.02 -28.45
C LEU G 20 -47.85 -9.97 -27.74
N ASN G 21 -48.07 -10.15 -26.42
CA ASN G 21 -47.31 -11.04 -25.53
C ASN G 21 -45.80 -10.73 -25.59
N GLY G 22 -45.48 -9.44 -25.45
CA GLY G 22 -44.10 -8.96 -25.43
C GLY G 22 -43.33 -9.15 -26.71
N ALA G 23 -44.05 -9.21 -27.83
CA ALA G 23 -43.44 -9.29 -29.14
C ALA G 23 -44.10 -8.27 -30.04
N HIS G 24 -43.30 -7.45 -30.74
CA HIS G 24 -43.81 -6.45 -31.67
C HIS G 24 -44.47 -7.17 -32.84
N LEU G 25 -45.66 -6.71 -33.21
CA LEU G 25 -46.40 -7.27 -34.33
C LEU G 25 -46.48 -6.29 -35.48
N CYS G 26 -46.93 -5.08 -35.15
CA CYS G 26 -47.19 -4.03 -36.09
C CYS G 26 -46.79 -2.70 -35.56
N GLY G 27 -46.66 -1.75 -36.47
CA GLY G 27 -46.41 -0.37 -36.16
C GLY G 27 -47.76 0.29 -35.99
N GLY G 28 -47.76 1.52 -35.50
CA GLY G 28 -48.96 2.29 -35.27
C GLY G 28 -48.62 3.77 -35.20
N VAL G 29 -49.65 4.61 -35.25
CA VAL G 29 -49.44 6.04 -35.19
C VAL G 29 -50.47 6.65 -34.23
N LEU G 30 -49.97 7.42 -33.25
CA LEU G 30 -50.77 8.13 -32.26
C LEU G 30 -51.47 9.25 -33.03
N VAL G 31 -52.79 9.13 -33.17
CA VAL G 31 -53.57 10.10 -33.92
C VAL G 31 -54.30 11.07 -33.00
N ALA G 32 -54.54 10.64 -31.75
CA ALA G 32 -55.19 11.40 -30.69
C ALA G 32 -54.52 11.12 -29.36
N GLU G 33 -54.87 11.91 -28.32
CA GLU G 33 -54.32 11.77 -26.97
C GLU G 33 -54.61 10.37 -26.39
N GLN G 34 -55.60 9.63 -26.93
CA GLN G 34 -55.95 8.30 -26.42
C GLN G 34 -56.20 7.27 -27.52
N TRP G 35 -55.88 7.61 -28.77
CA TRP G 35 -56.10 6.73 -29.92
C TRP G 35 -54.85 6.51 -30.76
N VAL G 36 -54.65 5.25 -31.18
CA VAL G 36 -53.54 4.80 -32.03
C VAL G 36 -54.15 4.12 -33.26
N LEU G 37 -53.82 4.64 -34.46
CA LEU G 37 -54.28 4.11 -35.73
C LEU G 37 -53.23 3.14 -36.27
N SER G 38 -53.67 1.96 -36.69
CA SER G 38 -52.80 0.88 -37.19
C SER G 38 -53.52 0.18 -38.37
N ALA G 39 -53.19 -1.10 -38.66
CA ALA G 39 -53.83 -1.89 -39.71
C ALA G 39 -54.69 -2.99 -39.10
N ALA G 40 -55.77 -3.36 -39.79
CA ALA G 40 -56.76 -4.34 -39.33
C ALA G 40 -56.23 -5.77 -39.21
N HIS G 41 -55.43 -6.26 -40.17
CA HIS G 41 -54.98 -7.66 -40.12
C HIS G 41 -53.83 -7.91 -39.13
N CYS G 42 -53.55 -6.94 -38.24
CA CYS G 42 -52.48 -7.06 -37.26
C CYS G 42 -52.87 -8.02 -36.17
N LEU G 43 -54.12 -7.90 -35.68
CA LEU G 43 -54.60 -8.73 -34.59
C LEU G 43 -55.51 -9.86 -35.09
N GLU G 44 -55.32 -10.31 -36.35
CA GLU G 44 -56.09 -11.39 -36.96
C GLU G 44 -56.35 -12.53 -35.96
N ASP G 45 -55.31 -12.95 -35.18
CA ASP G 45 -55.40 -13.99 -34.14
C ASP G 45 -54.19 -13.91 -33.21
N ASP G 48 -54.52 -14.62 -29.34
CA ASP G 48 -54.85 -15.04 -27.98
C ASP G 48 -53.72 -14.64 -27.04
N GLY G 49 -53.89 -13.48 -26.38
CA GLY G 49 -52.86 -12.92 -25.50
C GLY G 49 -53.04 -11.44 -25.18
N LYS G 50 -52.04 -10.87 -24.49
CA LYS G 50 -52.04 -9.48 -24.06
C LYS G 50 -51.62 -8.53 -25.18
N VAL G 51 -52.60 -7.75 -25.72
CA VAL G 51 -52.35 -6.75 -26.75
C VAL G 51 -52.11 -5.41 -26.07
N GLN G 52 -50.97 -4.77 -26.41
CA GLN G 52 -50.58 -3.48 -25.84
C GLN G 52 -49.92 -2.59 -26.86
N VAL G 53 -49.89 -1.29 -26.56
CA VAL G 53 -49.27 -0.29 -27.41
C VAL G 53 -48.10 0.33 -26.63
N LEU G 54 -46.90 0.35 -27.24
CA LEU G 54 -45.72 0.95 -26.63
C LEU G 54 -45.42 2.31 -27.26
N LEU G 55 -45.37 3.39 -26.43
CA LEU G 55 -45.11 4.76 -26.90
C LEU G 55 -43.82 5.37 -26.33
N GLY G 56 -43.31 6.41 -26.99
CA GLY G 56 -42.08 7.10 -26.63
C GLY G 56 -40.84 6.22 -26.75
N ALA G 57 -40.92 5.18 -27.62
CA ALA G 57 -39.88 4.17 -27.80
C ALA G 57 -39.00 4.39 -29.00
N HIS G 58 -37.73 4.00 -28.86
CA HIS G 58 -36.76 4.00 -29.93
C HIS G 58 -36.22 2.58 -30.02
N SER G 59 -35.82 2.03 -28.87
CA SER G 59 -35.40 0.64 -28.72
C SER G 59 -36.53 -0.11 -28.08
N LEU G 60 -36.84 -1.29 -28.59
CA LEU G 60 -37.91 -2.11 -28.05
C LEU G 60 -37.52 -2.74 -26.69
N SER G 61 -36.23 -3.13 -26.54
CA SER G 61 -35.69 -3.81 -25.37
C SER G 61 -35.13 -2.87 -24.29
N GLN G 62 -34.23 -1.93 -24.68
CA GLN G 62 -33.57 -1.00 -23.76
C GLN G 62 -34.55 -0.06 -23.05
N PRO G 63 -34.30 0.29 -21.77
CA PRO G 63 -35.20 1.25 -21.09
C PRO G 63 -34.93 2.69 -21.53
N GLU G 64 -36.00 3.47 -21.63
CA GLU G 64 -35.98 4.88 -22.02
C GLU G 64 -36.96 5.63 -21.13
N PRO G 65 -36.65 6.90 -20.73
CA PRO G 65 -37.56 7.65 -19.83
C PRO G 65 -38.96 7.83 -20.43
N SER G 66 -38.97 8.15 -21.74
CA SER G 66 -40.12 8.41 -22.61
C SER G 66 -41.04 7.20 -22.80
N LYS G 67 -40.46 5.95 -22.79
CA LYS G 67 -41.18 4.69 -22.99
C LYS G 67 -42.30 4.46 -21.98
N ARG G 68 -43.50 4.12 -22.48
CA ARG G 68 -44.65 3.79 -21.65
C ARG G 68 -45.54 2.79 -22.38
N LEU G 69 -45.82 1.66 -21.71
CA LEU G 69 -46.67 0.61 -22.25
C LEU G 69 -48.12 0.92 -21.84
N TYR G 70 -49.06 0.79 -22.79
CA TYR G 70 -50.48 1.05 -22.56
C TYR G 70 -51.34 -0.15 -22.93
N ASP G 71 -52.42 -0.39 -22.19
CA ASP G 71 -53.34 -1.49 -22.46
C ASP G 71 -54.38 -1.08 -23.46
N VAL G 72 -54.84 -2.01 -24.30
CA VAL G 72 -55.86 -1.66 -25.29
C VAL G 72 -57.23 -1.85 -24.64
N LEU G 73 -57.95 -0.75 -24.45
CA LEU G 73 -59.27 -0.70 -23.83
C LEU G 73 -60.37 -1.07 -24.85
N ARG G 74 -60.16 -0.71 -26.12
CA ARG G 74 -61.10 -0.95 -27.21
C ARG G 74 -60.33 -1.06 -28.54
N ALA G 75 -60.60 -2.12 -29.34
CA ALA G 75 -59.95 -2.32 -30.65
C ALA G 75 -61.02 -2.31 -31.73
N VAL G 76 -61.16 -1.14 -32.40
CA VAL G 76 -62.16 -0.84 -33.41
C VAL G 76 -61.64 -1.06 -34.84
N PRO G 77 -61.91 -2.24 -35.47
CA PRO G 77 -61.49 -2.41 -36.87
C PRO G 77 -62.48 -1.74 -37.80
N HIS G 78 -62.08 -1.44 -39.06
CA HIS G 78 -63.04 -0.83 -39.98
C HIS G 78 -64.16 -1.83 -40.27
N PRO G 79 -65.44 -1.41 -40.19
CA PRO G 79 -66.55 -2.35 -40.38
C PRO G 79 -66.47 -3.17 -41.68
N ASP G 80 -66.02 -2.54 -42.79
CA ASP G 80 -65.94 -3.17 -44.11
C ASP G 80 -64.60 -3.88 -44.37
N SER G 81 -63.77 -4.07 -43.32
CA SER G 81 -62.52 -4.81 -43.46
C SER G 81 -62.81 -6.31 -43.43
N GLN G 82 -62.03 -7.08 -44.20
CA GLN G 82 -62.15 -8.54 -44.33
C GLN G 82 -60.76 -9.16 -44.35
N PRO G 83 -60.56 -10.43 -43.93
CA PRO G 83 -59.20 -11.02 -43.98
C PRO G 83 -58.67 -11.19 -45.41
N ASP G 84 -59.58 -11.52 -46.35
CA ASP G 84 -59.36 -11.76 -47.77
C ASP G 84 -58.87 -10.54 -48.55
N THR G 85 -59.23 -9.31 -48.13
CA THR G 85 -58.84 -8.11 -48.88
C THR G 85 -58.05 -7.10 -48.08
N ILE G 86 -57.21 -6.33 -48.79
CA ILE G 86 -56.39 -5.26 -48.24
C ILE G 86 -57.18 -3.92 -48.18
N ASP G 87 -58.47 -3.98 -48.56
CA ASP G 87 -59.34 -2.81 -48.55
C ASP G 87 -59.82 -2.54 -47.13
N HIS G 88 -59.88 -1.23 -46.79
CA HIS G 88 -60.32 -0.69 -45.51
C HIS G 88 -59.49 -1.28 -44.38
N ASP G 89 -58.19 -1.49 -44.63
CA ASP G 89 -57.24 -2.11 -43.70
C ASP G 89 -56.81 -1.15 -42.58
N LEU G 90 -57.80 -0.66 -41.82
CA LEU G 90 -57.54 0.24 -40.70
C LEU G 90 -58.10 -0.36 -39.41
N LEU G 91 -57.45 0.01 -38.30
CA LEU G 91 -57.81 -0.43 -36.95
C LEU G 91 -57.44 0.67 -35.97
N LEU G 92 -58.44 1.13 -35.19
CA LEU G 92 -58.24 2.16 -34.19
C LEU G 92 -58.23 1.53 -32.81
N LEU G 93 -57.15 1.78 -32.06
CA LEU G 93 -56.97 1.23 -30.72
C LEU G 93 -57.07 2.33 -29.67
N GLN G 94 -58.02 2.16 -28.74
CA GLN G 94 -58.24 3.08 -27.63
C GLN G 94 -57.38 2.62 -26.47
N LEU G 95 -56.46 3.49 -26.03
CA LEU G 95 -55.58 3.17 -24.91
C LEU G 95 -56.41 3.13 -23.61
N SER G 96 -55.93 2.39 -22.60
CA SER G 96 -56.54 2.24 -21.27
C SER G 96 -56.82 3.62 -20.65
N GLU G 97 -55.85 4.54 -20.79
CA GLU G 97 -55.90 5.93 -20.34
C GLU G 97 -55.24 6.84 -21.39
N LYS G 98 -55.37 8.16 -21.25
CA LYS G 98 -54.75 9.11 -22.17
C LYS G 98 -53.23 9.02 -22.07
N ALA G 99 -52.56 9.13 -23.21
CA ALA G 99 -51.10 9.06 -23.29
C ALA G 99 -50.47 10.28 -22.62
N THR G 100 -49.36 10.06 -21.90
CA THR G 100 -48.62 11.14 -21.24
C THR G 100 -47.78 11.81 -22.31
N LEU G 101 -48.22 13.00 -22.76
CA LEU G 101 -47.59 13.73 -23.85
C LEU G 101 -46.33 14.43 -23.42
N GLY G 102 -45.37 14.48 -24.34
CA GLY G 102 -44.08 15.11 -24.13
C GLY G 102 -43.31 15.25 -25.44
N PRO G 103 -42.01 15.62 -25.38
CA PRO G 103 -41.23 15.77 -26.62
C PRO G 103 -41.03 14.45 -27.38
N ALA G 104 -41.26 13.30 -26.70
CA ALA G 104 -41.09 11.99 -27.32
C ALA G 104 -42.44 11.26 -27.54
N VAL G 105 -43.57 11.81 -27.02
CA VAL G 105 -44.92 11.28 -27.26
C VAL G 105 -45.82 12.45 -27.66
N ARG G 106 -46.14 12.56 -28.97
CA ARG G 106 -46.98 13.63 -29.51
C ARG G 106 -47.82 13.08 -30.68
N PRO G 107 -49.16 13.27 -30.68
CA PRO G 107 -49.96 12.75 -31.80
C PRO G 107 -49.66 13.49 -33.10
N LEU G 108 -49.77 12.77 -34.23
CA LEU G 108 -49.49 13.31 -35.55
C LEU G 108 -50.76 13.81 -36.22
N PRO G 109 -50.76 15.04 -36.77
CA PRO G 109 -51.95 15.50 -37.51
C PRO G 109 -52.10 14.67 -38.80
N TRP G 110 -53.26 14.01 -38.94
CA TRP G 110 -53.55 13.17 -40.10
C TRP G 110 -54.39 13.93 -41.11
N GLN G 111 -54.08 13.76 -42.40
CA GLN G 111 -54.71 14.43 -43.54
C GLN G 111 -56.23 14.23 -43.55
N ARG G 112 -56.99 15.35 -43.52
CA ARG G 112 -58.45 15.36 -43.54
C ARG G 112 -58.98 15.70 -44.95
N VAL G 113 -58.18 16.42 -45.76
CA VAL G 113 -58.49 16.84 -47.13
C VAL G 113 -58.21 15.65 -48.11
N ASP G 114 -59.26 15.13 -48.76
CA ASP G 114 -59.11 14.00 -49.69
C ASP G 114 -58.50 14.44 -51.04
N ARG G 115 -57.16 14.53 -51.07
CA ARG G 115 -56.34 14.84 -52.24
C ARG G 115 -55.27 13.78 -52.40
N ASP G 116 -55.12 13.21 -53.60
CA ASP G 116 -54.06 12.22 -53.86
C ASP G 116 -52.70 12.86 -53.72
N VAL G 117 -51.75 12.16 -53.08
CA VAL G 117 -50.38 12.68 -52.91
C VAL G 117 -49.74 12.65 -54.28
N ALA G 118 -49.21 13.82 -54.72
CA ALA G 118 -48.58 14.00 -56.03
C ALA G 118 -47.49 12.95 -56.29
N PRO G 119 -47.62 12.12 -57.37
CA PRO G 119 -46.61 11.09 -57.63
C PRO G 119 -45.24 11.72 -57.79
N GLY G 120 -44.27 11.16 -57.10
CA GLY G 120 -42.90 11.65 -57.07
C GLY G 120 -42.55 12.27 -55.73
N THR G 121 -43.58 12.63 -54.93
CA THR G 121 -43.40 13.21 -53.61
C THR G 121 -42.67 12.22 -52.72
N LEU G 122 -41.62 12.70 -52.03
CA LEU G 122 -40.84 11.85 -51.14
C LEU G 122 -41.51 11.77 -49.79
N CYS G 123 -41.85 10.54 -49.38
CA CYS G 123 -42.54 10.28 -48.13
C CYS G 123 -41.71 9.40 -47.21
N ASP G 124 -41.88 9.60 -45.91
CA ASP G 124 -41.12 8.91 -44.88
C ASP G 124 -41.97 7.81 -44.19
N VAL G 125 -41.55 6.54 -44.34
CA VAL G 125 -42.21 5.40 -43.69
C VAL G 125 -41.22 4.85 -42.65
N ALA G 126 -41.67 4.72 -41.39
CA ALA G 126 -40.84 4.22 -40.28
C ALA G 126 -41.48 3.02 -39.56
N GLY G 127 -40.63 2.21 -38.92
CA GLY G 127 -41.08 1.03 -38.19
C GLY G 127 -40.02 0.10 -37.66
N TRP G 128 -40.47 -0.93 -36.91
CA TRP G 128 -39.61 -1.97 -36.33
C TRP G 128 -39.75 -3.32 -37.10
N GLY G 129 -40.21 -3.23 -38.35
CA GLY G 129 -40.36 -4.39 -39.23
C GLY G 129 -39.02 -4.91 -39.70
N ILE G 130 -38.99 -6.17 -40.19
CA ILE G 130 -37.78 -6.88 -40.66
C ILE G 130 -36.91 -5.98 -41.58
N VAL G 131 -35.59 -6.09 -41.40
CA VAL G 131 -34.64 -5.25 -42.12
C VAL G 131 -33.91 -6.00 -43.28
N ASN G 132 -34.00 -7.34 -43.33
CA ASN G 132 -33.43 -8.14 -44.42
C ASN G 132 -34.37 -9.32 -44.73
N HIS G 133 -34.24 -9.95 -45.92
CA HIS G 133 -35.13 -11.04 -46.34
C HIS G 133 -34.97 -12.30 -45.48
N ALA G 134 -33.86 -12.38 -44.70
CA ALA G 134 -33.62 -13.47 -43.74
C ALA G 134 -34.57 -13.30 -42.52
N GLY G 135 -35.13 -12.11 -42.37
CA GLY G 135 -36.11 -11.79 -41.34
C GLY G 135 -35.59 -11.12 -40.08
N ARG G 136 -34.39 -10.50 -40.17
CA ARG G 136 -33.73 -9.82 -39.04
C ARG G 136 -34.63 -8.76 -38.46
N ARG G 137 -35.02 -8.95 -37.17
CA ARG G 137 -35.86 -7.99 -36.46
C ARG G 137 -34.99 -6.87 -35.87
N PRO G 138 -35.19 -5.59 -36.26
CA PRO G 138 -34.41 -4.51 -35.64
C PRO G 138 -34.92 -4.20 -34.21
N ASP G 139 -34.01 -3.82 -33.30
CA ASP G 139 -34.38 -3.46 -31.93
C ASP G 139 -34.78 -1.99 -31.90
N SER G 140 -34.02 -1.15 -32.62
CA SER G 140 -34.21 0.29 -32.75
C SER G 140 -35.03 0.62 -33.99
N LEU G 141 -35.82 1.72 -33.92
CA LEU G 141 -36.68 2.20 -34.99
C LEU G 141 -35.86 2.52 -36.25
N GLN G 142 -36.37 2.06 -37.40
CA GLN G 142 -35.80 2.24 -38.74
C GLN G 142 -36.74 3.11 -39.56
N HIS G 143 -36.22 3.79 -40.60
CA HIS G 143 -37.01 4.62 -41.51
C HIS G 143 -36.35 4.67 -42.90
N VAL G 144 -37.17 4.98 -43.92
CA VAL G 144 -36.74 5.13 -45.30
C VAL G 144 -37.62 6.18 -46.01
N LEU G 145 -37.06 6.85 -47.02
CA LEU G 145 -37.76 7.85 -47.82
C LEU G 145 -38.12 7.24 -49.16
N LEU G 146 -39.41 7.04 -49.39
CA LEU G 146 -39.88 6.44 -50.62
C LEU G 146 -40.70 7.46 -51.44
N PRO G 147 -40.48 7.52 -52.78
CA PRO G 147 -41.28 8.43 -53.60
C PRO G 147 -42.63 7.79 -53.95
N VAL G 148 -43.69 8.61 -53.98
CA VAL G 148 -45.05 8.19 -54.27
C VAL G 148 -45.16 7.77 -55.74
N LEU G 149 -45.71 6.58 -55.98
CA LEU G 149 -45.90 6.03 -57.31
C LEU G 149 -47.36 6.30 -57.75
N ASP G 150 -47.58 6.74 -59.01
CA ASP G 150 -48.94 7.01 -59.51
C ASP G 150 -49.75 5.70 -59.62
N ARG G 151 -51.06 5.80 -59.32
CA ARG G 151 -51.96 4.65 -59.28
C ARG G 151 -52.00 3.87 -60.59
N ALA G 152 -51.93 4.58 -61.74
CA ALA G 152 -51.97 3.97 -63.07
C ALA G 152 -50.85 2.96 -63.25
N THR G 153 -49.61 3.34 -62.86
CA THR G 153 -48.44 2.47 -62.94
C THR G 153 -48.61 1.33 -61.97
N CYS G 154 -49.12 1.66 -60.77
CA CYS G 154 -49.29 0.71 -59.69
C CYS G 154 -50.30 -0.39 -60.06
N ASN G 155 -51.34 -0.05 -60.84
CA ASN G 155 -52.41 -0.96 -61.25
C ASN G 155 -52.10 -1.80 -62.50
N ARG G 156 -50.89 -1.67 -63.08
CA ARG G 156 -50.49 -2.46 -64.25
C ARG G 156 -50.56 -3.96 -63.96
N ARG G 157 -50.73 -4.78 -65.02
CA ARG G 157 -50.82 -6.24 -64.89
C ARG G 157 -49.52 -6.81 -64.29
N THR G 158 -48.38 -6.21 -64.68
CA THR G 158 -47.03 -6.53 -64.19
C THR G 158 -46.86 -6.12 -62.72
N HIS G 159 -47.71 -5.16 -62.27
CA HIS G 159 -47.67 -4.60 -60.92
C HIS G 159 -48.80 -5.18 -60.06
N HIS G 160 -49.81 -4.38 -59.66
CA HIS G 160 -50.84 -4.90 -58.76
C HIS G 160 -52.19 -5.24 -59.44
N ASP G 161 -52.29 -5.13 -60.80
CA ASP G 161 -53.44 -5.60 -61.58
C ASP G 161 -54.80 -4.99 -61.13
N GLY G 162 -54.86 -3.66 -60.98
CA GLY G 162 -56.08 -2.96 -60.59
C GLY G 162 -56.51 -3.07 -59.14
N ALA G 163 -55.69 -3.72 -58.30
CA ALA G 163 -55.97 -3.89 -56.87
C ALA G 163 -55.93 -2.57 -56.09
N ILE G 164 -55.20 -1.55 -56.60
CA ILE G 164 -55.07 -0.24 -55.95
C ILE G 164 -56.29 0.65 -56.28
N THR G 165 -57.20 0.77 -55.30
CA THR G 165 -58.42 1.56 -55.38
C THR G 165 -58.08 3.05 -55.14
N GLU G 166 -59.09 3.94 -55.31
CA GLU G 166 -58.90 5.39 -55.11
C GLU G 166 -58.67 5.70 -53.65
N ARG G 167 -58.96 4.69 -52.77
CA ARG G 167 -58.81 4.76 -51.32
C ARG G 167 -57.40 4.30 -50.88
N LEU G 168 -56.63 3.72 -51.82
CA LEU G 168 -55.26 3.25 -51.59
C LEU G 168 -54.24 4.09 -52.36
N MET G 169 -52.97 4.06 -51.91
CA MET G 169 -51.87 4.76 -52.56
C MET G 169 -50.62 3.87 -52.65
N CYS G 170 -49.63 4.28 -53.48
CA CYS G 170 -48.41 3.49 -53.68
C CYS G 170 -47.13 4.28 -53.51
N ALA G 171 -46.06 3.55 -53.20
CA ALA G 171 -44.70 4.08 -53.09
C ALA G 171 -43.76 3.11 -53.79
N GLU G 172 -42.65 3.61 -54.37
CA GLU G 172 -41.63 2.81 -55.09
C GLU G 172 -41.05 1.72 -54.17
N SER G 173 -40.78 0.53 -54.72
CA SER G 173 -40.29 -0.56 -53.87
C SER G 173 -38.98 -1.21 -54.34
N ASN G 174 -38.11 -0.44 -55.02
CA ASN G 174 -36.84 -0.94 -55.54
C ASN G 174 -35.81 -1.00 -54.42
N ARG G 175 -35.62 -2.23 -53.84
CA ARG G 175 -34.74 -2.58 -52.71
C ARG G 175 -35.26 -1.90 -51.42
N ARG G 176 -35.35 -0.56 -51.42
CA ARG G 176 -35.90 0.22 -50.33
C ARG G 176 -37.40 0.10 -50.35
N ASP G 177 -37.97 -0.38 -49.24
CA ASP G 177 -39.38 -0.67 -49.09
C ASP G 177 -39.76 -0.85 -47.61
N SER G 178 -41.06 -1.03 -47.34
CA SER G 178 -41.63 -1.40 -46.05
C SER G 178 -41.85 -2.91 -46.11
N CYS G 179 -41.89 -3.60 -44.97
CA CYS G 179 -42.02 -5.06 -45.00
C CYS G 179 -42.81 -5.60 -43.80
N LYS G 180 -42.76 -6.94 -43.59
CA LYS G 180 -43.36 -7.70 -42.49
C LYS G 180 -43.05 -6.97 -41.18
N GLY G 181 -44.08 -6.64 -40.42
CA GLY G 181 -43.93 -5.92 -39.15
C GLY G 181 -44.02 -4.42 -39.26
N ASP G 182 -43.88 -3.86 -40.48
CA ASP G 182 -43.98 -2.40 -40.72
C ASP G 182 -45.45 -1.99 -40.89
N SER G 183 -46.31 -3.01 -41.10
CA SER G 183 -47.76 -3.00 -41.28
C SER G 183 -48.44 -2.24 -40.15
N GLY G 184 -49.30 -1.31 -40.51
CA GLY G 184 -49.98 -0.43 -39.55
C GLY G 184 -49.22 0.85 -39.29
N GLY G 185 -47.95 0.88 -39.70
CA GLY G 185 -47.05 2.01 -39.54
C GLY G 185 -47.44 3.23 -40.36
N PRO G 186 -46.85 4.40 -40.06
CA PRO G 186 -47.20 5.61 -40.79
C PRO G 186 -46.41 5.83 -42.07
N LEU G 187 -47.04 6.56 -43.01
CA LEU G 187 -46.48 7.06 -44.25
C LEU G 187 -46.72 8.55 -44.17
N VAL G 188 -45.65 9.29 -43.85
CA VAL G 188 -45.74 10.72 -43.62
C VAL G 188 -45.13 11.49 -44.76
N CYS G 189 -45.89 12.47 -45.28
CA CYS G 189 -45.49 13.38 -46.36
C CYS G 189 -45.75 14.80 -45.91
N GLY G 190 -44.69 15.59 -45.88
CA GLY G 190 -44.74 16.97 -45.44
C GLY G 190 -45.27 17.15 -44.03
N GLY G 191 -44.81 16.29 -43.12
CA GLY G 191 -45.19 16.28 -41.71
C GLY G 191 -46.64 15.94 -41.42
N VAL G 192 -47.34 15.37 -42.41
CA VAL G 192 -48.75 15.00 -42.27
C VAL G 192 -48.93 13.53 -42.62
N LEU G 193 -49.70 12.80 -41.79
CA LEU G 193 -50.01 11.38 -42.01
C LEU G 193 -50.87 11.26 -43.27
N GLU G 194 -50.37 10.55 -44.29
CA GLU G 194 -51.09 10.38 -45.55
C GLU G 194 -51.59 8.94 -45.71
N GLY G 195 -50.75 7.99 -45.33
CA GLY G 195 -51.07 6.58 -45.42
C GLY G 195 -50.71 5.76 -44.21
N VAL G 196 -51.18 4.51 -44.21
CA VAL G 196 -50.95 3.50 -43.18
C VAL G 196 -50.54 2.21 -43.92
N VAL G 197 -49.35 1.68 -43.64
CA VAL G 197 -48.82 0.46 -44.28
C VAL G 197 -49.85 -0.67 -44.15
N THR G 198 -50.21 -1.34 -45.26
CA THR G 198 -51.21 -2.42 -45.20
C THR G 198 -50.63 -3.67 -44.47
N SER G 199 -51.53 -4.42 -43.79
CA SER G 199 -51.18 -5.64 -43.05
C SER G 199 -51.42 -6.87 -43.91
N GLY G 200 -51.48 -6.66 -45.22
CA GLY G 200 -51.65 -7.74 -46.18
C GLY G 200 -50.31 -8.36 -46.49
N SER G 201 -50.28 -9.70 -46.67
CA SER G 201 -49.06 -10.44 -47.01
C SER G 201 -48.56 -10.05 -48.42
N ARG G 202 -47.27 -9.66 -48.54
CA ARG G 202 -46.66 -9.17 -49.79
C ARG G 202 -45.20 -9.64 -50.06
N VAL G 203 -44.60 -9.13 -51.16
CA VAL G 203 -43.25 -9.33 -51.67
C VAL G 203 -42.51 -8.00 -51.50
N CYS G 204 -41.74 -7.87 -50.41
CA CYS G 204 -41.00 -6.63 -50.20
C CYS G 204 -39.71 -6.62 -51.02
N GLY G 205 -39.25 -5.42 -51.35
CA GLY G 205 -38.00 -5.18 -52.08
C GLY G 205 -38.09 -5.22 -53.59
N ASN G 206 -39.17 -5.84 -54.13
CA ASN G 206 -39.39 -5.98 -55.58
C ASN G 206 -40.01 -4.74 -56.16
N ARG G 207 -39.35 -4.09 -57.14
CA ARG G 207 -39.82 -2.86 -57.78
C ARG G 207 -41.13 -3.04 -58.56
N LYS G 208 -41.36 -4.25 -59.12
CA LYS G 208 -42.56 -4.56 -59.89
C LYS G 208 -43.81 -4.68 -59.00
N LYS G 209 -43.62 -4.93 -57.69
CA LYS G 209 -44.73 -5.04 -56.74
C LYS G 209 -44.59 -3.93 -55.70
N PRO G 210 -45.10 -2.71 -56.03
CA PRO G 210 -44.94 -1.57 -55.12
C PRO G 210 -45.60 -1.74 -53.73
N GLY G 211 -45.24 -0.84 -52.82
CA GLY G 211 -45.78 -0.84 -51.48
C GLY G 211 -47.19 -0.32 -51.50
N ILE G 212 -48.09 -0.94 -50.73
CA ILE G 212 -49.49 -0.52 -50.66
C ILE G 212 -49.74 0.12 -49.29
N TYR G 213 -50.35 1.34 -49.30
CA TYR G 213 -50.64 2.15 -48.11
C TYR G 213 -52.07 2.66 -48.17
N THR G 214 -52.84 2.49 -47.07
CA THR G 214 -54.24 2.95 -47.00
C THR G 214 -54.26 4.45 -46.79
N ARG G 215 -54.95 5.21 -47.66
CA ARG G 215 -55.05 6.68 -47.57
C ARG G 215 -55.97 7.06 -46.40
N VAL G 216 -55.44 7.80 -45.40
CA VAL G 216 -56.23 8.15 -44.21
C VAL G 216 -57.35 9.15 -44.53
N ALA G 217 -57.08 10.17 -45.38
CA ALA G 217 -58.05 11.20 -45.78
C ALA G 217 -59.29 10.58 -46.40
N SER G 218 -59.13 9.41 -47.06
CA SER G 218 -60.18 8.64 -47.68
C SER G 218 -61.15 8.07 -46.63
N TYR G 219 -60.67 7.86 -45.37
CA TYR G 219 -61.44 7.30 -44.24
C TYR G 219 -61.57 8.29 -43.08
N ALA G 220 -61.40 9.60 -43.36
CA ALA G 220 -61.49 10.71 -42.39
C ALA G 220 -62.79 10.70 -41.58
N ALA G 221 -63.95 10.51 -42.25
CA ALA G 221 -65.27 10.45 -41.63
C ALA G 221 -65.35 9.34 -40.59
N TRP G 222 -64.87 8.13 -40.93
CA TRP G 222 -64.88 6.98 -40.03
C TRP G 222 -64.02 7.24 -38.80
N ILE G 223 -62.76 7.71 -39.01
CA ILE G 223 -61.80 8.05 -37.93
C ILE G 223 -62.48 9.05 -37.00
N ASP G 224 -63.03 10.15 -37.56
CA ASP G 224 -63.72 11.20 -36.83
C ASP G 224 -64.84 10.61 -35.97
N SER G 225 -65.65 9.71 -36.59
CA SER G 225 -66.78 9.03 -35.95
C SER G 225 -66.34 8.22 -34.72
N VAL G 226 -65.27 7.41 -34.86
CA VAL G 226 -64.72 6.53 -33.81
C VAL G 226 -64.10 7.38 -32.66
N LEU G 227 -63.22 8.34 -33.00
CA LEU G 227 -62.53 9.19 -32.03
C LEU G 227 -63.51 10.03 -31.19
N ALA G 228 -64.72 10.31 -31.73
CA ALA G 228 -65.77 11.05 -31.00
C ALA G 228 -66.55 10.12 -30.08
#